data_5L0H
# 
_entry.id   5L0H 
# 
_audit_conform.dict_name       mmcif_pdbx.dic 
_audit_conform.dict_version    5.379 
_audit_conform.dict_location   http://mmcif.pdb.org/dictionaries/ascii/mmcif_pdbx.dic 
# 
loop_
_database_2.database_id 
_database_2.database_code 
_database_2.pdbx_database_accession 
_database_2.pdbx_DOI 
PDB   5L0H         pdb_00005l0h 10.2210/pdb5l0h/pdb 
WWPDB D_1000222998 ?            ?                   
# 
_pdbx_database_status.status_code                     REL 
_pdbx_database_status.status_code_sf                  REL 
_pdbx_database_status.status_code_mr                  ? 
_pdbx_database_status.entry_id                        5L0H 
_pdbx_database_status.recvd_initial_deposition_date   2016-07-27 
_pdbx_database_status.SG_entry                        N 
_pdbx_database_status.deposit_site                    RCSB 
_pdbx_database_status.process_site                    RCSB 
_pdbx_database_status.status_code_cs                  ? 
_pdbx_database_status.methods_development_category    ? 
_pdbx_database_status.pdb_format_compatible           Y 
_pdbx_database_status.status_code_nmr_data            ? 
# 
loop_
_audit_author.name 
_audit_author.pdbx_ordinal 
'Chinthalapudi, K.' 1 
'Izard, T.'         2 
# 
_citation.abstract                  ? 
_citation.abstract_id_CAS           ? 
_citation.book_id_ISBN              ? 
_citation.book_publisher            ? 
_citation.book_publisher_city       ? 
_citation.book_title                ? 
_citation.coordinate_linkage        ? 
_citation.country                   US 
_citation.database_id_Medline       ? 
_citation.details                   ? 
_citation.id                        primary 
_citation.journal_abbrev            Proc.Natl.Acad.Sci.USA 
_citation.journal_id_ASTM           PNASA6 
_citation.journal_id_CSD            0040 
_citation.journal_id_ISSN           1091-6490 
_citation.journal_full              ? 
_citation.journal_issue             ? 
_citation.journal_volume            113 
_citation.language                  ? 
_citation.page_first                9539 
_citation.page_last                 9544 
_citation.title                     'Differential lipid binding of vinculin isoforms promotes quasi-equivalent dimerization.' 
_citation.year                      2016 
_citation.database_id_CSD           ? 
_citation.pdbx_database_id_DOI      10.1073/pnas.1600702113 
_citation.pdbx_database_id_PubMed   27503891 
_citation.unpublished_flag          ? 
# 
loop_
_citation_author.citation_id 
_citation_author.name 
_citation_author.ordinal 
_citation_author.identifier_ORCID 
primary 'Chinthalapudi, K.' 1 ? 
primary 'Rangarajan, E.S.'  2 ? 
primary 'Brown, D.T.'       3 ? 
primary 'Izard, T.'         4 ? 
# 
_cell.angle_alpha                  90.00 
_cell.angle_alpha_esd              ? 
_cell.angle_beta                   90.00 
_cell.angle_beta_esd               ? 
_cell.angle_gamma                  120.00 
_cell.angle_gamma_esd              ? 
_cell.entry_id                     5L0H 
_cell.details                      ? 
_cell.formula_units_Z              ? 
_cell.length_a                     80.951 
_cell.length_a_esd                 ? 
_cell.length_b                     80.951 
_cell.length_b_esd                 ? 
_cell.length_c                     131.762 
_cell.length_c_esd                 ? 
_cell.volume                       ? 
_cell.volume_esd                   ? 
_cell.Z_PDB                        12 
_cell.reciprocal_angle_alpha       ? 
_cell.reciprocal_angle_beta        ? 
_cell.reciprocal_angle_gamma       ? 
_cell.reciprocal_angle_alpha_esd   ? 
_cell.reciprocal_angle_beta_esd    ? 
_cell.reciprocal_angle_gamma_esd   ? 
_cell.reciprocal_length_a          ? 
_cell.reciprocal_length_b          ? 
_cell.reciprocal_length_c          ? 
_cell.reciprocal_length_a_esd      ? 
_cell.reciprocal_length_b_esd      ? 
_cell.reciprocal_length_c_esd      ? 
_cell.pdbx_unique_axis             ? 
# 
_symmetry.entry_id                         5L0H 
_symmetry.cell_setting                     ? 
_symmetry.Int_Tables_number                181 
_symmetry.space_group_name_Hall            ? 
_symmetry.space_group_name_H-M             'P 64 2 2' 
_symmetry.pdbx_full_space_group_name_H-M   ? 
# 
loop_
_entity.id 
_entity.type 
_entity.src_method 
_entity.pdbx_description 
_entity.formula_weight 
_entity.pdbx_number_of_molecules 
_entity.pdbx_ec 
_entity.pdbx_mutation 
_entity.pdbx_fragment 
_entity.details 
1 polymer     man Vinculin 19648.713 1  ? R975W 'UNP Residues 959-1134' ? 
2 non-polymer syn 'DI(HYDROXYETHYL)ETHER' 106.120   1  ? ?     ?                       ? 
3 non-polymer syn 
;[(2R)-2-octanoyloxy-3-[oxidanyl-[(1R,2R,3S,4R,5R,6S)-2,3,6-tris(oxidanyl)-4,5-diphosphonooxy-cyclohexyl]oxy-phosphoryl]oxy-propyl] octanoate
;
746.566   1  ? ?     ?                       ? 
4 non-polymer syn 'PHOSPHATE ION' 94.971    2  ? ?     ?                       ? 
5 water       nat water 18.015    21 ? ?     ?                       ? 
# 
_entity_name_com.entity_id   1 
_entity_name_com.name        Metavinculin,MV 
# 
_entity_poly.entity_id                      1 
_entity_poly.type                           'polypeptide(L)' 
_entity_poly.nstd_linkage                   no 
_entity_poly.nstd_monomer                   no 
_entity_poly.pdbx_seq_one_letter_code       
;NQPVNQPILAAAQSLHWEATKWSSKGNDIIAAAKRMALLMAEMSRLVRGGSGTKRALIQCAKDIAKASDEVTRLAKEVAK
QCTDKRIRTNLLQVCERIPTISTQLKILSTVKATMLGRTNISDEESEQATEMLVHNAQNLMQSVKETVREAEAASIKIRT
DAGFTLRWVRKTPWYQ
;
_entity_poly.pdbx_seq_one_letter_code_can   
;NQPVNQPILAAAQSLHWEATKWSSKGNDIIAAAKRMALLMAEMSRLVRGGSGTKRALIQCAKDIAKASDEVTRLAKEVAK
QCTDKRIRTNLLQVCERIPTISTQLKILSTVKATMLGRTNISDEESEQATEMLVHNAQNLMQSVKETVREAEAASIKIRT
DAGFTLRWVRKTPWYQ
;
_entity_poly.pdbx_strand_id                 A 
_entity_poly.pdbx_target_identifier         ? 
# 
loop_
_entity_poly_seq.entity_id 
_entity_poly_seq.num 
_entity_poly_seq.mon_id 
_entity_poly_seq.hetero 
1 1   ASN n 
1 2   GLN n 
1 3   PRO n 
1 4   VAL n 
1 5   ASN n 
1 6   GLN n 
1 7   PRO n 
1 8   ILE n 
1 9   LEU n 
1 10  ALA n 
1 11  ALA n 
1 12  ALA n 
1 13  GLN n 
1 14  SER n 
1 15  LEU n 
1 16  HIS n 
1 17  TRP n 
1 18  GLU n 
1 19  ALA n 
1 20  THR n 
1 21  LYS n 
1 22  TRP n 
1 23  SER n 
1 24  SER n 
1 25  LYS n 
1 26  GLY n 
1 27  ASN n 
1 28  ASP n 
1 29  ILE n 
1 30  ILE n 
1 31  ALA n 
1 32  ALA n 
1 33  ALA n 
1 34  LYS n 
1 35  ARG n 
1 36  MET n 
1 37  ALA n 
1 38  LEU n 
1 39  LEU n 
1 40  MET n 
1 41  ALA n 
1 42  GLU n 
1 43  MET n 
1 44  SER n 
1 45  ARG n 
1 46  LEU n 
1 47  VAL n 
1 48  ARG n 
1 49  GLY n 
1 50  GLY n 
1 51  SER n 
1 52  GLY n 
1 53  THR n 
1 54  LYS n 
1 55  ARG n 
1 56  ALA n 
1 57  LEU n 
1 58  ILE n 
1 59  GLN n 
1 60  CYS n 
1 61  ALA n 
1 62  LYS n 
1 63  ASP n 
1 64  ILE n 
1 65  ALA n 
1 66  LYS n 
1 67  ALA n 
1 68  SER n 
1 69  ASP n 
1 70  GLU n 
1 71  VAL n 
1 72  THR n 
1 73  ARG n 
1 74  LEU n 
1 75  ALA n 
1 76  LYS n 
1 77  GLU n 
1 78  VAL n 
1 79  ALA n 
1 80  LYS n 
1 81  GLN n 
1 82  CYS n 
1 83  THR n 
1 84  ASP n 
1 85  LYS n 
1 86  ARG n 
1 87  ILE n 
1 88  ARG n 
1 89  THR n 
1 90  ASN n 
1 91  LEU n 
1 92  LEU n 
1 93  GLN n 
1 94  VAL n 
1 95  CYS n 
1 96  GLU n 
1 97  ARG n 
1 98  ILE n 
1 99  PRO n 
1 100 THR n 
1 101 ILE n 
1 102 SER n 
1 103 THR n 
1 104 GLN n 
1 105 LEU n 
1 106 LYS n 
1 107 ILE n 
1 108 LEU n 
1 109 SER n 
1 110 THR n 
1 111 VAL n 
1 112 LYS n 
1 113 ALA n 
1 114 THR n 
1 115 MET n 
1 116 LEU n 
1 117 GLY n 
1 118 ARG n 
1 119 THR n 
1 120 ASN n 
1 121 ILE n 
1 122 SER n 
1 123 ASP n 
1 124 GLU n 
1 125 GLU n 
1 126 SER n 
1 127 GLU n 
1 128 GLN n 
1 129 ALA n 
1 130 THR n 
1 131 GLU n 
1 132 MET n 
1 133 LEU n 
1 134 VAL n 
1 135 HIS n 
1 136 ASN n 
1 137 ALA n 
1 138 GLN n 
1 139 ASN n 
1 140 LEU n 
1 141 MET n 
1 142 GLN n 
1 143 SER n 
1 144 VAL n 
1 145 LYS n 
1 146 GLU n 
1 147 THR n 
1 148 VAL n 
1 149 ARG n 
1 150 GLU n 
1 151 ALA n 
1 152 GLU n 
1 153 ALA n 
1 154 ALA n 
1 155 SER n 
1 156 ILE n 
1 157 LYS n 
1 158 ILE n 
1 159 ARG n 
1 160 THR n 
1 161 ASP n 
1 162 ALA n 
1 163 GLY n 
1 164 PHE n 
1 165 THR n 
1 166 LEU n 
1 167 ARG n 
1 168 TRP n 
1 169 VAL n 
1 170 ARG n 
1 171 LYS n 
1 172 THR n 
1 173 PRO n 
1 174 TRP n 
1 175 TYR n 
1 176 GLN n 
# 
_entity_src_gen.entity_id                          1 
_entity_src_gen.pdbx_src_id                        1 
_entity_src_gen.pdbx_alt_source_flag               sample 
_entity_src_gen.pdbx_seq_type                      'Biological sequence' 
_entity_src_gen.pdbx_beg_seq_num                   1 
_entity_src_gen.pdbx_end_seq_num                   176 
_entity_src_gen.gene_src_common_name               Human 
_entity_src_gen.gene_src_genus                     ? 
_entity_src_gen.pdbx_gene_src_gene                 VCL 
_entity_src_gen.gene_src_species                   ? 
_entity_src_gen.gene_src_strain                    ? 
_entity_src_gen.gene_src_tissue                    ? 
_entity_src_gen.gene_src_tissue_fraction           ? 
_entity_src_gen.gene_src_details                   ? 
_entity_src_gen.pdbx_gene_src_fragment             ? 
_entity_src_gen.pdbx_gene_src_scientific_name      'Homo sapiens' 
_entity_src_gen.pdbx_gene_src_ncbi_taxonomy_id     9606 
_entity_src_gen.pdbx_gene_src_variant              ? 
_entity_src_gen.pdbx_gene_src_cell_line            ? 
_entity_src_gen.pdbx_gene_src_atcc                 ? 
_entity_src_gen.pdbx_gene_src_organ                ? 
_entity_src_gen.pdbx_gene_src_organelle            ? 
_entity_src_gen.pdbx_gene_src_cell                 ? 
_entity_src_gen.pdbx_gene_src_cellular_location    ? 
_entity_src_gen.host_org_common_name               ? 
_entity_src_gen.pdbx_host_org_scientific_name      'Escherichia coli BL21(DE3)' 
_entity_src_gen.pdbx_host_org_ncbi_taxonomy_id     469008 
_entity_src_gen.host_org_genus                     ? 
_entity_src_gen.pdbx_host_org_gene                 ? 
_entity_src_gen.pdbx_host_org_organ                ? 
_entity_src_gen.host_org_species                   ? 
_entity_src_gen.pdbx_host_org_tissue               ? 
_entity_src_gen.pdbx_host_org_tissue_fraction      ? 
_entity_src_gen.pdbx_host_org_strain               ? 
_entity_src_gen.pdbx_host_org_variant              ? 
_entity_src_gen.pdbx_host_org_cell_line            ? 
_entity_src_gen.pdbx_host_org_atcc                 ? 
_entity_src_gen.pdbx_host_org_culture_collection   ? 
_entity_src_gen.pdbx_host_org_cell                 ? 
_entity_src_gen.pdbx_host_org_organelle            ? 
_entity_src_gen.pdbx_host_org_cellular_location    ? 
_entity_src_gen.pdbx_host_org_vector_type          plasmid 
_entity_src_gen.pdbx_host_org_vector               ? 
_entity_src_gen.host_org_details                   ? 
_entity_src_gen.expression_system_id               ? 
_entity_src_gen.plasmid_name                       pET28 
_entity_src_gen.plasmid_details                    ? 
_entity_src_gen.pdbx_description                   ? 
# 
_struct_ref.id                         1 
_struct_ref.db_name                    UNP 
_struct_ref.db_code                    VINC_HUMAN 
_struct_ref.pdbx_db_accession          P18206 
_struct_ref.pdbx_db_isoform            ? 
_struct_ref.entity_id                  1 
_struct_ref.pdbx_seq_one_letter_code   
;NQPVNQPILAAAQSLHREATKWSSKGNDIIAAAKRMALLMAEMSRLVRGGSGTKRALIQCAKDIAKASDEVTRLAKEVAK
QCTDKRIRTNLLQVCERIPTISTQLKILSTVKATMLGRTNISDEESEQATEMLVHNAQNLMQSVKETVREAEAASIKIRT
DAGFTLRWVRKTPWYQ
;
_struct_ref.pdbx_align_begin           959 
# 
_struct_ref_seq.align_id                      1 
_struct_ref_seq.ref_id                        1 
_struct_ref_seq.pdbx_PDB_id_code              5L0H 
_struct_ref_seq.pdbx_strand_id                A 
_struct_ref_seq.seq_align_beg                 1 
_struct_ref_seq.pdbx_seq_align_beg_ins_code   ? 
_struct_ref_seq.seq_align_end                 176 
_struct_ref_seq.pdbx_seq_align_end_ins_code   ? 
_struct_ref_seq.pdbx_db_accession             P18206 
_struct_ref_seq.db_align_beg                  959 
_struct_ref_seq.pdbx_db_align_beg_ins_code    ? 
_struct_ref_seq.db_align_end                  1134 
_struct_ref_seq.pdbx_db_align_end_ins_code    ? 
_struct_ref_seq.pdbx_auth_seq_align_beg       959 
_struct_ref_seq.pdbx_auth_seq_align_end       1134 
# 
_struct_ref_seq_dif.align_id                     1 
_struct_ref_seq_dif.pdbx_pdb_id_code             5L0H 
_struct_ref_seq_dif.mon_id                       TRP 
_struct_ref_seq_dif.pdbx_pdb_strand_id           A 
_struct_ref_seq_dif.seq_num                      17 
_struct_ref_seq_dif.pdbx_pdb_ins_code            ? 
_struct_ref_seq_dif.pdbx_seq_db_name             UNP 
_struct_ref_seq_dif.pdbx_seq_db_accession_code   P18206 
_struct_ref_seq_dif.db_mon_id                    ARG 
_struct_ref_seq_dif.pdbx_seq_db_seq_num          975 
_struct_ref_seq_dif.details                      'engineered mutation' 
_struct_ref_seq_dif.pdbx_auth_seq_num            975 
_struct_ref_seq_dif.pdbx_ordinal                 1 
# 
loop_
_chem_comp.id 
_chem_comp.type 
_chem_comp.mon_nstd_flag 
_chem_comp.name 
_chem_comp.pdbx_synonyms 
_chem_comp.formula 
_chem_comp.formula_weight 
ALA 'L-peptide linking' y ALANINE ?                                                                'C3 H7 N O2'     89.093  
ARG 'L-peptide linking' y ARGININE ?                                                                'C6 H15 N4 O2 1' 175.209 
ASN 'L-peptide linking' y ASPARAGINE ?                                                                'C4 H8 N2 O3'    132.118 
ASP 'L-peptide linking' y 'ASPARTIC ACID' ?                                                                'C4 H7 N O4'     
133.103 
CYS 'L-peptide linking' y CYSTEINE ?                                                                'C3 H7 N O2 S'   121.158 
GLN 'L-peptide linking' y GLUTAMINE ?                                                                'C5 H10 N2 O3'   146.144 
GLU 'L-peptide linking' y 'GLUTAMIC ACID' ?                                                                'C5 H9 N O4'     
147.129 
GLY 'peptide linking'   y GLYCINE ?                                                                'C2 H5 N O2'     75.067  
HIS 'L-peptide linking' y HISTIDINE ?                                                                'C6 H10 N3 O2 1' 156.162 
HOH non-polymer         . WATER ?                                                                'H2 O'           18.015  
ILE 'L-peptide linking' y ISOLEUCINE ?                                                                'C6 H13 N O2'    131.173 
LEU 'L-peptide linking' y LEUCINE ?                                                                'C6 H13 N O2'    131.173 
LYS 'L-peptide linking' y LYSINE ?                                                                'C6 H15 N2 O2 1' 147.195 
MET 'L-peptide linking' y METHIONINE ?                                                                'C5 H11 N O2 S'  149.211 
PEG non-polymer         . 'DI(HYDROXYETHYL)ETHER' ?                                                                'C4 H10 O3' 
106.120 
PHE 'L-peptide linking' y PHENYLALANINE ?                                                                'C9 H11 N O2'    165.189 
PIO non-polymer         . 
;[(2R)-2-octanoyloxy-3-[oxidanyl-[(1R,2R,3S,4R,5R,6S)-2,3,6-tris(oxidanyl)-4,5-diphosphonooxy-cyclohexyl]oxy-phosphoryl]oxy-propyl] octanoate
;
'dioctanoyl l-alpha-phosphatidyl-d-myo-inositol 4,5-diphosphate' 'C25 H49 O19 P3' 746.566 
PO4 non-polymer         . 'PHOSPHATE ION' ?                                                                'O4 P -3'        94.971 
PRO 'L-peptide linking' y PROLINE ?                                                                'C5 H9 N O2'     115.130 
SER 'L-peptide linking' y SERINE ?                                                                'C3 H7 N O3'     105.093 
THR 'L-peptide linking' y THREONINE ?                                                                'C4 H9 N O3'     119.119 
TRP 'L-peptide linking' y TRYPTOPHAN ?                                                                'C11 H12 N2 O2'  204.225 
TYR 'L-peptide linking' y TYROSINE ?                                                                'C9 H11 N O3'    181.189 
VAL 'L-peptide linking' y VALINE ?                                                                'C5 H11 N O2'    117.146 
# 
_exptl.absorpt_coefficient_mu     ? 
_exptl.absorpt_correction_T_max   ? 
_exptl.absorpt_correction_T_min   ? 
_exptl.absorpt_correction_type    ? 
_exptl.absorpt_process_details    ? 
_exptl.entry_id                   5L0H 
_exptl.crystals_number            1 
_exptl.details                    ? 
_exptl.method                     'X-RAY DIFFRACTION' 
_exptl.method_details             ? 
# 
_exptl_crystal.colour                      ? 
_exptl_crystal.density_diffrn              ? 
_exptl_crystal.density_Matthews            3.18 
_exptl_crystal.density_method              ? 
_exptl_crystal.density_percent_sol         61.3 
_exptl_crystal.description                 ? 
_exptl_crystal.F_000                       ? 
_exptl_crystal.id                          1 
_exptl_crystal.preparation                 ? 
_exptl_crystal.size_max                    ? 
_exptl_crystal.size_mid                    ? 
_exptl_crystal.size_min                    ? 
_exptl_crystal.size_rad                    ? 
_exptl_crystal.colour_lustre               ? 
_exptl_crystal.colour_modifier             ? 
_exptl_crystal.colour_primary              ? 
_exptl_crystal.density_meas                ? 
_exptl_crystal.density_meas_esd            ? 
_exptl_crystal.density_meas_gt             ? 
_exptl_crystal.density_meas_lt             ? 
_exptl_crystal.density_meas_temp           ? 
_exptl_crystal.density_meas_temp_esd       ? 
_exptl_crystal.density_meas_temp_gt        ? 
_exptl_crystal.density_meas_temp_lt        ? 
_exptl_crystal.pdbx_crystal_image_url      ? 
_exptl_crystal.pdbx_crystal_image_format   ? 
_exptl_crystal.pdbx_mosaicity              ? 
_exptl_crystal.pdbx_mosaicity_esd          ? 
# 
_exptl_crystal_grow.apparatus       ? 
_exptl_crystal_grow.atmosphere      ? 
_exptl_crystal_grow.crystal_id      1 
_exptl_crystal_grow.details         ? 
_exptl_crystal_grow.method          'VAPOR DIFFUSION, HANGING DROP' 
_exptl_crystal_grow.method_ref      ? 
_exptl_crystal_grow.pH              7.5 
_exptl_crystal_grow.pressure        ? 
_exptl_crystal_grow.pressure_esd    ? 
_exptl_crystal_grow.seeding         ? 
_exptl_crystal_grow.seeding_ref     ? 
_exptl_crystal_grow.temp            294 
_exptl_crystal_grow.temp_details    ? 
_exptl_crystal_grow.temp_esd        ? 
_exptl_crystal_grow.time            ? 
_exptl_crystal_grow.pdbx_details    '0.2 M LiSO4, 0.1 M HEPES (pH 7.5), and 22% PEG 3350' 
_exptl_crystal_grow.pdbx_pH_range   ? 
# 
_diffrn.ambient_environment    ? 
_diffrn.ambient_temp           100 
_diffrn.ambient_temp_details   ? 
_diffrn.ambient_temp_esd       ? 
_diffrn.crystal_id             1 
_diffrn.crystal_support        ? 
_diffrn.crystal_treatment      ? 
_diffrn.details                ? 
_diffrn.id                     1 
_diffrn.ambient_pressure       ? 
_diffrn.ambient_pressure_esd   ? 
_diffrn.ambient_pressure_gt    ? 
_diffrn.ambient_pressure_lt    ? 
_diffrn.ambient_temp_gt        ? 
_diffrn.ambient_temp_lt        ? 
# 
_diffrn_detector.details                      ? 
_diffrn_detector.detector                     PIXEL 
_diffrn_detector.diffrn_id                    1 
_diffrn_detector.type                         'DECTRIS PILATUS 6M' 
_diffrn_detector.area_resol_mean              ? 
_diffrn_detector.dtime                        ? 
_diffrn_detector.pdbx_frames_total            ? 
_diffrn_detector.pdbx_collection_time_total   ? 
_diffrn_detector.pdbx_collection_date         2015-07-31 
# 
_diffrn_radiation.collimation                      ? 
_diffrn_radiation.diffrn_id                        1 
_diffrn_radiation.filter_edge                      ? 
_diffrn_radiation.inhomogeneity                    ? 
_diffrn_radiation.monochromator                    'double crystal Si(111)' 
_diffrn_radiation.polarisn_norm                    ? 
_diffrn_radiation.polarisn_ratio                   ? 
_diffrn_radiation.probe                            ? 
_diffrn_radiation.type                             ? 
_diffrn_radiation.xray_symbol                      ? 
_diffrn_radiation.wavelength_id                    1 
_diffrn_radiation.pdbx_monochromatic_or_laue_m_l   M 
_diffrn_radiation.pdbx_wavelength_list             ? 
_diffrn_radiation.pdbx_wavelength                  ? 
_diffrn_radiation.pdbx_diffrn_protocol             'SINGLE WAVELENGTH' 
_diffrn_radiation.pdbx_analyzer                    ? 
_diffrn_radiation.pdbx_scattering_type             x-ray 
# 
_diffrn_radiation_wavelength.id           1 
_diffrn_radiation_wavelength.wavelength   1.0 
_diffrn_radiation_wavelength.wt           1.0 
# 
_diffrn_source.current                     ? 
_diffrn_source.details                     ? 
_diffrn_source.diffrn_id                   1 
_diffrn_source.power                       ? 
_diffrn_source.size                        ? 
_diffrn_source.source                      SYNCHROTRON 
_diffrn_source.target                      ? 
_diffrn_source.type                        'SSRL BEAMLINE BL12-2' 
_diffrn_source.voltage                     ? 
_diffrn_source.take-off_angle              ? 
_diffrn_source.pdbx_wavelength_list        1.0 
_diffrn_source.pdbx_wavelength             ? 
_diffrn_source.pdbx_synchrotron_beamline   BL12-2 
_diffrn_source.pdbx_synchrotron_site       SSRL 
# 
_reflns.B_iso_Wilson_estimate            94.67 
_reflns.entry_id                         5L0H 
_reflns.data_reduction_details           ? 
_reflns.data_reduction_method            ? 
_reflns.d_resolution_high                2.9 
_reflns.d_resolution_low                 70.11 
_reflns.details                          ? 
_reflns.limit_h_max                      ? 
_reflns.limit_h_min                      ? 
_reflns.limit_k_max                      ? 
_reflns.limit_k_min                      ? 
_reflns.limit_l_max                      ? 
_reflns.limit_l_min                      ? 
_reflns.number_all                       ? 
_reflns.number_obs                       6145 
_reflns.observed_criterion               ? 
_reflns.observed_criterion_F_max         ? 
_reflns.observed_criterion_F_min         ? 
_reflns.observed_criterion_I_max         ? 
_reflns.observed_criterion_I_min         ? 
_reflns.observed_criterion_sigma_F       ? 
_reflns.observed_criterion_sigma_I       ? 
_reflns.percent_possible_obs             100 
_reflns.R_free_details                   ? 
_reflns.Rmerge_F_all                     ? 
_reflns.Rmerge_F_obs                     ? 
_reflns.Friedel_coverage                 ? 
_reflns.number_gt                        ? 
_reflns.threshold_expression             ? 
_reflns.pdbx_redundancy                  40.8 
_reflns.pdbx_Rmerge_I_obs                ? 
_reflns.pdbx_Rmerge_I_all                ? 
_reflns.pdbx_Rsym_value                  ? 
_reflns.pdbx_netI_over_av_sigmaI         ? 
_reflns.pdbx_netI_over_sigmaI            43.5 
_reflns.pdbx_res_netI_over_av_sigmaI_2   ? 
_reflns.pdbx_res_netI_over_sigmaI_2      ? 
_reflns.pdbx_chi_squared                 ? 
_reflns.pdbx_scaling_rejects             ? 
_reflns.pdbx_d_res_high_opt              ? 
_reflns.pdbx_d_res_low_opt               ? 
_reflns.pdbx_d_res_opt_method            ? 
_reflns.phase_calculation_details        ? 
_reflns.pdbx_Rrim_I_all                  ? 
_reflns.pdbx_Rpim_I_all                  0.018 
_reflns.pdbx_d_opt                       ? 
_reflns.pdbx_number_measured_all         ? 
_reflns.pdbx_diffrn_id                   1 
_reflns.pdbx_ordinal                     1 
_reflns.pdbx_CC_half                     0.983 
_reflns.pdbx_R_split                     ? 
# 
_reflns_shell.d_res_high                  2.9 
_reflns_shell.d_res_low                   3.08 
_reflns_shell.meanI_over_sigI_all         ? 
_reflns_shell.meanI_over_sigI_obs         6.8 
_reflns_shell.number_measured_all         ? 
_reflns_shell.number_measured_obs         ? 
_reflns_shell.number_possible             ? 
_reflns_shell.number_unique_all           ? 
_reflns_shell.number_unique_obs           ? 
_reflns_shell.percent_possible_all        100 
_reflns_shell.percent_possible_obs        ? 
_reflns_shell.Rmerge_F_all                ? 
_reflns_shell.Rmerge_F_obs                ? 
_reflns_shell.Rmerge_I_all                ? 
_reflns_shell.Rmerge_I_obs                ? 
_reflns_shell.meanI_over_sigI_gt          ? 
_reflns_shell.meanI_over_uI_all           ? 
_reflns_shell.meanI_over_uI_gt            ? 
_reflns_shell.number_measured_gt          ? 
_reflns_shell.number_unique_gt            ? 
_reflns_shell.percent_possible_gt         ? 
_reflns_shell.Rmerge_F_gt                 ? 
_reflns_shell.Rmerge_I_gt                 ? 
_reflns_shell.pdbx_redundancy             42.5 
_reflns_shell.pdbx_Rsym_value             ? 
_reflns_shell.pdbx_chi_squared            ? 
_reflns_shell.pdbx_netI_over_sigmaI_all   ? 
_reflns_shell.pdbx_netI_over_sigmaI_obs   ? 
_reflns_shell.pdbx_Rrim_I_all             ? 
_reflns_shell.pdbx_Rpim_I_all             ? 
_reflns_shell.pdbx_rejects                ? 
_reflns_shell.pdbx_ordinal                1 
_reflns_shell.pdbx_diffrn_id              1 
_reflns_shell.pdbx_CC_half                0.972 
_reflns_shell.pdbx_R_split                ? 
# 
_refine.aniso_B[1][1]                            -7.1508 
_refine.aniso_B[1][2]                            0.0000 
_refine.aniso_B[1][3]                            0.0000 
_refine.aniso_B[2][2]                            -7.1508 
_refine.aniso_B[2][3]                            0.0000 
_refine.aniso_B[3][3]                            14.3016 
_refine.B_iso_max                                ? 
_refine.B_iso_mean                               93.11 
_refine.B_iso_min                                ? 
_refine.correlation_coeff_Fo_to_Fc               0.9073 
_refine.correlation_coeff_Fo_to_Fc_free          0.9067 
_refine.details                                  ? 
_refine.diff_density_max                         ? 
_refine.diff_density_max_esd                     ? 
_refine.diff_density_min                         ? 
_refine.diff_density_min_esd                     ? 
_refine.diff_density_rms                         ? 
_refine.diff_density_rms_esd                     ? 
_refine.entry_id                                 5L0H 
_refine.pdbx_refine_id                           'X-RAY DIFFRACTION' 
_refine.ls_abs_structure_details                 ? 
_refine.ls_abs_structure_Flack                   ? 
_refine.ls_abs_structure_Flack_esd               ? 
_refine.ls_abs_structure_Rogers                  ? 
_refine.ls_abs_structure_Rogers_esd              ? 
_refine.ls_d_res_high                            2.90 
_refine.ls_d_res_low                             70.11 
_refine.ls_extinction_coef                       ? 
_refine.ls_extinction_coef_esd                   ? 
_refine.ls_extinction_expression                 ? 
_refine.ls_extinction_method                     ? 
_refine.ls_goodness_of_fit_all                   ? 
_refine.ls_goodness_of_fit_all_esd               ? 
_refine.ls_goodness_of_fit_obs                   ? 
_refine.ls_goodness_of_fit_obs_esd               ? 
_refine.ls_hydrogen_treatment                    ? 
_refine.ls_matrix_type                           ? 
_refine.ls_number_constraints                    ? 
_refine.ls_number_parameters                     ? 
_refine.ls_number_reflns_all                     ? 
_refine.ls_number_reflns_obs                     6116 
_refine.ls_number_reflns_R_free                  323 
_refine.ls_number_reflns_R_work                  ? 
_refine.ls_number_restraints                     ? 
_refine.ls_percent_reflns_obs                    100.00 
_refine.ls_percent_reflns_R_free                 5.28 
_refine.ls_R_factor_all                          ? 
_refine.ls_R_factor_obs                          0.2559 
_refine.ls_R_factor_R_free                       0.2778 
_refine.ls_R_factor_R_free_error                 ? 
_refine.ls_R_factor_R_free_error_details         ? 
_refine.ls_R_factor_R_work                       0.2546 
_refine.ls_R_Fsqd_factor_obs                     ? 
_refine.ls_R_I_factor_obs                        ? 
_refine.ls_redundancy_reflns_all                 ? 
_refine.ls_redundancy_reflns_obs                 ? 
_refine.ls_restrained_S_all                      ? 
_refine.ls_restrained_S_obs                      ? 
_refine.ls_shift_over_esd_max                    ? 
_refine.ls_shift_over_esd_mean                   ? 
_refine.ls_structure_factor_coef                 ? 
_refine.ls_weighting_details                     ? 
_refine.ls_weighting_scheme                      ? 
_refine.ls_wR_factor_all                         ? 
_refine.ls_wR_factor_obs                         ? 
_refine.ls_wR_factor_R_free                      ? 
_refine.ls_wR_factor_R_work                      ? 
_refine.occupancy_max                            ? 
_refine.occupancy_min                            ? 
_refine.solvent_model_details                    ? 
_refine.solvent_model_param_bsol                 ? 
_refine.solvent_model_param_ksol                 ? 
_refine.ls_R_factor_gt                           ? 
_refine.ls_goodness_of_fit_gt                    ? 
_refine.ls_goodness_of_fit_ref                   ? 
_refine.ls_shift_over_su_max                     ? 
_refine.ls_shift_over_su_max_lt                  ? 
_refine.ls_shift_over_su_mean                    ? 
_refine.ls_shift_over_su_mean_lt                 ? 
_refine.pdbx_ls_sigma_I                          ? 
_refine.pdbx_ls_sigma_F                          0.0 
_refine.pdbx_ls_sigma_Fsqd                       ? 
_refine.pdbx_data_cutoff_high_absF               ? 
_refine.pdbx_data_cutoff_high_rms_absF           ? 
_refine.pdbx_data_cutoff_low_absF                ? 
_refine.pdbx_isotropic_thermal_model             ? 
_refine.pdbx_ls_cross_valid_method               THROUGHOUT 
_refine.pdbx_method_to_determine_struct          'MOLECULAR REPLACEMENT' 
_refine.pdbx_starting_model                      3MYI 
_refine.pdbx_stereochemistry_target_values       ? 
_refine.pdbx_R_Free_selection_details            RANDOM 
_refine.pdbx_stereochem_target_val_spec_case     ? 
_refine.pdbx_overall_ESU_R                       ? 
_refine.pdbx_overall_ESU_R_Free                  ? 
_refine.pdbx_solvent_vdw_probe_radii             ? 
_refine.pdbx_solvent_ion_probe_radii             ? 
_refine.pdbx_solvent_shrinkage_radii             ? 
_refine.pdbx_real_space_R                        ? 
_refine.pdbx_density_correlation                 ? 
_refine.pdbx_pd_number_of_powder_patterns        ? 
_refine.pdbx_pd_number_of_points                 ? 
_refine.pdbx_pd_meas_number_of_points            ? 
_refine.pdbx_pd_proc_ls_prof_R_factor            ? 
_refine.pdbx_pd_proc_ls_prof_wR_factor           ? 
_refine.pdbx_pd_Marquardt_correlation_coeff      ? 
_refine.pdbx_pd_Fsqrd_R_factor                   ? 
_refine.pdbx_pd_ls_matrix_band_width             ? 
_refine.pdbx_overall_phase_error                 ? 
_refine.pdbx_overall_SU_R_free_Cruickshank_DPI   0.385 
_refine.pdbx_overall_SU_R_free_Blow_DPI          0.398 
_refine.pdbx_overall_SU_R_Blow_DPI               ? 
_refine.pdbx_TLS_residual_ADP_flag               ? 
_refine.pdbx_diffrn_id                           1 
_refine.overall_SU_B                             ? 
_refine.overall_SU_ML                            ? 
_refine.overall_SU_R_Cruickshank_DPI             1.276 
_refine.overall_SU_R_free                        ? 
_refine.overall_FOM_free_R_set                   ? 
_refine.overall_FOM_work_R_set                   ? 
_refine.pdbx_average_fsc_overall                 ? 
_refine.pdbx_average_fsc_work                    ? 
_refine.pdbx_average_fsc_free                    ? 
# 
_refine_analyze.entry_id                        5L0H 
_refine_analyze.pdbx_refine_id                  'X-RAY DIFFRACTION' 
_refine_analyze.Luzzati_coordinate_error_free   ? 
_refine_analyze.Luzzati_coordinate_error_obs    0.541 
_refine_analyze.Luzzati_d_res_low_free          ? 
_refine_analyze.Luzzati_d_res_low_obs           ? 
_refine_analyze.Luzzati_sigma_a_free            ? 
_refine_analyze.Luzzati_sigma_a_free_details    ? 
_refine_analyze.Luzzati_sigma_a_obs             ? 
_refine_analyze.Luzzati_sigma_a_obs_details     ? 
_refine_analyze.number_disordered_residues      ? 
_refine_analyze.occupancy_sum_hydrogen          ? 
_refine_analyze.occupancy_sum_non_hydrogen      ? 
_refine_analyze.RG_d_res_high                   ? 
_refine_analyze.RG_d_res_low                    ? 
_refine_analyze.RG_free                         ? 
_refine_analyze.RG_work                         ? 
_refine_analyze.RG_free_work_ratio              ? 
_refine_analyze.pdbx_Luzzati_d_res_high_obs     ? 
# 
_refine_hist.pdbx_refine_id                   'X-RAY DIFFRACTION' 
_refine_hist.cycle_id                         1 
_refine_hist.pdbx_number_atoms_protein        1341 
_refine_hist.pdbx_number_atoms_nucleic_acid   0 
_refine_hist.pdbx_number_atoms_ligand         52 
_refine_hist.number_atoms_solvent             21 
_refine_hist.number_atoms_total               1414 
_refine_hist.d_res_high                       2.90 
_refine_hist.d_res_low                        70.11 
# 
loop_
_refine_ls_restr.pdbx_refine_id 
_refine_ls_restr.criterion 
_refine_ls_restr.dev_ideal 
_refine_ls_restr.dev_ideal_target 
_refine_ls_restr.number 
_refine_ls_restr.rejects 
_refine_ls_restr.type 
_refine_ls_restr.weight 
_refine_ls_restr.pdbx_restraint_function 
'X-RAY DIFFRACTION' ? 0.010 ? 1402 ? t_bond_d                  2.00  HARMONIC     
'X-RAY DIFFRACTION' ? 1.14  ? 1893 ? t_angle_deg               2.00  HARMONIC     
'X-RAY DIFFRACTION' ? ?     ? 534  ? t_dihedral_angle_d        2.00  SINUSOIDAL   
'X-RAY DIFFRACTION' ? ?     ? ?    ? t_incorr_chiral_ct        ?     ?            
'X-RAY DIFFRACTION' ? ?     ? ?    ? t_pseud_angle             ?     ?            
'X-RAY DIFFRACTION' ? ?     ? 34   ? t_trig_c_planes           2.00  HARMONIC     
'X-RAY DIFFRACTION' ? ?     ? 194  ? t_gen_planes              5.00  HARMONIC     
'X-RAY DIFFRACTION' ? ?     ? 1402 ? t_it                      20.00 HARMONIC     
'X-RAY DIFFRACTION' ? ?     ? ?    ? t_nbd                     ?     ?            
'X-RAY DIFFRACTION' ? 3.13  ? ?    ? t_omega_torsion           ?     ?            
'X-RAY DIFFRACTION' ? 17.98 ? ?    ? t_other_torsion           ?     ?            
'X-RAY DIFFRACTION' ? ?     ? ?    ? t_improper_torsion        ?     ?            
'X-RAY DIFFRACTION' ? ?     ? 200  ? t_chiral_improper_torsion 5.00  SEMIHARMONIC 
'X-RAY DIFFRACTION' ? ?     ? ?    ? t_sum_occupancies         ?     ?            
'X-RAY DIFFRACTION' ? ?     ? ?    ? t_utility_distance        ?     ?            
'X-RAY DIFFRACTION' ? ?     ? ?    ? t_utility_angle           ?     ?            
'X-RAY DIFFRACTION' ? ?     ? ?    ? t_utility_torsion         ?     ?            
'X-RAY DIFFRACTION' ? ?     ? 1621 ? t_ideal_dist_contact      4.00  SEMIHARMONIC 
# 
_refine_ls_shell.pdbx_refine_id                   'X-RAY DIFFRACTION' 
_refine_ls_shell.d_res_high                       2.90 
_refine_ls_shell.d_res_low                        3.24 
_refine_ls_shell.number_reflns_all                1675 
_refine_ls_shell.number_reflns_obs                ? 
_refine_ls_shell.number_reflns_R_free             90 
_refine_ls_shell.number_reflns_R_work             1585 
_refine_ls_shell.percent_reflns_obs               100.00 
_refine_ls_shell.percent_reflns_R_free            5.37 
_refine_ls_shell.R_factor_all                     0.2930 
_refine_ls_shell.R_factor_obs                     ? 
_refine_ls_shell.R_factor_R_free                  0.3780 
_refine_ls_shell.R_factor_R_free_error            ? 
_refine_ls_shell.R_factor_R_work                  0.2883 
_refine_ls_shell.redundancy_reflns_all            ? 
_refine_ls_shell.redundancy_reflns_obs            ? 
_refine_ls_shell.wR_factor_all                    ? 
_refine_ls_shell.wR_factor_obs                    ? 
_refine_ls_shell.wR_factor_R_free                 ? 
_refine_ls_shell.wR_factor_R_work                 ? 
_refine_ls_shell.pdbx_total_number_of_bins_used   5 
_refine_ls_shell.pdbx_phase_error                 ? 
_refine_ls_shell.pdbx_fsc_work                    ? 
_refine_ls_shell.pdbx_fsc_free                    ? 
# 
_struct.entry_id                     5L0H 
_struct.title                        
'Human metavinculin MVt cardiomyopathy-associated mutant R975W (residues 959-1134) in complex with PIP2' 
_struct.pdbx_model_details           ? 
_struct.pdbx_formula_weight          ? 
_struct.pdbx_formula_weight_method   ? 
_struct.pdbx_model_type_details      ? 
_struct.pdbx_CASP_flag               N 
# 
_struct_keywords.entry_id        5L0H 
_struct_keywords.text            '5-Helix bundle, cytoskeletal protein, cell adhesion, cardiomyopathy' 
_struct_keywords.pdbx_keywords   'CELL ADHESION' 
# 
loop_
_struct_asym.id 
_struct_asym.pdbx_blank_PDB_chainid_flag 
_struct_asym.pdbx_modified 
_struct_asym.entity_id 
_struct_asym.details 
A N N 1 ? 
B N N 2 ? 
C N N 3 ? 
D N N 4 ? 
E N N 4 ? 
F N N 5 ? 
# 
loop_
_struct_conf.conf_type_id 
_struct_conf.id 
_struct_conf.pdbx_PDB_helix_id 
_struct_conf.beg_label_comp_id 
_struct_conf.beg_label_asym_id 
_struct_conf.beg_label_seq_id 
_struct_conf.pdbx_beg_PDB_ins_code 
_struct_conf.end_label_comp_id 
_struct_conf.end_label_asym_id 
_struct_conf.end_label_seq_id 
_struct_conf.pdbx_end_PDB_ins_code 
_struct_conf.beg_auth_comp_id 
_struct_conf.beg_auth_asym_id 
_struct_conf.beg_auth_seq_id 
_struct_conf.end_auth_comp_id 
_struct_conf.end_auth_asym_id 
_struct_conf.end_auth_seq_id 
_struct_conf.pdbx_PDB_helix_class 
_struct_conf.details 
_struct_conf.pdbx_PDB_helix_length 
HELX_P HELX_P1 AA1 ASN A 5   ? THR A 20  ? ASN A 963  THR A 978  1 ? 16 
HELX_P HELX_P2 AA2 ASN A 27  ? GLY A 49  ? ASN A 985  GLY A 1007 1 ? 23 
HELX_P HELX_P3 AA3 GLY A 52  ? CYS A 82  ? GLY A 1010 CYS A 1040 1 ? 31 
HELX_P HELX_P4 AA4 ASP A 84  ? MET A 115 ? ASP A 1042 MET A 1073 1 ? 32 
HELX_P HELX_P5 AA5 SER A 122 ? LYS A 157 ? SER A 1080 LYS A 1115 1 ? 36 
# 
_struct_conf_type.id          HELX_P 
_struct_conf_type.criteria    ? 
_struct_conf_type.reference   ? 
# 
loop_
_struct_site.id 
_struct_site.pdbx_evidence_code 
_struct_site.pdbx_auth_asym_id 
_struct_site.pdbx_auth_comp_id 
_struct_site.pdbx_auth_seq_id 
_struct_site.pdbx_auth_ins_code 
_struct_site.pdbx_num_residues 
_struct_site.details 
AC1 Software A PEG 1201 ? 2 'binding site for residue PEG A 1201' 
AC2 Software A PIO 1202 ? 9 'binding site for residue PIO A 1202' 
AC3 Software A PO4 1203 ? 8 'binding site for residue PO4 A 1203' 
AC4 Software A PO4 1204 ? 8 'binding site for residue PO4 A 1204' 
# 
loop_
_struct_site_gen.id 
_struct_site_gen.site_id 
_struct_site_gen.pdbx_num_res 
_struct_site_gen.label_comp_id 
_struct_site_gen.label_asym_id 
_struct_site_gen.label_seq_id 
_struct_site_gen.pdbx_auth_ins_code 
_struct_site_gen.auth_comp_id 
_struct_site_gen.auth_asym_id 
_struct_site_gen.auth_seq_id 
_struct_site_gen.label_atom_id 
_struct_site_gen.label_alt_id 
_struct_site_gen.symmetry 
_struct_site_gen.details 
1  AC1 2 LYS A 66  ? LYS A 1024 . ? 11_656 ? 
2  AC1 2 HOH F .   ? HOH A 1303 . ? 1_555  ? 
3  AC2 9 TRP A 17  ? TRP A 975  . ? 1_555  ? 
4  AC2 9 LYS A 21  ? LYS A 979  . ? 1_555  ? 
5  AC2 9 LEU A 38  ? LEU A 996  . ? 12_555 ? 
6  AC2 9 ARG A 45  ? ARG A 1003 . ? 12_555 ? 
7  AC2 9 ARG A 55  ? ARG A 1013 . ? 3_664  ? 
8  AC2 9 LYS A 145 ? LYS A 1103 . ? 1_555  ? 
9  AC2 9 ARG A 149 ? ARG A 1107 . ? 1_555  ? 
10 AC2 9 ARG A 170 ? ARG A 1128 . ? 1_555  ? 
11 AC2 9 THR A 172 ? THR A 1130 . ? 1_555  ? 
12 AC3 8 SER A 23  ? SER A 981  . ? 1_555  ? 
13 AC3 8 LYS A 25  ? LYS A 983  . ? 1_555  ? 
14 AC3 8 LYS A 25  ? LYS A 983  . ? 9_765  ? 
15 AC3 8 LYS A 25  ? LYS A 983  . ? 12_555 ? 
16 AC3 8 LYS A 171 ? LYS A 1129 . ? 1_555  ? 
17 AC3 8 PO4 E .   ? PO4 A 1204 . ? 12_555 ? 
18 AC3 8 PO4 E .   ? PO4 A 1204 . ? 1_555  ? 
19 AC3 8 HOH F .   ? HOH A 1306 . ? 12_555 ? 
20 AC4 8 SER A 23  ? SER A 981  . ? 1_555  ? 
21 AC4 8 SER A 24  ? SER A 982  . ? 1_555  ? 
22 AC4 8 LYS A 25  ? LYS A 983  . ? 1_555  ? 
23 AC4 8 LYS A 34  ? LYS A 992  . ? 1_555  ? 
24 AC4 8 LYS A 171 ? LYS A 1129 . ? 1_555  ? 
25 AC4 8 PO4 D .   ? PO4 A 1203 . ? 12_555 ? 
26 AC4 8 PO4 D .   ? PO4 A 1203 . ? 1_555  ? 
27 AC4 8 HOH F .   ? HOH A 1306 . ? 1_555  ? 
# 
_atom_sites.entry_id                    5L0H 
_atom_sites.fract_transf_matrix[1][1]   0.01195925 
_atom_sites.fract_transf_matrix[1][2]   -0.00407688 
_atom_sites.fract_transf_matrix[1][3]   -0.00661947 
_atom_sites.fract_transf_matrix[2][1]   0.01211488 
_atom_sites.fract_transf_matrix[2][2]   -0.00142050 
_atom_sites.fract_transf_matrix[2][3]   0.00739415 
_atom_sites.fract_transf_matrix[3][1]   -0.00170332 
_atom_sites.fract_transf_matrix[3][2]   -0.00726251 
_atom_sites.fract_transf_matrix[3][3]   0.00139558 
_atom_sites.fract_transf_vector[1]      0.705623 
_atom_sites.fract_transf_vector[2]      0.516654 
_atom_sites.fract_transf_vector[3]      0.372379 
# 
loop_
_atom_type.symbol 
C 
N 
O 
P 
S 
# 
loop_
_atom_site.group_PDB 
_atom_site.id 
_atom_site.type_symbol 
_atom_site.label_atom_id 
_atom_site.label_alt_id 
_atom_site.label_comp_id 
_atom_site.label_asym_id 
_atom_site.label_entity_id 
_atom_site.label_seq_id 
_atom_site.pdbx_PDB_ins_code 
_atom_site.Cartn_x 
_atom_site.Cartn_y 
_atom_site.Cartn_z 
_atom_site.occupancy 
_atom_site.B_iso_or_equiv 
_atom_site.pdbx_formal_charge 
_atom_site.auth_seq_id 
_atom_site.auth_comp_id 
_atom_site.auth_asym_id 
_atom_site.auth_atom_id 
_atom_site.pdbx_PDB_model_num 
ATOM   1    N N   . GLN A 1 2   ? -19.219 -9.426  -8.599  1.00 125.19 ? 960  GLN A N   1 
ATOM   2    C CA  . GLN A 1 2   ? -19.182 -8.268  -9.484  1.00 125.14 ? 960  GLN A CA  1 
ATOM   3    C C   . GLN A 1 2   ? -19.227 -6.966  -8.691  1.00 128.39 ? 960  GLN A C   1 
ATOM   4    O O   . GLN A 1 2   ? -18.580 -5.982  -9.063  1.00 128.29 ? 960  GLN A O   1 
ATOM   5    C CB  . GLN A 1 2   ? -20.343 -8.317  -10.479 1.00 126.75 ? 960  GLN A CB  1 
ATOM   6    C CG  . GLN A 1 2   ? -20.250 -9.453  -11.485 1.00 146.12 ? 960  GLN A CG  1 
ATOM   7    C CD  . GLN A 1 2   ? -21.451 -9.514  -12.408 1.00 166.21 ? 960  GLN A CD  1 
ATOM   8    O OE1 . GLN A 1 2   ? -22.539 -9.052  -12.061 1.00 161.97 ? 960  GLN A OE1 1 
ATOM   9    N NE2 . GLN A 1 2   ? -21.261 -10.087 -13.590 1.00 157.23 ? 960  GLN A NE2 1 
ATOM   10   N N   . PRO A 1 3   ? -20.028 -6.979  -7.555  1.00 123.21 ? 961  PRO A N   1 
ATOM   11   C CA  . PRO A 1 3   ? -20.043 -5.703  -6.816  1.00 121.61 ? 961  PRO A CA  1 
ATOM   12   C C   . PRO A 1 3   ? -18.675 -5.369  -6.231  1.00 120.30 ? 961  PRO A C   1 
ATOM   13   O O   . PRO A 1 3   ? -17.968 -6.264  -5.769  1.00 120.10 ? 961  PRO A O   1 
ATOM   14   C CB  . PRO A 1 3   ? -21.057 -5.943  -5.691  1.00 123.64 ? 961  PRO A CB  1 
ATOM   15   C CG  . PRO A 1 3   ? -20.964 -7.393  -5.412  1.00 128.62 ? 961  PRO A CG  1 
ATOM   16   C CD  . PRO A 1 3   ? -20.768 -7.959  -6.780  1.00 124.55 ? 961  PRO A CD  1 
ATOM   17   N N   . VAL A 1 4   ? -18.313 -4.091  -6.254  1.00 111.96 ? 962  VAL A N   1 
ATOM   18   C CA  . VAL A 1 4   ? -17.028 -3.649  -5.723  1.00 109.06 ? 962  VAL A CA  1 
ATOM   19   C C   . VAL A 1 4   ? -17.203 -2.497  -4.739  1.00 106.08 ? 962  VAL A C   1 
ATOM   20   O O   . VAL A 1 4   ? -18.051 -1.627  -4.931  1.00 105.39 ? 962  VAL A O   1 
ATOM   21   C CB  . VAL A 1 4   ? -16.074 -3.211  -6.849  1.00 112.79 ? 962  VAL A CB  1 
ATOM   22   C CG1 . VAL A 1 4   ? -15.736 -4.390  -7.749  1.00 112.57 ? 962  VAL A CG1 1 
ATOM   23   C CG2 . VAL A 1 4   ? -16.689 -2.076  -7.653  1.00 112.46 ? 962  VAL A CG2 1 
ATOM   24   N N   . ASN A 1 5   ? -16.393 -2.499  -3.685  1.00 97.23  ? 963  ASN A N   1 
ATOM   25   C CA  . ASN A 1 5   ? -16.455 -1.461  -2.674  1.00 93.89  ? 963  ASN A CA  1 
ATOM   26   C C   . ASN A 1 5   ? -15.702 -0.310  -3.355  1.00 93.12  ? 963  ASN A C   1 
ATOM   27   O O   . ASN A 1 5   ? -14.467 -0.338  -3.447  1.00 92.99  ? 963  ASN A O   1 
ATOM   28   C CB  . ASN A 1 5   ? -15.734 -1.859  -1.400  1.00 88.78  ? 963  ASN A CB  1 
ATOM   29   C CG  . ASN A 1 5   ? -15.928 -0.837  -0.312  1.00 89.48  ? 963  ASN A CG  1 
ATOM   30   O OD1 . ASN A 1 5   ? -16.267 0.297   -0.571  1.00 80.51  ? 963  ASN A OD1 1 
ATOM   31   N ND2 . ASN A 1 5   ? -15.743 -1.205  0.937   1.00 80.98  ? 963  ASN A ND2 1 
ATOM   32   N N   . GLN A 1 6   ? -16.455 0.687   -3.849  1.00 85.08  ? 964  GLN A N   1 
ATOM   33   C CA  . GLN A 1 6   ? -15.909 1.825   -4.584  1.00 81.93  ? 964  GLN A CA  1 
ATOM   34   C C   . GLN A 1 6   ? -14.788 2.598   -3.873  1.00 79.06  ? 964  GLN A C   1 
ATOM   35   O O   . GLN A 1 6   ? -13.765 2.860   -4.511  1.00 77.00  ? 964  GLN A O   1 
ATOM   36   C CB  . GLN A 1 6   ? -17.012 2.775   -5.040  1.00 82.87  ? 964  GLN A CB  1 
ATOM   37   C CG  . GLN A 1 6   ? -17.930 2.117   -6.078  1.00 94.75  ? 964  GLN A CG  1 
ATOM   38   C CD  . GLN A 1 6   ? -17.259 1.647   -7.375  1.00 115.80 ? 964  GLN A CD  1 
ATOM   39   O OE1 . GLN A 1 6   ? -16.370 2.307   -7.952  1.00 113.02 ? 964  GLN A OE1 1 
ATOM   40   N NE2 . GLN A 1 6   ? -17.688 0.487   -7.874  1.00 104.12 ? 964  GLN A NE2 1 
ATOM   41   N N   . PRO A 1 7   ? -14.894 2.952   -2.587  1.00 73.25  ? 965  PRO A N   1 
ATOM   42   C CA  . PRO A 1 7   ? -13.780 3.706   -1.990  1.00 73.54  ? 965  PRO A CA  1 
ATOM   43   C C   . PRO A 1 7   ? -12.456 2.948   -1.947  1.00 76.24  ? 965  PRO A C   1 
ATOM   44   O O   . PRO A 1 7   ? -11.415 3.594   -2.100  1.00 76.80  ? 965  PRO A O   1 
ATOM   45   C CB  . PRO A 1 7   ? -14.281 4.102   -0.599  1.00 75.17  ? 965  PRO A CB  1 
ATOM   46   C CG  . PRO A 1 7   ? -15.394 3.212   -0.332  1.00 79.22  ? 965  PRO A CG  1 
ATOM   47   C CD  . PRO A 1 7   ? -16.009 2.806   -1.639  1.00 74.06  ? 965  PRO A CD  1 
ATOM   48   N N   . ILE A 1 8   ? -12.480 1.603   -1.772  1.00 68.86  ? 966  ILE A N   1 
ATOM   49   C CA  . ILE A 1 8   ? -11.243 0.807   -1.789  1.00 66.64  ? 966  ILE A CA  1 
ATOM   50   C C   . ILE A 1 8   ? -10.659 0.789   -3.209  1.00 68.33  ? 966  ILE A C   1 
ATOM   51   O O   . ILE A 1 8   ? -9.453  0.979   -3.368  1.00 67.69  ? 966  ILE A O   1 
ATOM   52   C CB  . ILE A 1 8   ? -11.392 -0.614  -1.214  1.00 68.49  ? 966  ILE A CB  1 
ATOM   53   C CG1 . ILE A 1 8   ? -11.702 -0.572  0.280   1.00 67.17  ? 966  ILE A CG1 1 
ATOM   54   C CG2 . ILE A 1 8   ? -10.105 -1.420  -1.441  1.00 69.27  ? 966  ILE A CG2 1 
ATOM   55   C CD1 . ILE A 1 8   ? -12.135 -1.954  0.880   1.00 62.83  ? 966  ILE A CD1 1 
ATOM   56   N N   . LEU A 1 9   ? -11.507 0.583   -4.225  1.00 63.40  ? 967  LEU A N   1 
ATOM   57   C CA  . LEU A 1 9   ? -11.057 0.610   -5.604  1.00 63.32  ? 967  LEU A CA  1 
ATOM   58   C C   . LEU A 1 9   ? -10.458 1.975   -5.953  1.00 68.63  ? 967  LEU A C   1 
ATOM   59   O O   . LEU A 1 9   ? -9.404  2.019   -6.593  1.00 70.72  ? 967  LEU A O   1 
ATOM   60   C CB  . LEU A 1 9   ? -12.183 0.235   -6.581  1.00 63.26  ? 967  LEU A CB  1 
ATOM   61   C CG  . LEU A 1 9   ? -11.819 0.305   -8.073  1.00 67.78  ? 967  LEU A CG  1 
ATOM   62   C CD1 . LEU A 1 9   ? -10.697 -0.705  -8.441  1.00 67.83  ? 967  LEU A CD1 1 
ATOM   63   C CD2 . LEU A 1 9   ? -13.046 0.130   -8.948  1.00 69.45  ? 967  LEU A CD2 1 
ATOM   64   N N   . ALA A 1 10  ? -11.088 3.070   -5.504  1.00 62.44  ? 968  ALA A N   1 
ATOM   65   C CA  . ALA A 1 10  ? -10.579 4.404   -5.768  1.00 61.35  ? 968  ALA A CA  1 
ATOM   66   C C   . ALA A 1 10  ? -9.232  4.646   -5.076  1.00 65.95  ? 968  ALA A C   1 
ATOM   67   O O   . ALA A 1 10  ? -8.343  5.248   -5.678  1.00 67.39  ? 968  ALA A O   1 
ATOM   68   C CB  . ALA A 1 10  ? -11.595 5.445   -5.347  1.00 62.32  ? 968  ALA A CB  1 
ATOM   69   N N   . ALA A 1 11  ? -9.065  4.161   -3.833  1.00 61.96  ? 969  ALA A N   1 
ATOM   70   C CA  . ALA A 1 11  ? -7.794  4.275   -3.116  1.00 62.50  ? 969  ALA A CA  1 
ATOM   71   C C   . ALA A 1 11  ? -6.701  3.493   -3.870  1.00 66.68  ? 969  ALA A C   1 
ATOM   72   O O   . ALA A 1 11  ? -5.580  3.985   -4.007  1.00 67.15  ? 969  ALA A O   1 
ATOM   73   C CB  . ALA A 1 11  ? -7.934  3.745   -1.688  1.00 63.55  ? 969  ALA A CB  1 
ATOM   74   N N   . ALA A 1 12  ? -7.046  2.304   -4.394  1.00 61.79  ? 970  ALA A N   1 
ATOM   75   C CA  . ALA A 1 12  ? -6.150  1.466   -5.178  1.00 60.52  ? 970  ALA A CA  1 
ATOM   76   C C   . ALA A 1 12  ? -5.720  2.191   -6.470  1.00 59.80  ? 970  ALA A C   1 
ATOM   77   O O   . ALA A 1 12  ? -4.529  2.215   -6.771  1.00 59.95  ? 970  ALA A O   1 
ATOM   78   C CB  . ALA A 1 12  ? -6.838  0.148   -5.509  1.00 61.60  ? 970  ALA A CB  1 
ATOM   79   N N   . GLN A 1 13  ? -6.677  2.801   -7.202  1.00 52.18  ? 971  GLN A N   1 
ATOM   80   C CA  . GLN A 1 13  ? -6.408  3.568   -8.422  1.00 51.05  ? 971  GLN A CA  1 
ATOM   81   C C   . GLN A 1 13  ? -5.571  4.824   -8.143  1.00 59.90  ? 971  GLN A C   1 
ATOM   82   O O   . GLN A 1 13  ? -4.742  5.214   -8.961  1.00 60.78  ? 971  GLN A O   1 
ATOM   83   C CB  . GLN A 1 13  ? -7.696  3.927   -9.132  1.00 50.83  ? 971  GLN A CB  1 
ATOM   84   C CG  . GLN A 1 13  ? -8.402  2.684   -9.689  1.00 60.33  ? 971  GLN A CG  1 
ATOM   85   C CD  . GLN A 1 13  ? -9.725  2.980   -10.343 1.00 75.09  ? 971  GLN A CD  1 
ATOM   86   O OE1 . GLN A 1 13  ? -10.400 3.970   -10.050 1.00 79.31  ? 971  GLN A OE1 1 
ATOM   87   N NE2 . GLN A 1 13  ? -10.052 2.199   -11.348 1.00 55.84  ? 971  GLN A NE2 1 
ATOM   88   N N   . SER A 1 14  ? -5.760  5.436   -6.984  1.00 57.42  ? 972  SER A N   1 
ATOM   89   C CA  . SER A 1 14  ? -4.980  6.580   -6.565  1.00 57.62  ? 972  SER A CA  1 
ATOM   90   C C   . SER A 1 14  ? -3.482  6.196   -6.486  1.00 60.96  ? 972  SER A C   1 
ATOM   91   O O   . SER A 1 14  ? -2.638  6.924   -7.027  1.00 63.50  ? 972  SER A O   1 
ATOM   92   C CB  . SER A 1 14  ? -5.490  7.098   -5.219  1.00 62.42  ? 972  SER A CB  1 
ATOM   93   O OG  . SER A 1 14  ? -4.738  8.199   -4.721  1.00 70.82  ? 972  SER A OG  1 
ATOM   94   N N   . LEU A 1 15  ? -3.187  5.083   -5.821  1.00 52.96  ? 973  LEU A N   1 
ATOM   95   C CA  . LEU A 1 15  ? -1.824  4.583   -5.696  1.00 51.33  ? 973  LEU A CA  1 
ATOM   96   C C   . LEU A 1 15  ? -1.240  4.165   -7.048  1.00 54.71  ? 973  LEU A C   1 
ATOM   97   O O   . LEU A 1 15  ? -0.072  4.425   -7.335  1.00 54.77  ? 973  LEU A O   1 
ATOM   98   C CB  . LEU A 1 15  ? -1.771  3.410   -4.715  1.00 50.68  ? 973  LEU A CB  1 
ATOM   99   C CG  . LEU A 1 15  ? -0.409  2.736   -4.538  1.00 55.36  ? 973  LEU A CG  1 
ATOM   100  C CD1 . LEU A 1 15  ? 0.602   3.712   -3.956  1.00 54.07  ? 973  LEU A CD1 1 
ATOM   101  C CD2 . LEU A 1 15  ? -0.532  1.499   -3.662  1.00 58.38  ? 973  LEU A CD2 1 
ATOM   102  N N   . HIS A 1 16  ? -2.075  3.516   -7.855  1.00 49.33  ? 974  HIS A N   1 
ATOM   103  C CA  . HIS A 1 16  ? -1.694  3.045   -9.181  1.00 48.32  ? 974  HIS A CA  1 
ATOM   104  C C   . HIS A 1 16  ? -1.339  4.206   -10.102 1.00 55.47  ? 974  HIS A C   1 
ATOM   105  O O   . HIS A 1 16  ? -0.401  4.117   -10.895 1.00 57.33  ? 974  HIS A O   1 
ATOM   106  C CB  . HIS A 1 16  ? -2.821  2.213   -9.797  1.00 48.30  ? 974  HIS A CB  1 
ATOM   107  C CG  . HIS A 1 16  ? -2.489  1.652   -11.145 1.00 51.00  ? 974  HIS A CG  1 
ATOM   108  N ND1 . HIS A 1 16  ? -1.453  0.765   -11.348 1.00 52.01  ? 974  HIS A ND1 1 
ATOM   109  C CD2 . HIS A 1 16  ? -3.056  1.850   -12.358 1.00 51.66  ? 974  HIS A CD2 1 
ATOM   110  C CE1 . HIS A 1 16  ? -1.396  0.442   -12.628 1.00 51.05  ? 974  HIS A CE1 1 
ATOM   111  N NE2 . HIS A 1 16  ? -2.358  1.087   -13.263 1.00 51.28  ? 974  HIS A NE2 1 
ATOM   112  N N   . TRP A 1 17  ? -2.093  5.296   -9.993  1.00 52.09  ? 975  TRP A N   1 
ATOM   113  C CA  . TRP A 1 17  ? -1.853  6.467   -10.822 1.00 50.67  ? 975  TRP A CA  1 
ATOM   114  C C   . TRP A 1 17  ? -0.458  7.000   -10.535 1.00 55.31  ? 975  TRP A C   1 
ATOM   115  O O   . TRP A 1 17  ? 0.266   7.399   -11.447 1.00 54.23  ? 975  TRP A O   1 
ATOM   116  C CB  . TRP A 1 17  ? -2.899  7.547   -10.546 1.00 48.68  ? 975  TRP A CB  1 
ATOM   117  C CG  . TRP A 1 17  ? -2.687  8.804   -11.333 1.00 48.56  ? 975  TRP A CG  1 
ATOM   118  C CD1 . TRP A 1 17  ? -2.198  9.990   -10.867 1.00 51.03  ? 975  TRP A CD1 1 
ATOM   119  C CD2 . TRP A 1 17  ? -2.957  9.002   -12.726 1.00 47.89  ? 975  TRP A CD2 1 
ATOM   120  N NE1 . TRP A 1 17  ? -2.146  10.913  -11.883 1.00 50.14  ? 975  TRP A NE1 1 
ATOM   121  C CE2 . TRP A 1 17  ? -2.607  10.331  -13.034 1.00 50.77  ? 975  TRP A CE2 1 
ATOM   122  C CE3 . TRP A 1 17  ? -3.461  8.184   -13.742 1.00 48.16  ? 975  TRP A CE3 1 
ATOM   123  C CZ2 . TRP A 1 17  ? -2.745  10.861  -14.316 1.00 49.21  ? 975  TRP A CZ2 1 
ATOM   124  C CZ3 . TRP A 1 17  ? -3.597  8.712   -15.013 1.00 49.51  ? 975  TRP A CZ3 1 
ATOM   125  C CH2 . TRP A 1 17  ? -3.240  10.038  -15.289 1.00 49.99  ? 975  TRP A CH2 1 
ATOM   126  N N   . GLU A 1 18  ? -0.081  6.996   -9.260  1.00 53.10  ? 976  GLU A N   1 
ATOM   127  C CA  . GLU A 1 18  ? 1.227   7.453   -8.869  1.00 53.80  ? 976  GLU A CA  1 
ATOM   128  C C   . GLU A 1 18  ? 2.362   6.520   -9.220  1.00 57.64  ? 976  GLU A C   1 
ATOM   129  O O   . GLU A 1 18  ? 3.339   6.924   -9.787  1.00 56.83  ? 976  GLU A O   1 
ATOM   130  C CB  . GLU A 1 18  ? 1.235   7.668   -7.376  1.00 55.67  ? 976  GLU A CB  1 
ATOM   131  C CG  . GLU A 1 18  ? 2.402   8.481   -6.888  1.00 71.68  ? 976  GLU A CG  1 
ATOM   132  C CD  . GLU A 1 18  ? 2.332   9.903   -7.348  1.00 96.63  ? 976  GLU A CD  1 
ATOM   133  O OE1 . GLU A 1 18  ? 1.230   10.457  -7.433  1.00 65.01  ? 976  GLU A OE1 1 
ATOM   134  O OE2 . GLU A 1 18  ? 3.392   10.460  -7.627  1.00 105.21 ? 976  GLU A OE2 1 
ATOM   135  N N   . ALA A 1 19  ? 2.209   5.249   -8.905  1.00 54.54  ? 977  ALA A N   1 
ATOM   136  C CA  . ALA A 1 19  ? 3.221   4.245   -9.186  1.00 54.55  ? 977  ALA A CA  1 
ATOM   137  C C   . ALA A 1 19  ? 3.500   4.081   -10.680 1.00 59.35  ? 977  ALA A C   1 
ATOM   138  O O   . ALA A 1 19  ? 4.653   3.833   -11.056 1.00 59.84  ? 977  ALA A O   1 
ATOM   139  C CB  . ALA A 1 19  ? 2.843   2.921   -8.555  1.00 55.27  ? 977  ALA A CB  1 
ATOM   140  N N   . THR A 1 20  ? 2.474   4.276   -11.539 1.00 54.54  ? 978  THR A N   1 
ATOM   141  C CA  . THR A 1 20  ? 2.671   4.069   -12.972 1.00 54.89  ? 978  THR A CA  1 
ATOM   142  C C   . THR A 1 20  ? 3.267   5.288   -13.648 1.00 62.72  ? 978  THR A C   1 
ATOM   143  O O   . THR A 1 20  ? 3.417   5.279   -14.869 1.00 63.71  ? 978  THR A O   1 
ATOM   144  C CB  . THR A 1 20  ? 1.420   3.525   -13.683 1.00 54.86  ? 978  THR A CB  1 
ATOM   145  O OG1 . THR A 1 20  ? 0.350   4.435   -13.532 1.00 59.93  ? 978  THR A OG1 1 
ATOM   146  C CG2 . THR A 1 20  ? 1.000   2.153   -13.172 1.00 47.85  ? 978  THR A CG2 1 
ATOM   147  N N   . LYS A 1 21  ? 3.678   6.296   -12.863 1.00 60.49  ? 979  LYS A N   1 
ATOM   148  C CA  . LYS A 1 21  ? 4.411   7.439   -13.389 1.00 61.08  ? 979  LYS A CA  1 
ATOM   149  C C   . LYS A 1 21  ? 5.833   6.969   -13.709 1.00 69.45  ? 979  LYS A C   1 
ATOM   150  O O   . LYS A 1 21  ? 6.499   7.601   -14.534 1.00 69.78  ? 979  LYS A O   1 
ATOM   151  C CB  . LYS A 1 21  ? 4.491   8.572   -12.355 1.00 62.29  ? 979  LYS A CB  1 
ATOM   152  C CG  . LYS A 1 21  ? 3.221   9.390   -12.281 1.00 63.91  ? 979  LYS A CG  1 
ATOM   153  C CD  . LYS A 1 21  ? 3.216   10.303  -11.058 1.00 74.85  ? 979  LYS A CD  1 
ATOM   154  C CE  . LYS A 1 21  ? 2.048   11.234  -11.110 1.00 64.70  ? 979  LYS A CE  1 
ATOM   155  N NZ  . LYS A 1 21  ? 2.226   12.245  -10.067 1.00 74.38  ? 979  LYS A NZ  1 
ATOM   156  N N   . TRP A 1 22  ? 6.298   5.871   -13.063 1.00 67.25  ? 980  TRP A N   1 
ATOM   157  C CA  . TRP A 1 22  ? 7.655   5.383   -13.239 1.00 67.92  ? 980  TRP A CA  1 
ATOM   158  C C   . TRP A 1 22  ? 7.743   3.927   -13.633 1.00 68.64  ? 980  TRP A C   1 
ATOM   159  O O   . TRP A 1 22  ? 6.819   3.141   -13.402 1.00 70.41  ? 980  TRP A O   1 
ATOM   160  C CB  . TRP A 1 22  ? 8.479   5.612   -11.962 1.00 68.60  ? 980  TRP A CB  1 
ATOM   161  C CG  . TRP A 1 22  ? 8.738   7.053   -11.610 1.00 71.61  ? 980  TRP A CG  1 
ATOM   162  C CD1 . TRP A 1 22  ? 9.736   7.866   -12.085 1.00 74.97  ? 980  TRP A CD1 1 
ATOM   163  C CD2 . TRP A 1 22  ? 8.013   7.826   -10.660 1.00 72.13  ? 980  TRP A CD2 1 
ATOM   164  N NE1 . TRP A 1 22  ? 9.663   9.110   -11.486 1.00 74.94  ? 980  TRP A NE1 1 
ATOM   165  C CE2 . TRP A 1 22  ? 8.622   9.107   -10.598 1.00 76.65  ? 980  TRP A CE2 1 
ATOM   166  C CE3 . TRP A 1 22  ? 6.919   7.554   -9.831  1.00 73.87  ? 980  TRP A CE3 1 
ATOM   167  C CZ2 . TRP A 1 22  ? 8.158   10.109  -9.761  1.00 76.48  ? 980  TRP A CZ2 1 
ATOM   168  C CZ3 . TRP A 1 22  ? 6.463   8.554   -8.996  1.00 76.39  ? 980  TRP A CZ3 1 
ATOM   169  C CH2 . TRP A 1 22  ? 7.086   9.811   -8.957  1.00 77.23  ? 980  TRP A CH2 1 
ATOM   170  N N   . SER A 1 23  ? 8.883   3.575   -14.214 1.00 60.19  ? 981  SER A N   1 
ATOM   171  C CA  . SER A 1 23  ? 9.269   2.232   -14.590 1.00 57.49  ? 981  SER A CA  1 
ATOM   172  C C   . SER A 1 23  ? 9.657   1.379   -13.350 1.00 60.18  ? 981  SER A C   1 
ATOM   173  O O   . SER A 1 23  ? 10.265  1.888   -12.395 1.00 59.60  ? 981  SER A O   1 
ATOM   174  C CB  . SER A 1 23  ? 10.447  2.320   -15.546 1.00 57.20  ? 981  SER A CB  1 
ATOM   175  O OG  . SER A 1 23  ? 10.848  1.020   -15.915 1.00 60.41  ? 981  SER A OG  1 
ATOM   176  N N   . SER A 1 24  ? 9.306   0.081   -13.377 1.00 56.40  ? 982  SER A N   1 
ATOM   177  C CA  . SER A 1 24  ? 9.649   -0.868  -12.302 1.00 55.72  ? 982  SER A CA  1 
ATOM   178  C C   . SER A 1 24  ? 11.079  -1.355  -12.458 1.00 60.46  ? 982  SER A C   1 
ATOM   179  O O   . SER A 1 24  ? 11.646  -1.872  -11.496 1.00 59.80  ? 982  SER A O   1 
ATOM   180  C CB  . SER A 1 24  ? 8.719   -2.077  -12.320 1.00 55.00  ? 982  SER A CB  1 
ATOM   181  O OG  . SER A 1 24  ? 7.381   -1.713  -12.056 1.00 60.48  ? 982  SER A OG  1 
ATOM   182  N N   . LYS A 1 25  ? 11.589  -1.222  -13.681 1.00 58.02  ? 983  LYS A N   1 
ATOM   183  C CA  . LYS A 1 25  ? 12.929  -1.642  -14.044 1.00 57.75  ? 983  LYS A CA  1 
ATOM   184  C C   . LYS A 1 25  ? 13.898  -0.983  -13.099 1.00 63.77  ? 983  LYS A C   1 
ATOM   185  O O   . LYS A 1 25  ? 13.975  0.243   -13.019 1.00 64.25  ? 983  LYS A O   1 
ATOM   186  C CB  . LYS A 1 25  ? 13.246  -1.246  -15.487 1.00 60.25  ? 983  LYS A CB  1 
ATOM   187  C CG  . LYS A 1 25  ? 12.313  -1.861  -16.518 1.00 69.07  ? 983  LYS A CG  1 
ATOM   188  C CD  . LYS A 1 25  ? 12.683  -1.425  -17.927 1.00 56.05  ? 983  LYS A CD  1 
ATOM   189  C CE  . LYS A 1 25  ? 11.755  -2.046  -18.958 1.00 52.37  ? 983  LYS A CE  1 
ATOM   190  N NZ  . LYS A 1 25  ? 11.810  -3.534  -18.931 1.00 70.64  ? 983  LYS A NZ  1 
ATOM   191  N N   . GLY A 1 26  ? 14.640  -1.803  -12.372 1.00 59.03  ? 984  GLY A N   1 
ATOM   192  C CA  . GLY A 1 26  ? 15.588  -1.271  -11.413 1.00 58.27  ? 984  GLY A CA  1 
ATOM   193  C C   . GLY A 1 26  ? 14.970  -0.458  -10.282 1.00 62.10  ? 984  GLY A C   1 
ATOM   194  O O   . GLY A 1 26  ? 15.676  0.328   -9.646  1.00 64.18  ? 984  GLY A O   1 
ATOM   195  N N   . ASN A 1 27  ? 13.654  -0.579  -10.119 1.00 56.07  ? 985  ASN A N   1 
ATOM   196  C CA  . ASN A 1 27  ? 12.900  0.162   -9.109  1.00 55.30  ? 985  ASN A CA  1 
ATOM   197  C C   . ASN A 1 27  ? 11.896  -0.712  -8.359  1.00 61.75  ? 985  ASN A C   1 
ATOM   198  O O   . ASN A 1 27  ? 10.719  -0.757  -8.718  1.00 63.50  ? 985  ASN A O   1 
ATOM   199  C CB  . ASN A 1 27  ? 12.180  1.352   -9.748  1.00 53.42  ? 985  ASN A CB  1 
ATOM   200  C CG  . ASN A 1 27  ? 11.625  2.317   -8.719  1.00 64.34  ? 985  ASN A CG  1 
ATOM   201  O OD1 . ASN A 1 27  ? 12.183  2.475   -7.634  1.00 63.83  ? 985  ASN A OD1 1 
ATOM   202  N ND2 . ASN A 1 27  ? 10.519  2.970   -9.058  1.00 45.28  ? 985  ASN A ND2 1 
ATOM   203  N N   . ASP A 1 28  ? 12.356  -1.407  -7.327  1.00 59.64  ? 986  ASP A N   1 
ATOM   204  C CA  . ASP A 1 28  ? 11.482  -2.283  -6.550  1.00 60.27  ? 986  ASP A CA  1 
ATOM   205  C C   . ASP A 1 28  ? 10.334  -1.555  -5.843  1.00 62.55  ? 986  ASP A C   1 
ATOM   206  O O   . ASP A 1 28  ? 9.214   -2.064  -5.786  1.00 62.95  ? 986  ASP A O   1 
ATOM   207  C CB  . ASP A 1 28  ? 12.300  -3.079  -5.529  1.00 62.66  ? 986  ASP A CB  1 
ATOM   208  C CG  . ASP A 1 28  ? 13.166  -4.141  -6.177  1.00 73.79  ? 986  ASP A CG  1 
ATOM   209  O OD1 . ASP A 1 28  ? 12.933  -4.458  -7.362  1.00 70.83  ? 986  ASP A OD1 1 
ATOM   210  O OD2 . ASP A 1 28  ? 14.081  -4.658  -5.502  1.00 82.56  ? 986  ASP A OD2 1 
ATOM   211  N N   . ILE A 1 29  ? 10.613  -0.374  -5.299  1.00 56.72  ? 987  ILE A N   1 
ATOM   212  C CA  . ILE A 1 29  ? 9.613   0.391   -4.577  1.00 55.72  ? 987  ILE A CA  1 
ATOM   213  C C   . ILE A 1 29  ? 8.429   0.518   -5.534  1.00 57.17  ? 987  ILE A C   1 
ATOM   214  O O   . ILE A 1 29  ? 7.295   0.229   -5.143  1.00 56.32  ? 987  ILE A O   1 
ATOM   215  C CB  . ILE A 1 29  ? 10.156  1.765   -4.122  1.00 59.18  ? 987  ILE A CB  1 
ATOM   216  C CG1 . ILE A 1 29  ? 11.013  1.595   -2.848  1.00 59.70  ? 987  ILE A CG1 1 
ATOM   217  C CG2 . ILE A 1 29  ? 9.018   2.759   -3.886  1.00 59.07  ? 987  ILE A CG2 1 
ATOM   218  C CD1 . ILE A 1 29  ? 11.622  2.891   -2.329  1.00 61.62  ? 987  ILE A CD1 1 
ATOM   219  N N   . ILE A 1 30  ? 8.704   0.934   -6.787  1.00 51.84  ? 988  ILE A N   1 
ATOM   220  C CA  . ILE A 1 30  ? 7.698   1.046   -7.827  1.00 51.06  ? 988  ILE A CA  1 
ATOM   221  C C   . ILE A 1 30  ? 7.023   -0.320  -8.063  1.00 56.68  ? 988  ILE A C   1 
ATOM   222  O O   . ILE A 1 30  ? 5.790   -0.386  -8.057  1.00 54.82  ? 988  ILE A O   1 
ATOM   223  C CB  . ILE A 1 30  ? 8.277   1.681   -9.119  1.00 54.12  ? 988  ILE A CB  1 
ATOM   224  C CG1 . ILE A 1 30  ? 8.680   3.167   -8.895  1.00 53.83  ? 988  ILE A CG1 1 
ATOM   225  C CG2 . ILE A 1 30  ? 7.314   1.531   -10.299 1.00 54.35  ? 988  ILE A CG2 1 
ATOM   226  C CD1 . ILE A 1 30  ? 7.589   4.072   -8.405  1.00 52.96  ? 988  ILE A CD1 1 
ATOM   227  N N   . ALA A 1 31  ? 7.810   -1.417  -8.230  1.00 55.43  ? 989  ALA A N   1 
ATOM   228  C CA  . ALA A 1 31  ? 7.225   -2.757  -8.418  1.00 55.39  ? 989  ALA A CA  1 
ATOM   229  C C   . ALA A 1 31  ? 6.276   -3.168  -7.267  1.00 59.91  ? 989  ALA A C   1 
ATOM   230  O O   . ALA A 1 31  ? 5.143   -3.574  -7.519  1.00 60.60  ? 989  ALA A O   1 
ATOM   231  C CB  . ALA A 1 31  ? 8.319   -3.787  -8.593  1.00 56.31  ? 989  ALA A CB  1 
ATOM   232  N N   . ALA A 1 32  ? 6.723   -3.017  -6.005  1.00 56.31  ? 990  ALA A N   1 
ATOM   233  C CA  . ALA A 1 32  ? 5.924   -3.359  -4.809  1.00 55.17  ? 990  ALA A CA  1 
ATOM   234  C C   . ALA A 1 32  ? 4.661   -2.507  -4.694  1.00 60.23  ? 990  ALA A C   1 
ATOM   235  O O   . ALA A 1 32  ? 3.594   -3.041  -4.381  1.00 60.28  ? 990  ALA A O   1 
ATOM   236  C CB  . ALA A 1 32  ? 6.764   -3.245  -3.543  1.00 55.06  ? 990  ALA A CB  1 
ATOM   237  N N   . ALA A 1 33  ? 4.774   -1.188  -4.990  1.00 55.01  ? 991  ALA A N   1 
ATOM   238  C CA  . ALA A 1 33  ? 3.646   -0.265  -4.967  1.00 53.04  ? 991  ALA A CA  1 
ATOM   239  C C   . ALA A 1 33  ? 2.591   -0.657  -6.023  1.00 58.39  ? 991  ALA A C   1 
ATOM   240  O O   . ALA A 1 33  ? 1.386   -0.552  -5.749  1.00 60.24  ? 991  ALA A O   1 
ATOM   241  C CB  . ALA A 1 33  ? 4.131   1.156   -5.207  1.00 53.14  ? 991  ALA A CB  1 
ATOM   242  N N   . LYS A 1 34  ? 3.037   -1.081  -7.234  1.00 52.04  ? 992  LYS A N   1 
ATOM   243  C CA  . LYS A 1 34  ? 2.144   -1.514  -8.301  1.00 50.22  ? 992  LYS A CA  1 
ATOM   244  C C   . LYS A 1 34  ? 1.437   -2.791  -7.847  1.00 56.82  ? 992  LYS A C   1 
ATOM   245  O O   . LYS A 1 34  ? 0.233   -2.944  -8.077  1.00 57.36  ? 992  LYS A O   1 
ATOM   246  C CB  . LYS A 1 34  ? 2.934   -1.759  -9.595  1.00 49.93  ? 992  LYS A CB  1 
ATOM   247  C CG  . LYS A 1 34  ? 3.154   -0.506  -10.423 1.00 51.88  ? 992  LYS A CG  1 
ATOM   248  C CD  . LYS A 1 34  ? 4.244   -0.697  -11.502 1.00 46.14  ? 992  LYS A CD  1 
ATOM   249  C CE  . LYS A 1 34  ? 4.447   0.533   -12.369 1.00 49.50  ? 992  LYS A CE  1 
ATOM   250  N NZ  . LYS A 1 34  ? 5.733   0.480   -13.131 1.00 52.96  ? 992  LYS A NZ  1 
ATOM   251  N N   . ARG A 1 35  ? 2.172   -3.692  -7.204  1.00 54.27  ? 993  ARG A N   1 
ATOM   252  C CA  . ARG A 1 35  ? 1.585   -4.933  -6.723  1.00 54.63  ? 993  ARG A CA  1 
ATOM   253  C C   . ARG A 1 35  ? 0.515   -4.634  -5.679  1.00 59.19  ? 993  ARG A C   1 
ATOM   254  O O   . ARG A 1 35  ? -0.550  -5.252  -5.671  1.00 58.14  ? 993  ARG A O   1 
ATOM   255  C CB  . ARG A 1 35  ? 2.661   -5.845  -6.131  1.00 53.76  ? 993  ARG A CB  1 
ATOM   256  C CG  . ARG A 1 35  ? 3.628   -6.411  -7.157  1.00 57.13  ? 993  ARG A CG  1 
ATOM   257  C CD  . ARG A 1 35  ? 4.459   -7.539  -6.568  1.00 64.58  ? 993  ARG A CD  1 
ATOM   258  N NE  . ARG A 1 35  ? 5.306   -7.080  -5.471  1.00 70.33  ? 993  ARG A NE  1 
ATOM   259  C CZ  . ARG A 1 35  ? 6.516   -6.553  -5.630  1.00 85.33  ? 993  ARG A CZ  1 
ATOM   260  N NH1 . ARG A 1 35  ? 7.215   -6.162  -4.573  1.00 70.19  ? 993  ARG A NH1 1 
ATOM   261  N NH2 . ARG A 1 35  ? 7.026   -6.416  -6.845  1.00 83.00  ? 993  ARG A NH2 1 
ATOM   262  N N   . MET A 1 36  ? 0.805   -3.679  -4.799  1.00 56.25  ? 994  MET A N   1 
ATOM   263  C CA  . MET A 1 36  ? -0.133  -3.291  -3.751  1.00 56.16  ? 994  MET A CA  1 
ATOM   264  C C   . MET A 1 36  ? -1.414  -2.699  -4.332  1.00 57.67  ? 994  MET A C   1 
ATOM   265  O O   . MET A 1 36  ? -2.513  -2.993  -3.863  1.00 57.88  ? 994  MET A O   1 
ATOM   266  C CB  . MET A 1 36  ? 0.519   -2.292  -2.792  1.00 59.46  ? 994  MET A CB  1 
ATOM   267  C CG  . MET A 1 36  ? 1.637   -2.882  -1.949  1.00 65.79  ? 994  MET A CG  1 
ATOM   268  S SD  . MET A 1 36  ? 2.436   -1.654  -0.896  1.00 72.37  ? 994  MET A SD  1 
ATOM   269  C CE  . MET A 1 36  ? 1.157   -1.373  0.327   1.00 68.61  ? 994  MET A CE  1 
ATOM   270  N N   . ALA A 1 37  ? -1.264  -1.865  -5.357  1.00 50.44  ? 995  ALA A N   1 
ATOM   271  C CA  . ALA A 1 37  ? -2.408  -1.235  -6.007  1.00 49.36  ? 995  ALA A CA  1 
ATOM   272  C C   . ALA A 1 37  ? -3.295  -2.292  -6.648  1.00 52.85  ? 995  ALA A C   1 
ATOM   273  O O   . ALA A 1 37  ? -4.523  -2.215  -6.586  1.00 51.65  ? 995  ALA A O   1 
ATOM   274  C CB  . ALA A 1 37  ? -1.941  -0.227  -7.044  1.00 50.10  ? 995  ALA A CB  1 
ATOM   275  N N   . LEU A 1 38  ? -2.658  -3.281  -7.263  1.00 50.69  ? 996  LEU A N   1 
ATOM   276  C CA  . LEU A 1 38  ? -3.374  -4.392  -7.933  1.00 49.64  ? 996  LEU A CA  1 
ATOM   277  C C   . LEU A 1 38  ? -4.097  -5.278  -6.925  1.00 51.20  ? 996  LEU A C   1 
ATOM   278  O O   . LEU A 1 38  ? -5.253  -5.651  -7.151  1.00 49.52  ? 996  LEU A O   1 
ATOM   279  C CB  . LEU A 1 38  ? -2.422  -5.235  -8.813  1.00 49.01  ? 996  LEU A CB  1 
ATOM   280  C CG  . LEU A 1 38  ? -1.983  -4.613  -10.167 1.00 51.47  ? 996  LEU A CG  1 
ATOM   281  C CD1 . LEU A 1 38  ? -0.908  -5.453  -10.853 1.00 49.79  ? 996  LEU A CD1 1 
ATOM   282  C CD2 . LEU A 1 38  ? -3.150  -4.411  -11.097 1.00 50.58  ? 996  LEU A CD2 1 
ATOM   283  N N   . LEU A 1 39  ? -3.415  -5.589  -5.813  1.00 48.32  ? 997  LEU A N   1 
ATOM   284  C CA  . LEU A 1 39  ? -3.978  -6.410  -4.744  1.00 50.33  ? 997  LEU A CA  1 
ATOM   285  C C   . LEU A 1 39  ? -5.100  -5.692  -4.022  1.00 56.78  ? 997  LEU A C   1 
ATOM   286  O O   . LEU A 1 39  ? -6.107  -6.308  -3.688  1.00 55.15  ? 997  LEU A O   1 
ATOM   287  C CB  . LEU A 1 39  ? -2.907  -6.836  -3.744  1.00 50.72  ? 997  LEU A CB  1 
ATOM   288  C CG  . LEU A 1 39  ? -1.864  -7.822  -4.233  1.00 55.27  ? 997  LEU A CG  1 
ATOM   289  C CD1 . LEU A 1 39  ? -0.665  -7.846  -3.278  1.00 54.66  ? 997  LEU A CD1 1 
ATOM   290  C CD2 . LEU A 1 39  ? -2.471  -9.192  -4.461  1.00 56.22  ? 997  LEU A CD2 1 
ATOM   291  N N   . MET A 1 40  ? -4.946  -4.373  -3.811  1.00 55.67  ? 998  MET A N   1 
ATOM   292  C CA  . MET A 1 40  ? -5.975  -3.578  -3.161  1.00 55.20  ? 998  MET A CA  1 
ATOM   293  C C   . MET A 1 40  ? -7.239  -3.516  -4.024  1.00 60.11  ? 998  MET A C   1 
ATOM   294  O O   . MET A 1 40  ? -8.315  -3.505  -3.458  1.00 60.56  ? 998  MET A O   1 
ATOM   295  C CB  . MET A 1 40  ? -5.435  -2.206  -2.760  1.00 57.41  ? 998  MET A CB  1 
ATOM   296  C CG  . MET A 1 40  ? -6.329  -1.420  -1.869  1.00 61.46  ? 998  MET A CG  1 
ATOM   297  S SD  . MET A 1 40  ? -6.562  -2.205  -0.292  1.00 66.14  ? 998  MET A SD  1 
ATOM   298  C CE  . MET A 1 40  ? -5.108  -1.694  0.584   1.00 61.98  ? 998  MET A CE  1 
ATOM   299  N N   . ALA A 1 41  ? -7.129  -3.532  -5.375  1.00 57.59  ? 999  ALA A N   1 
ATOM   300  C CA  . ALA A 1 41  ? -8.312  -3.572  -6.267  1.00 57.67  ? 999  ALA A CA  1 
ATOM   301  C C   . ALA A 1 41  ? -9.025  -4.920  -6.119  1.00 65.42  ? 999  ALA A C   1 
ATOM   302  O O   . ALA A 1 41  ? -10.258 -4.981  -6.194  1.00 67.25  ? 999  ALA A O   1 
ATOM   303  C CB  . ALA A 1 41  ? -7.919  -3.368  -7.715  1.00 57.92  ? 999  ALA A CB  1 
ATOM   304  N N   . GLU A 1 42  ? -8.253  -5.992  -5.901  1.00 62.40  ? 1000 GLU A N   1 
ATOM   305  C CA  . GLU A 1 42  ? -8.800  -7.311  -5.670  1.00 64.04  ? 1000 GLU A CA  1 
ATOM   306  C C   . GLU A 1 42  ? -9.556  -7.316  -4.332  1.00 69.40  ? 1000 GLU A C   1 
ATOM   307  O O   . GLU A 1 42  ? -10.661 -7.865  -4.223  1.00 68.57  ? 1000 GLU A O   1 
ATOM   308  C CB  . GLU A 1 42  ? -7.665  -8.347  -5.696  1.00 66.42  ? 1000 GLU A CB  1 
ATOM   309  C CG  . GLU A 1 42  ? -8.090  -9.760  -5.318  1.00 89.84  ? 1000 GLU A CG  1 
ATOM   310  C CD  . GLU A 1 42  ? -9.236  -10.391 -6.103  1.00 126.70 ? 1000 GLU A CD  1 
ATOM   311  O OE1 . GLU A 1 42  ? -9.650  -9.831  -7.147  1.00 118.47 ? 1000 GLU A OE1 1 
ATOM   312  O OE2 . GLU A 1 42  ? -9.705  -11.474 -5.683  1.00 127.11 ? 1000 GLU A OE2 1 
ATOM   313  N N   . MET A 1 43  ? -8.962  -6.658  -3.333  1.00 66.83  ? 1001 MET A N   1 
ATOM   314  C CA  . MET A 1 43  ? -9.564  -6.469  -2.034  1.00 66.86  ? 1001 MET A CA  1 
ATOM   315  C C   . MET A 1 43  ? -10.952 -5.815  -2.117  1.00 72.45  ? 1001 MET A C   1 
ATOM   316  O O   . MET A 1 43  ? -11.854 -6.268  -1.439  1.00 72.68  ? 1001 MET A O   1 
ATOM   317  C CB  . MET A 1 43  ? -8.653  -5.673  -1.114  1.00 69.34  ? 1001 MET A CB  1 
ATOM   318  C CG  . MET A 1 43  ? -9.264  -5.554  0.241   1.00 73.56  ? 1001 MET A CG  1 
ATOM   319  S SD  . MET A 1 43  ? -8.309  -4.761  1.468   1.00 79.14  ? 1001 MET A SD  1 
ATOM   320  C CE  . MET A 1 43  ? -7.171  -6.066  1.903   1.00 76.00  ? 1001 MET A CE  1 
ATOM   321  N N   . SER A 1 44  ? -11.141 -4.784  -2.946  1.00 71.12  ? 1002 SER A N   1 
ATOM   322  C CA  . SER A 1 44  ? -12.453 -4.146  -3.051  1.00 72.28  ? 1002 SER A CA  1 
ATOM   323  C C   . SER A 1 44  ? -13.521 -5.095  -3.594  1.00 78.63  ? 1002 SER A C   1 
ATOM   324  O O   . SER A 1 44  ? -14.681 -4.971  -3.217  1.00 78.03  ? 1002 SER A O   1 
ATOM   325  C CB  . SER A 1 44  ? -12.384 -2.863  -3.873  1.00 75.79  ? 1002 SER A CB  1 
ATOM   326  O OG  . SER A 1 44  ? -12.536 -3.116  -5.258  1.00 78.13  ? 1002 SER A OG  1 
ATOM   327  N N   . ARG A 1 45  ? -13.131 -6.040  -4.470  1.00 77.17  ? 1003 ARG A N   1 
ATOM   328  C CA  . ARG A 1 45  ? -14.036 -7.064  -4.995  1.00 77.35  ? 1003 ARG A CA  1 
ATOM   329  C C   . ARG A 1 45  ? -14.386 -8.023  -3.850  1.00 82.93  ? 1003 ARG A C   1 
ATOM   330  O O   . ARG A 1 45  ? -15.558 -8.306  -3.612  1.00 82.69  ? 1003 ARG A O   1 
ATOM   331  C CB  . ARG A 1 45  ? -13.385 -7.851  -6.151  1.00 77.38  ? 1003 ARG A CB  1 
ATOM   332  C CG  . ARG A 1 45  ? -13.224 -7.054  -7.432  1.00 96.51  ? 1003 ARG A CG  1 
ATOM   333  C CD  . ARG A 1 45  ? -12.361 -7.736  -8.491  1.00 120.35 ? 1003 ARG A CD  1 
ATOM   334  N NE  . ARG A 1 45  ? -11.712 -6.730  -9.342  1.00 138.26 ? 1003 ARG A NE  1 
ATOM   335  C CZ  . ARG A 1 45  ? -10.395 -6.596  -9.508  1.00 150.18 ? 1003 ARG A CZ  1 
ATOM   336  N NH1 . ARG A 1 45  ? -9.555  -7.451  -8.937  1.00 133.53 ? 1003 ARG A NH1 1 
ATOM   337  N NH2 . ARG A 1 45  ? -9.913  -5.630  -10.280 1.00 132.96 ? 1003 ARG A NH2 1 
ATOM   338  N N   . LEU A 1 46  ? -13.369 -8.484  -3.122  1.00 81.11  ? 1004 LEU A N   1 
ATOM   339  C CA  . LEU A 1 46  ? -13.524 -9.467  -2.056  1.00 82.35  ? 1004 LEU A CA  1 
ATOM   340  C C   . LEU A 1 46  ? -14.379 -9.035  -0.876  1.00 94.37  ? 1004 LEU A C   1 
ATOM   341  O O   . LEU A 1 46  ? -15.155 -9.840  -0.374  1.00 95.07  ? 1004 LEU A O   1 
ATOM   342  C CB  . LEU A 1 46  ? -12.167 -9.948  -1.558  1.00 81.49  ? 1004 LEU A CB  1 
ATOM   343  C CG  . LEU A 1 46  ? -11.280 -10.679 -2.554  1.00 85.03  ? 1004 LEU A CG  1 
ATOM   344  C CD1 . LEU A 1 46  ? -9.946  -10.946 -1.942  1.00 85.15  ? 1004 LEU A CD1 1 
ATOM   345  C CD2 . LEU A 1 46  ? -11.906 -11.978 -3.047  1.00 86.58  ? 1004 LEU A CD2 1 
ATOM   346  N N   . VAL A 1 47  ? -14.222 -7.793  -0.410  1.00 96.15  ? 1005 VAL A N   1 
ATOM   347  C CA  . VAL A 1 47  ? -14.991 -7.241  0.720   1.00 97.76  ? 1005 VAL A CA  1 
ATOM   348  C C   . VAL A 1 47  ? -16.471 -7.155  0.299   1.00 109.05 ? 1005 VAL A C   1 
ATOM   349  O O   . VAL A 1 47  ? -17.369 -7.379  1.125   1.00 108.26 ? 1005 VAL A O   1 
ATOM   350  C CB  . VAL A 1 47  ? -14.404 -5.860  1.141   1.00 100.38 ? 1005 VAL A CB  1 
ATOM   351  C CG1 . VAL A 1 47  ? -15.286 -5.141  2.147   1.00 100.13 ? 1005 VAL A CG1 1 
ATOM   352  C CG2 . VAL A 1 47  ? -13.002 -6.010  1.702   1.00 99.97  ? 1005 VAL A CG2 1 
ATOM   353  N N   . ARG A 1 48  ? -16.706 -6.810  -0.963  1.00 111.64 ? 1006 ARG A N   1 
ATOM   354  C CA  . ARG A 1 48  ? -18.058 -6.672  -1.493  1.00 114.23 ? 1006 ARG A CA  1 
ATOM   355  C C   . ARG A 1 48  ? -18.637 -7.977  -2.033  1.00 124.61 ? 1006 ARG A C   1 
ATOM   356  O O   . ARG A 1 48  ? -19.807 -8.028  -2.415  1.00 125.59 ? 1006 ARG A O   1 
ATOM   357  C CB  . ARG A 1 48  ? -18.096 -5.595  -2.580  1.00 115.49 ? 1006 ARG A CB  1 
ATOM   358  C CG  . ARG A 1 48  ? -17.719 -4.206  -2.091  1.00 127.91 ? 1006 ARG A CG  1 
ATOM   359  C CD  . ARG A 1 48  ? -18.717 -3.692  -1.068  1.00 139.56 ? 1006 ARG A CD  1 
ATOM   360  N NE  . ARG A 1 48  ? -20.064 -3.583  -1.622  1.00 152.86 ? 1006 ARG A NE  1 
ATOM   361  C CZ  . ARG A 1 48  ? -20.492 -2.557  -2.350  1.00 172.33 ? 1006 ARG A CZ  1 
ATOM   362  N NH1 . ARG A 1 48  ? -19.677 -1.544  -2.615  1.00 159.79 ? 1006 ARG A NH1 1 
ATOM   363  N NH2 . ARG A 1 48  ? -21.733 -2.542  -2.814  1.00 162.81 ? 1006 ARG A NH2 1 
ATOM   364  N N   . GLY A 1 49  ? -17.832 -9.039  -1.999  1.00 123.79 ? 1007 GLY A N   1 
ATOM   365  C CA  . GLY A 1 49  ? -18.251 -10.357 -2.454  1.00 124.49 ? 1007 GLY A CA  1 
ATOM   366  C C   . GLY A 1 49  ? -18.697 -11.241 -1.297  1.00 130.32 ? 1007 GLY A C   1 
ATOM   367  O O   . GLY A 1 49  ? -17.992 -11.381 -0.297  1.00 129.73 ? 1007 GLY A O   1 
ATOM   368  N N   . GLY A 1 50  ? -19.881 -11.830 -1.439  1.00 127.69 ? 1008 GLY A N   1 
ATOM   369  C CA  . GLY A 1 50  ? -20.488 -12.679 -0.423  1.00 127.62 ? 1008 GLY A CA  1 
ATOM   370  C C   . GLY A 1 50  ? -19.902 -14.002 0.055   1.00 131.61 ? 1008 GLY A C   1 
ATOM   371  O O   . GLY A 1 50  ? -19.944 -14.284 1.252   1.00 131.45 ? 1008 GLY A O   1 
ATOM   372  N N   . SER A 1 51  ? -19.373 -14.823 -0.849  1.00 127.73 ? 1009 SER A N   1 
ATOM   373  C CA  . SER A 1 51  ? -18.835 -16.130 -0.451  1.00 126.78 ? 1009 SER A CA  1 
ATOM   374  C C   . SER A 1 51  ? -17.429 -16.431 -0.967  1.00 127.02 ? 1009 SER A C   1 
ATOM   375  O O   . SER A 1 51  ? -16.992 -15.862 -1.967  1.00 126.24 ? 1009 SER A O   1 
ATOM   376  C CB  . SER A 1 51  ? -19.792 -17.248 -0.875  1.00 130.42 ? 1009 SER A CB  1 
ATOM   377  O OG  . SER A 1 51  ? -19.907 -17.313 -2.286  1.00 137.72 ? 1009 SER A OG  1 
ATOM   378  N N   . GLY A 1 52  ? -16.720 -17.325 -0.276  1.00 120.35 ? 1010 GLY A N   1 
ATOM   379  C CA  . GLY A 1 52  ? -15.369 -17.671 -0.674  1.00 118.22 ? 1010 GLY A CA  1 
ATOM   380  C C   . GLY A 1 52  ? -14.397 -16.546 -0.385  1.00 117.31 ? 1010 GLY A C   1 
ATOM   381  O O   . GLY A 1 52  ? -13.187 -16.683 -0.565  1.00 116.63 ? 1010 GLY A O   1 
ATOM   382  N N   . THR A 1 53  ? -14.946 -15.428 0.070   1.00 109.55 ? 1011 THR A N   1 
ATOM   383  C CA  . THR A 1 53  ? -14.159 -14.252 0.410   1.00 106.58 ? 1011 THR A CA  1 
ATOM   384  C C   . THR A 1 53  ? -13.247 -14.482 1.607   1.00 104.22 ? 1011 THR A C   1 
ATOM   385  O O   . THR A 1 53  ? -12.113 -14.002 1.646   1.00 103.69 ? 1011 THR A O   1 
ATOM   386  C CB  . THR A 1 53  ? -15.061 -13.036 0.698   1.00 114.10 ? 1011 THR A CB  1 
ATOM   387  O OG1 . THR A 1 53  ? -15.924 -13.329 1.804   1.00 113.85 ? 1011 THR A OG1 1 
ATOM   388  C CG2 . THR A 1 53  ? -15.906 -12.699 -0.522  1.00 111.62 ? 1011 THR A CG2 1 
ATOM   389  N N   . LYS A 1 54  ? -13.764 -15.211 2.590   1.00 96.51  ? 1012 LYS A N   1 
ATOM   390  C CA  . LYS A 1 54  ? -13.041 -15.466 3.829   1.00 94.08  ? 1012 LYS A CA  1 
ATOM   391  C C   . LYS A 1 54  ? -11.596 -15.958 3.708   1.00 91.47  ? 1012 LYS A C   1 
ATOM   392  O O   . LYS A 1 54  ? -10.746 -15.525 4.486   1.00 90.67  ? 1012 LYS A O   1 
ATOM   393  C CB  . LYS A 1 54  ? -13.836 -16.436 4.709   1.00 97.16  ? 1012 LYS A CB  1 
ATOM   394  C CG  . LYS A 1 54  ? -13.200 -16.713 6.061   1.00 117.87 ? 1012 LYS A CG  1 
ATOM   395  C CD  . LYS A 1 54  ? -14.156 -17.457 6.979   1.00 128.97 ? 1012 LYS A CD  1 
ATOM   396  C CE  . LYS A 1 54  ? -14.357 -18.893 6.523   1.00 137.83 ? 1012 LYS A CE  1 
ATOM   397  N NZ  . LYS A 1 54  ? -15.134 -19.687 7.513   1.00 141.13 ? 1012 LYS A NZ  1 
ATOM   398  N N   . ARG A 1 55  ? -11.291 -16.850 2.769   1.00 84.25  ? 1013 ARG A N   1 
ATOM   399  C CA  . ARG A 1 55  ? -9.917  -17.311 2.702   1.00 82.55  ? 1013 ARG A CA  1 
ATOM   400  C C   . ARG A 1 55  ? -9.099  -16.319 1.883   1.00 83.84  ? 1013 ARG A C   1 
ATOM   401  O O   . ARG A 1 55  ? -7.932  -16.051 2.168   1.00 82.51  ? 1013 ARG A O   1 
ATOM   402  C CB  . ARG A 1 55  ? -9.844  -18.703 2.075   1.00 81.62  ? 1013 ARG A CB  1 
ATOM   403  C CG  . ARG A 1 55  ? -10.475 -19.798 2.919   1.00 91.98  ? 1013 ARG A CG  1 
ATOM   404  C CD  . ARG A 1 55  ? -10.324 -21.160 2.260   1.00 102.06 ? 1013 ARG A CD  1 
ATOM   405  N NE  . ARG A 1 55  ? -10.986 -22.213 3.024   1.00 101.86 ? 1013 ARG A NE  1 
ATOM   406  C CZ  . ARG A 1 55  ? -11.105 -23.471 2.615   1.00 97.67  ? 1013 ARG A CZ  1 
ATOM   407  N NH1 . ARG A 1 55  ? -10.605 -23.839 1.442   1.00 82.85  ? 1013 ARG A NH1 1 
ATOM   408  N NH2 . ARG A 1 55  ? -11.724 -24.364 3.376   1.00 56.81  ? 1013 ARG A NH2 1 
ATOM   409  N N   . ALA A 1 56  ? -9.746  -15.799 0.846   1.00 78.90  ? 1014 ALA A N   1 
ATOM   410  C CA  . ALA A 1 56  ? -9.144  -14.896 -0.129  1.00 77.82  ? 1014 ALA A CA  1 
ATOM   411  C C   . ALA A 1 56  ? -8.923  -13.519 0.467   1.00 83.17  ? 1014 ALA A C   1 
ATOM   412  O O   . ALA A 1 56  ? -7.872  -12.927 0.229   1.00 84.25  ? 1014 ALA A O   1 
ATOM   413  C CB  . ALA A 1 56  ? -9.995  -14.810 -1.370  1.00 78.24  ? 1014 ALA A CB  1 
ATOM   414  N N   . LEU A 1 57  ? -9.878  -13.035 1.288   1.00 78.52  ? 1015 LEU A N   1 
ATOM   415  C CA  . LEU A 1 57  ? -9.785  -11.765 2.011   1.00 77.38  ? 1015 LEU A CA  1 
ATOM   416  C C   . LEU A 1 57  ? -8.538  -11.750 2.924   1.00 78.30  ? 1015 LEU A C   1 
ATOM   417  O O   . LEU A 1 57  ? -7.770  -10.786 2.907   1.00 79.07  ? 1015 LEU A O   1 
ATOM   418  C CB  . LEU A 1 57  ? -11.083 -11.536 2.824   1.00 77.57  ? 1015 LEU A CB  1 
ATOM   419  C CG  . LEU A 1 57  ? -11.350 -10.140 3.414   1.00 82.02  ? 1015 LEU A CG  1 
ATOM   420  C CD1 . LEU A 1 57  ? -11.019 -9.054  2.409   1.00 82.33  ? 1015 LEU A CD1 1 
ATOM   421  C CD2 . LEU A 1 57  ? -12.809 -10.008 3.886   1.00 84.17  ? 1015 LEU A CD2 1 
ATOM   422  N N   . ILE A 1 58  ? -8.314  -12.837 3.666   1.00 71.73  ? 1016 ILE A N   1 
ATOM   423  C CA  . ILE A 1 58  ? -7.171  -12.975 4.569   1.00 70.80  ? 1016 ILE A CA  1 
ATOM   424  C C   . ILE A 1 58  ? -5.843  -13.067 3.782   1.00 73.98  ? 1016 ILE A C   1 
ATOM   425  O O   . ILE A 1 58  ? -4.849  -12.465 4.185   1.00 75.40  ? 1016 ILE A O   1 
ATOM   426  C CB  . ILE A 1 58  ? -7.371  -14.177 5.520   1.00 73.88  ? 1016 ILE A CB  1 
ATOM   427  C CG1 . ILE A 1 58  ? -8.608  -13.944 6.456   1.00 75.34  ? 1016 ILE A CG1 1 
ATOM   428  C CG2 . ILE A 1 58  ? -6.092  -14.461 6.327   1.00 73.08  ? 1016 ILE A CG2 1 
ATOM   429  C CD1 . ILE A 1 58  ? -9.090  -15.154 7.244   1.00 85.00  ? 1016 ILE A CD1 1 
ATOM   430  N N   . GLN A 1 59  ? -5.829  -13.806 2.662   1.00 67.48  ? 1017 GLN A N   1 
ATOM   431  C CA  . GLN A 1 59  ? -4.627  -13.982 1.840   1.00 64.79  ? 1017 GLN A CA  1 
ATOM   432  C C   . GLN A 1 59  ? -4.236  -12.691 1.137   1.00 62.66  ? 1017 GLN A C   1 
ATOM   433  O O   . GLN A 1 59  ? -3.047  -12.392 1.030   1.00 60.61  ? 1017 GLN A O   1 
ATOM   434  C CB  . GLN A 1 59  ? -4.816  -15.123 0.799   1.00 65.45  ? 1017 GLN A CB  1 
ATOM   435  C CG  . GLN A 1 59  ? -3.533  -15.522 -0.004  1.00 47.06  ? 1017 GLN A CG  1 
ATOM   436  C CD  . GLN A 1 59  ? -2.350  -15.844 0.880   1.00 72.46  ? 1017 GLN A CD  1 
ATOM   437  O OE1 . GLN A 1 59  ? -2.462  -16.569 1.857   1.00 81.90  ? 1017 GLN A OE1 1 
ATOM   438  N NE2 . GLN A 1 59  ? -1.197  -15.288 0.591   1.00 64.21  ? 1017 GLN A NE2 1 
ATOM   439  N N   . CYS A 1 60  ? -5.235  -11.956 0.636   1.00 55.89  ? 1018 CYS A N   1 
ATOM   440  C CA  . CYS A 1 60  ? -5.047  -10.690 -0.042  1.00 55.59  ? 1018 CYS A CA  1 
ATOM   441  C C   . CYS A 1 60  ? -4.382  -9.698  0.886   1.00 62.00  ? 1018 CYS A C   1 
ATOM   442  O O   . CYS A 1 60  ? -3.397  -9.070  0.487   1.00 60.89  ? 1018 CYS A O   1 
ATOM   443  C CB  . CYS A 1 60  ? -6.380  -10.170 -0.553  1.00 56.51  ? 1018 CYS A CB  1 
ATOM   444  S SG  . CYS A 1 60  ? -6.253  -8.704  -1.592  1.00 61.42  ? 1018 CYS A SG  1 
ATOM   445  N N   . ALA A 1 61  ? -4.873  -9.606  2.163   1.00 61.20  ? 1019 ALA A N   1 
ATOM   446  C CA  . ALA A 1 61  ? -4.274  -8.746  3.190   1.00 61.89  ? 1019 ALA A CA  1 
ATOM   447  C C   . ALA A 1 61  ? -2.838  -9.157  3.482   1.00 67.40  ? 1019 ALA A C   1 
ATOM   448  O O   . ALA A 1 61  ? -1.980  -8.280  3.632   1.00 68.27  ? 1019 ALA A O   1 
ATOM   449  C CB  . ALA A 1 61  ? -5.096  -8.771  4.457   1.00 62.74  ? 1019 ALA A CB  1 
ATOM   450  N N   . LYS A 1 62  ? -2.569  -10.486 3.542   1.00 64.05  ? 1020 LYS A N   1 
ATOM   451  C CA  . LYS A 1 62  ? -1.225  -11.035 3.755   1.00 64.33  ? 1020 LYS A CA  1 
ATOM   452  C C   . LYS A 1 62  ? -0.277  -10.625 2.624   1.00 66.54  ? 1020 LYS A C   1 
ATOM   453  O O   . LYS A 1 62  ? 0.871   -10.264 2.892   1.00 66.66  ? 1020 LYS A O   1 
ATOM   454  C CB  . LYS A 1 62  ? -1.268  -12.565 3.867   1.00 67.94  ? 1020 LYS A CB  1 
ATOM   455  C CG  . LYS A 1 62  ? -1.629  -13.078 5.246   1.00 99.60  ? 1020 LYS A CG  1 
ATOM   456  C CD  . LYS A 1 62  ? -1.744  -14.621 5.235   1.00 116.89 ? 1020 LYS A CD  1 
ATOM   457  C CE  . LYS A 1 62  ? -2.395  -15.184 6.478   1.00 125.48 ? 1020 LYS A CE  1 
ATOM   458  N NZ  . LYS A 1 62  ? -2.799  -16.602 6.297   1.00 129.46 ? 1020 LYS A NZ  1 
ATOM   459  N N   . ASP A 1 63  ? -0.753  -10.696 1.359   1.00 60.50  ? 1021 ASP A N   1 
ATOM   460  C CA  . ASP A 1 63  ? 0.022   -10.297 0.182   1.00 59.00  ? 1021 ASP A CA  1 
ATOM   461  C C   . ASP A 1 63  ? 0.324   -8.810  0.251   1.00 65.92  ? 1021 ASP A C   1 
ATOM   462  O O   . ASP A 1 63  ? 1.480   -8.428  0.051   1.00 66.47  ? 1021 ASP A O   1 
ATOM   463  C CB  . ASP A 1 63  ? -0.752  -10.584 -1.104  1.00 58.95  ? 1021 ASP A CB  1 
ATOM   464  C CG  . ASP A 1 63  ? -1.068  -12.044 -1.323  1.00 60.17  ? 1021 ASP A CG  1 
ATOM   465  O OD1 . ASP A 1 63  ? -0.366  -12.888 -0.751  1.00 58.64  ? 1021 ASP A OD1 1 
ATOM   466  O OD2 . ASP A 1 63  ? -2.035  -12.342 -2.073  1.00 65.01  ? 1021 ASP A OD2 1 
ATOM   467  N N   . ILE A 1 64  ? -0.681  -7.998  0.566   1.00 61.16  ? 1022 ILE A N   1 
ATOM   468  C CA  . ILE A 1 64  ? -0.501  -6.553  0.667   1.00 59.41  ? 1022 ILE A CA  1 
ATOM   469  C C   . ILE A 1 64  ? 0.495   -6.186  1.766   1.00 64.02  ? 1022 ILE A C   1 
ATOM   470  O O   . ILE A 1 64  ? 1.335   -5.306  1.576   1.00 65.68  ? 1022 ILE A O   1 
ATOM   471  C CB  . ILE A 1 64  ? -1.835  -5.834  0.937   1.00 61.31  ? 1022 ILE A CB  1 
ATOM   472  C CG1 . ILE A 1 64  ? -2.774  -5.984  -0.262  1.00 61.49  ? 1022 ILE A CG1 1 
ATOM   473  C CG2 . ILE A 1 64  ? -1.596  -4.367  1.254   1.00 60.83  ? 1022 ILE A CG2 1 
ATOM   474  C CD1 . ILE A 1 64  ? -4.194  -5.539  0.014   1.00 62.94  ? 1022 ILE A CD1 1 
ATOM   475  N N   . ALA A 1 65  ? 0.410   -6.860  2.911   1.00 59.98  ? 1023 ALA A N   1 
ATOM   476  C CA  . ALA A 1 65  ? 1.343   -6.588  4.008   1.00 60.88  ? 1023 ALA A CA  1 
ATOM   477  C C   . ALA A 1 65  ? 2.780   -6.951  3.667   1.00 67.43  ? 1023 ALA A C   1 
ATOM   478  O O   . ALA A 1 65  ? 3.702   -6.206  4.006   1.00 67.69  ? 1023 ALA A O   1 
ATOM   479  C CB  . ALA A 1 65  ? 0.886   -7.259  5.295   1.00 61.29  ? 1023 ALA A CB  1 
ATOM   480  N N   . LYS A 1 66  ? 2.963   -8.059  2.926   1.00 66.15  ? 1024 LYS A N   1 
ATOM   481  C CA  . LYS A 1 66  ? 4.279   -8.507  2.441   1.00 65.05  ? 1024 LYS A CA  1 
ATOM   482  C C   . LYS A 1 66  ? 4.858   -7.467  1.489   1.00 66.50  ? 1024 LYS A C   1 
ATOM   483  O O   . LYS A 1 66  ? 6.027   -7.107  1.638   1.00 65.52  ? 1024 LYS A O   1 
ATOM   484  C CB  . LYS A 1 66  ? 4.193   -9.874  1.755   1.00 66.48  ? 1024 LYS A CB  1 
ATOM   485  C CG  . LYS A 1 66  ? 5.562   -10.391 1.308   1.00 78.83  ? 1024 LYS A CG  1 
ATOM   486  C CD  . LYS A 1 66  ? 5.533   -11.772 0.663   1.00 94.41  ? 1024 LYS A CD  1 
ATOM   487  C CE  . LYS A 1 66  ? 6.890   -12.274 0.198   1.00 118.77 ? 1024 LYS A CE  1 
ATOM   488  N NZ  . LYS A 1 66  ? 6.791   -13.627 -0.423  1.00 131.80 ? 1024 LYS A NZ  1 
ATOM   489  N N   . ALA A 1 67  ? 4.038   -6.971  0.524   1.00 61.53  ? 1025 ALA A N   1 
ATOM   490  C CA  . ALA A 1 67  ? 4.462   -5.932  -0.415  1.00 60.25  ? 1025 ALA A CA  1 
ATOM   491  C C   . ALA A 1 67  ? 4.833   -4.652  0.306   1.00 65.90  ? 1025 ALA A C   1 
ATOM   492  O O   . ALA A 1 67  ? 5.797   -4.011  -0.082  1.00 65.50  ? 1025 ALA A O   1 
ATOM   493  C CB  . ALA A 1 67  ? 3.388   -5.658  -1.443  1.00 60.38  ? 1025 ALA A CB  1 
ATOM   494  N N   . SER A 1 68  ? 4.112   -4.300  1.394   1.00 63.62  ? 1026 SER A N   1 
ATOM   495  C CA  . SER A 1 68  ? 4.388   -3.091  2.171   1.00 62.34  ? 1026 SER A CA  1 
ATOM   496  C C   . SER A 1 68  ? 5.718   -3.176  2.902   1.00 66.28  ? 1026 SER A C   1 
ATOM   497  O O   . SER A 1 68  ? 6.364   -2.140  3.079   1.00 65.09  ? 1026 SER A O   1 
ATOM   498  C CB  . SER A 1 68  ? 3.305   -2.845  3.207   1.00 63.93  ? 1026 SER A CB  1 
ATOM   499  O OG  . SER A 1 68  ? 3.167   -3.813  4.226   1.00 75.86  ? 1026 SER A OG  1 
ATOM   500  N N   . ASP A 1 69  ? 6.117   -4.389  3.367   1.00 63.49  ? 1027 ASP A N   1 
ATOM   501  C CA  . ASP A 1 69  ? 7.404   -4.585  4.047   1.00 63.91  ? 1027 ASP A CA  1 
ATOM   502  C C   . ASP A 1 69  ? 8.529   -4.326  3.079   1.00 68.37  ? 1027 ASP A C   1 
ATOM   503  O O   . ASP A 1 69  ? 9.545   -3.773  3.483   1.00 67.92  ? 1027 ASP A O   1 
ATOM   504  C CB  . ASP A 1 69  ? 7.549   -5.995  4.592   1.00 66.87  ? 1027 ASP A CB  1 
ATOM   505  C CG  . ASP A 1 69  ? 6.632   -6.337  5.747   1.00 89.35  ? 1027 ASP A CG  1 
ATOM   506  O OD1 . ASP A 1 69  ? 6.232   -5.398  6.500   1.00 94.29  ? 1027 ASP A OD1 1 
ATOM   507  O OD2 . ASP A 1 69  ? 6.334   -7.540  5.925   1.00 94.16  ? 1027 ASP A OD2 1 
ATOM   508  N N   . GLU A 1 70  ? 8.352   -4.711  1.790   1.00 65.15  ? 1028 GLU A N   1 
ATOM   509  C CA  . GLU A 1 70  ? 9.346   -4.449  0.761   1.00 64.38  ? 1028 GLU A CA  1 
ATOM   510  C C   . GLU A 1 70  ? 9.471   -2.939  0.566   1.00 66.46  ? 1028 GLU A C   1 
ATOM   511  O O   . GLU A 1 70  ? 10.595  -2.440  0.569   1.00 65.15  ? 1028 GLU A O   1 
ATOM   512  C CB  . GLU A 1 70  ? 9.013   -5.194  -0.539  1.00 66.28  ? 1028 GLU A CB  1 
ATOM   513  C CG  . GLU A 1 70  ? 10.022  -5.011  -1.674  1.00 84.50  ? 1028 GLU A CG  1 
ATOM   514  C CD  . GLU A 1 70  ? 9.776   -5.865  -2.907  1.00 118.49 ? 1028 GLU A CD  1 
ATOM   515  O OE1 . GLU A 1 70  ? 8.816   -6.671  -2.870  1.00 108.53 ? 1028 GLU A OE1 1 
ATOM   516  O OE2 . GLU A 1 70  ? 10.554  -5.758  -3.888  1.00 120.07 ? 1028 GLU A OE2 1 
ATOM   517  N N   . VAL A 1 71  ? 8.331   -2.207  0.440   1.00 63.17  ? 1029 VAL A N   1 
ATOM   518  C CA  . VAL A 1 71  ? 8.314   -0.740  0.311   1.00 63.01  ? 1029 VAL A CA  1 
ATOM   519  C C   . VAL A 1 71  ? 9.051   -0.109  1.494   1.00 69.57  ? 1029 VAL A C   1 
ATOM   520  O O   . VAL A 1 71  ? 9.992   0.652   1.284   1.00 70.51  ? 1029 VAL A O   1 
ATOM   521  C CB  . VAL A 1 71  ? 6.899   -0.157  0.158   1.00 66.07  ? 1029 VAL A CB  1 
ATOM   522  C CG1 . VAL A 1 71  ? 6.931   1.366   0.277   1.00 65.66  ? 1029 VAL A CG1 1 
ATOM   523  C CG2 . VAL A 1 71  ? 6.247   -0.589  -1.157  1.00 65.47  ? 1029 VAL A CG2 1 
ATOM   524  N N   . THR A 1 72  ? 8.650   -0.453  2.720   1.00 67.13  ? 1030 THR A N   1 
ATOM   525  C CA  . THR A 1 72  ? 9.270   0.061   3.947   1.00 67.85  ? 1030 THR A CA  1 
ATOM   526  C C   . THR A 1 72  ? 10.781  -0.200  4.008   1.00 71.14  ? 1030 THR A C   1 
ATOM   527  O O   . THR A 1 72  ? 11.547  0.731   4.252   1.00 71.68  ? 1030 THR A O   1 
ATOM   528  C CB  . THR A 1 72  ? 8.608   -0.548  5.172   1.00 79.27  ? 1030 THR A CB  1 
ATOM   529  O OG1 . THR A 1 72  ? 7.239   -0.172  5.188   1.00 80.45  ? 1030 THR A OG1 1 
ATOM   530  C CG2 . THR A 1 72  ? 9.251   -0.087  6.459   1.00 77.34  ? 1030 THR A CG2 1 
ATOM   531  N N   . ARG A 1 73  ? 11.195  -1.454  3.819   1.00 66.67  ? 1031 ARG A N   1 
ATOM   532  C CA  . ARG A 1 73  ? 12.602  -1.854  3.842   1.00 67.57  ? 1031 ARG A CA  1 
ATOM   533  C C   . ARG A 1 73  ? 13.455  -1.041  2.868   1.00 73.20  ? 1031 ARG A C   1 
ATOM   534  O O   . ARG A 1 73  ? 14.510  -0.566  3.263   1.00 74.44  ? 1031 ARG A O   1 
ATOM   535  C CB  . ARG A 1 73  ? 12.754  -3.365  3.545   1.00 69.14  ? 1031 ARG A CB  1 
ATOM   536  C CG  . ARG A 1 73  ? 14.175  -3.908  3.717   1.00 85.49  ? 1031 ARG A CG  1 
ATOM   537  C CD  . ARG A 1 73  ? 14.320  -5.364  3.304   1.00 100.72 ? 1031 ARG A CD  1 
ATOM   538  N NE  . ARG A 1 73  ? 14.415  -5.523  1.850   1.00 113.02 ? 1031 ARG A NE  1 
ATOM   539  C CZ  . ARG A 1 73  ? 13.460  -6.057  1.092   1.00 131.48 ? 1031 ARG A CZ  1 
ATOM   540  N NH1 . ARG A 1 73  ? 12.326  -6.489  1.642   1.00 118.90 ? 1031 ARG A NH1 1 
ATOM   541  N NH2 . ARG A 1 73  ? 13.629  -6.163  -0.220  1.00 118.35 ? 1031 ARG A NH2 1 
ATOM   542  N N   . LEU A 1 74  ? 13.002  -0.873  1.618   1.00 69.56  ? 1032 LEU A N   1 
ATOM   543  C CA  . LEU A 1 74  ? 13.733  -0.135  0.600   1.00 69.63  ? 1032 LEU A CA  1 
ATOM   544  C C   . LEU A 1 74  ? 13.736  1.348   0.824   1.00 74.81  ? 1032 LEU A C   1 
ATOM   545  O O   . LEU A 1 74  ? 14.751  1.983   0.556   1.00 74.71  ? 1032 LEU A O   1 
ATOM   546  C CB  . LEU A 1 74  ? 13.190  -0.415  -0.787  1.00 69.79  ? 1032 LEU A CB  1 
ATOM   547  C CG  . LEU A 1 74  ? 13.336  -1.810  -1.318  1.00 74.24  ? 1032 LEU A CG  1 
ATOM   548  C CD1 . LEU A 1 74  ? 12.443  -1.973  -2.500  1.00 74.58  ? 1032 LEU A CD1 1 
ATOM   549  C CD2 . LEU A 1 74  ? 14.762  -2.115  -1.716  1.00 75.30  ? 1032 LEU A CD2 1 
ATOM   550  N N   . ALA A 1 75  ? 12.603  1.922   1.264   1.00 73.01  ? 1033 ALA A N   1 
ATOM   551  C CA  . ALA A 1 75  ? 12.507  3.361   1.506   1.00 73.01  ? 1033 ALA A CA  1 
ATOM   552  C C   . ALA A 1 75  ? 13.418  3.776   2.652   1.00 79.63  ? 1033 ALA A C   1 
ATOM   553  O O   . ALA A 1 75  ? 13.964  4.877   2.628   1.00 79.33  ? 1033 ALA A O   1 
ATOM   554  C CB  . ALA A 1 75  ? 11.082  3.752   1.799   1.00 73.17  ? 1033 ALA A CB  1 
ATOM   555  N N   . LYS A 1 76  ? 13.619  2.868   3.628   1.00 77.79  ? 1034 LYS A N   1 
ATOM   556  C CA  . LYS A 1 76  ? 14.522  3.100   4.749   1.00 78.44  ? 1034 LYS A CA  1 
ATOM   557  C C   . LYS A 1 76  ? 15.957  3.167   4.235   1.00 85.70  ? 1034 LYS A C   1 
ATOM   558  O O   . LYS A 1 76  ? 16.715  4.037   4.671   1.00 86.93  ? 1034 LYS A O   1 
ATOM   559  C CB  . LYS A 1 76  ? 14.333  2.061   5.873   1.00 79.78  ? 1034 LYS A CB  1 
ATOM   560  C CG  . LYS A 1 76  ? 13.369  2.576   6.951   1.00 88.13  ? 1034 LYS A CG  1 
ATOM   561  C CD  . LYS A 1 76  ? 12.529  1.509   7.639   1.00 94.34  ? 1034 LYS A CD  1 
ATOM   562  C CE  . LYS A 1 76  ? 13.137  0.949   8.892   1.00 99.92  ? 1034 LYS A CE  1 
ATOM   563  N NZ  . LYS A 1 76  ? 12.308  -0.158  9.438   1.00 105.21 ? 1034 LYS A NZ  1 
ATOM   564  N N   . GLU A 1 77  ? 16.358  2.335   3.284   1.00 82.44  ? 1035 GLU A N   1 
ATOM   565  C CA  . GLU A 1 77  ? 17.735  2.442   2.785   1.00 82.73  ? 1035 GLU A CA  1 
ATOM   566  C C   . GLU A 1 77  ? 18.001  3.813   2.132   1.00 86.43  ? 1035 GLU A C   1 
ATOM   567  O O   . GLU A 1 77  ? 19.065  4.438   2.328   1.00 87.21  ? 1035 GLU A O   1 
ATOM   568  C CB  . GLU A 1 77  ? 18.030  1.320   1.787   1.00 84.39  ? 1035 GLU A CB  1 
ATOM   569  C CG  . GLU A 1 77  ? 18.002  -0.075  2.392   1.00 98.79  ? 1035 GLU A CG  1 
ATOM   570  C CD  . GLU A 1 77  ? 18.987  -0.236  3.533   1.00 120.13 ? 1035 GLU A CD  1 
ATOM   571  O OE1 . GLU A 1 77  ? 20.114  0.293   3.426   1.00 108.31 ? 1035 GLU A OE1 1 
ATOM   572  O OE2 . GLU A 1 77  ? 18.636  -0.894  4.535   1.00 114.25 ? 1035 GLU A OE2 1 
ATOM   573  N N   . VAL A 1 78  ? 17.019  4.281   1.368   1.00 82.46  ? 1036 VAL A N   1 
ATOM   574  C CA  . VAL A 1 78  ? 17.117  5.557   0.665   1.00 82.79  ? 1036 VAL A CA  1 
ATOM   575  C C   . VAL A 1 78  ? 17.277  6.722   1.633   1.00 90.07  ? 1036 VAL A C   1 
ATOM   576  O O   . VAL A 1 78  ? 18.048  7.647   1.379   1.00 89.82  ? 1036 VAL A O   1 
ATOM   577  C CB  . VAL A 1 78  ? 15.883  5.808   -0.223  1.00 85.45  ? 1036 VAL A CB  1 
ATOM   578  C CG1 . VAL A 1 78  ? 15.952  7.194   -0.846  1.00 84.51  ? 1036 VAL A CG1 1 
ATOM   579  C CG2 . VAL A 1 78  ? 15.776  4.737   -1.297  1.00 85.22  ? 1036 VAL A CG2 1 
ATOM   580  N N   . ALA A 1 79  ? 16.550  6.673   2.743   1.00 89.18  ? 1037 ALA A N   1 
ATOM   581  C CA  . ALA A 1 79  ? 16.636  7.725   3.746   1.00 90.20  ? 1037 ALA A CA  1 
ATOM   582  C C   . ALA A 1 79  ? 18.059  7.744   4.285   1.00 97.61  ? 1037 ALA A C   1 
ATOM   583  O O   . ALA A 1 79  ? 18.634  8.806   4.528   1.00 98.11  ? 1037 ALA A O   1 
ATOM   584  C CB  . ALA A 1 79  ? 15.641  7.475   4.867   1.00 90.71  ? 1037 ALA A CB  1 
ATOM   585  N N   . LYS A 1 80  ? 18.618  6.553   4.466   1.00 94.93  ? 1038 LYS A N   1 
ATOM   586  C CA  . LYS A 1 80  ? 19.977  6.395   4.969   1.00 95.08  ? 1038 LYS A CA  1 
ATOM   587  C C   . LYS A 1 80  ? 21.016  6.997   4.026   1.00 97.89  ? 1038 LYS A C   1 
ATOM   588  O O   . LYS A 1 80  ? 21.992  7.598   4.474   1.00 98.23  ? 1038 LYS A O   1 
ATOM   589  C CB  . LYS A 1 80  ? 20.285  4.918   5.228   1.00 99.05  ? 1038 LYS A CB  1 
ATOM   590  C CG  . LYS A 1 80  ? 19.480  4.310   6.364   1.00 131.96 ? 1038 LYS A CG  1 
ATOM   591  C CD  . LYS A 1 80  ? 19.812  2.839   6.557   1.00 147.89 ? 1038 LYS A CD  1 
ATOM   592  C CE  . LYS A 1 80  ? 19.024  2.239   7.710   1.00 157.87 ? 1038 LYS A CE  1 
ATOM   593  N NZ  . LYS A 1 80  ? 19.320  0.791   7.897   1.00 163.84 ? 1038 LYS A NZ  1 
ATOM   594  N N   . GLN A 1 81  ? 20.811  6.834   2.721   1.00 93.13  ? 1039 GLN A N   1 
ATOM   595  C CA  . GLN A 1 81  ? 21.764  7.369   1.737   1.00 92.72  ? 1039 GLN A CA  1 
ATOM   596  C C   . GLN A 1 81  ? 21.526  8.834   1.321   1.00 98.80  ? 1039 GLN A C   1 
ATOM   597  O O   . GLN A 1 81  ? 22.263  9.382   0.502   1.00 97.82  ? 1039 GLN A O   1 
ATOM   598  C CB  . GLN A 1 81  ? 21.798  6.477   0.493   1.00 93.56  ? 1039 GLN A CB  1 
ATOM   599  C CG  . GLN A 1 81  ? 22.375  5.092   0.737   1.00 105.47 ? 1039 GLN A CG  1 
ATOM   600  C CD  . GLN A 1 81  ? 22.327  4.214   -0.497  1.00 131.37 ? 1039 GLN A CD  1 
ATOM   601  O OE1 . GLN A 1 81  ? 21.496  4.413   -1.382  1.00 123.42 ? 1039 GLN A OE1 1 
ATOM   602  N NE2 . GLN A 1 81  ? 23.221  3.233   -0.561  1.00 128.57 ? 1039 GLN A NE2 1 
ATOM   603  N N   . CYS A 1 82  ? 20.490  9.446   1.884   1.00 97.99  ? 1040 CYS A N   1 
ATOM   604  C CA  . CYS A 1 82  ? 20.074  10.804  1.583   1.00 99.64  ? 1040 CYS A CA  1 
ATOM   605  C C   . CYS A 1 82  ? 20.806  11.841  2.448   1.00 108.22 ? 1040 CYS A C   1 
ATOM   606  O O   . CYS A 1 82  ? 20.835  11.728  3.679   1.00 108.06 ? 1040 CYS A O   1 
ATOM   607  C CB  . CYS A 1 82  ? 18.557  10.923  1.691   1.00 99.74  ? 1040 CYS A CB  1 
ATOM   608  S SG  . CYS A 1 82  ? 17.906  12.556  1.270   1.00 103.59 ? 1040 CYS A SG  1 
ATOM   609  N N   . THR A 1 83  ? 21.393  12.854  1.788   1.00 107.57 ? 1041 THR A N   1 
ATOM   610  C CA  . THR A 1 83  ? 22.168  13.900  2.457   1.00 108.42 ? 1041 THR A CA  1 
ATOM   611  C C   . THR A 1 83  ? 21.260  14.964  3.097   1.00 115.26 ? 1041 THR A C   1 
ATOM   612  O O   . THR A 1 83  ? 21.571  15.444  4.193   1.00 115.10 ? 1041 THR A O   1 
ATOM   613  C CB  . THR A 1 83  ? 23.247  14.492  1.533   1.00 111.19 ? 1041 THR A CB  1 
ATOM   614  O OG1 . THR A 1 83  ? 22.657  15.373  0.587   1.00 111.11 ? 1041 THR A OG1 1 
ATOM   615  C CG2 . THR A 1 83  ? 24.070  13.429  0.827   1.00 105.90 ? 1041 THR A CG2 1 
ATOM   616  N N   . ASP A 1 84  ? 20.138  15.301  2.429   1.00 113.23 ? 1042 ASP A N   1 
ATOM   617  C CA  . ASP A 1 84  ? 19.177  16.269  2.938   1.00 113.78 ? 1042 ASP A CA  1 
ATOM   618  C C   . ASP A 1 84  ? 18.389  15.713  4.135   1.00 118.85 ? 1042 ASP A C   1 
ATOM   619  O O   . ASP A 1 84  ? 17.533  14.842  3.967   1.00 117.94 ? 1042 ASP A O   1 
ATOM   620  C CB  . ASP A 1 84  ? 18.238  16.763  1.829   1.00 115.75 ? 1042 ASP A CB  1 
ATOM   621  C CG  . ASP A 1 84  ? 17.385  17.945  2.251   1.00 130.95 ? 1042 ASP A CG  1 
ATOM   622  O OD1 . ASP A 1 84  ? 17.426  18.316  3.454   1.00 133.20 ? 1042 ASP A OD1 1 
ATOM   623  O OD2 . ASP A 1 84  ? 16.708  18.529  1.376   1.00 136.50 ? 1042 ASP A OD2 1 
ATOM   624  N N   . LYS A 1 85  ? 18.672  16.255  5.332   1.00 116.76 ? 1043 LYS A N   1 
ATOM   625  C CA  . LYS A 1 85  ? 18.055  15.864  6.605   1.00 117.40 ? 1043 LYS A CA  1 
ATOM   626  C C   . LYS A 1 85  ? 16.550  16.064  6.572   1.00 121.74 ? 1043 LYS A C   1 
ATOM   627  O O   . LYS A 1 85  ? 15.808  15.210  7.054   1.00 121.19 ? 1043 LYS A O   1 
ATOM   628  C CB  . LYS A 1 85  ? 18.656  16.665  7.770   1.00 120.92 ? 1043 LYS A CB  1 
ATOM   629  C CG  . LYS A 1 85  ? 20.178  16.660  7.825   1.00 139.64 ? 1043 LYS A CG  1 
ATOM   630  C CD  . LYS A 1 85  ? 20.673  17.560  8.935   1.00 152.07 ? 1043 LYS A CD  1 
ATOM   631  C CE  . LYS A 1 85  ? 22.147  17.842  8.810   1.00 162.22 ? 1043 LYS A CE  1 
ATOM   632  N NZ  . LYS A 1 85  ? 22.604  18.855  9.805   1.00 169.03 ? 1043 LYS A NZ  1 
ATOM   633  N N   . ARG A 1 86  ? 16.108  17.191  5.988   1.00 119.19 ? 1044 ARG A N   1 
ATOM   634  C CA  . ARG A 1 86  ? 14.701  17.549  5.822   1.00 119.74 ? 1044 ARG A CA  1 
ATOM   635  C C   . ARG A 1 86  ? 13.936  16.415  5.104   1.00 124.05 ? 1044 ARG A C   1 
ATOM   636  O O   . ARG A 1 86  ? 12.891  15.973  5.595   1.00 124.44 ? 1044 ARG A O   1 
ATOM   637  C CB  . ARG A 1 86  ? 14.591  18.869  5.038   1.00 121.52 ? 1044 ARG A CB  1 
ATOM   638  C CG  . ARG A 1 86  ? 13.150  19.399  4.913   1.00 136.36 ? 1044 ARG A CG  1 
ATOM   639  C CD  . ARG A 1 86  ? 12.997  20.681  4.101   1.00 150.60 ? 1044 ARG A CD  1 
ATOM   640  N NE  . ARG A 1 86  ? 13.659  21.839  4.718   1.00 159.81 ? 1044 ARG A NE  1 
ATOM   641  C CZ  . ARG A 1 86  ? 13.123  22.606  5.666   1.00 171.61 ? 1044 ARG A CZ  1 
ATOM   642  N NH1 . ARG A 1 86  ? 11.910  22.344  6.139   1.00 159.39 ? 1044 ARG A NH1 1 
ATOM   643  N NH2 . ARG A 1 86  ? 13.802  23.634  6.156   1.00 155.71 ? 1044 ARG A NH2 1 
ATOM   644  N N   . ILE A 1 87  ? 14.476  15.931  3.962   1.00 119.48 ? 1045 ILE A N   1 
ATOM   645  C CA  . ILE A 1 87  ? 13.876  14.839  3.188   1.00 118.34 ? 1045 ILE A CA  1 
ATOM   646  C C   . ILE A 1 87  ? 14.067  13.498  3.893   1.00 119.23 ? 1045 ILE A C   1 
ATOM   647  O O   . ILE A 1 87  ? 13.131  12.699  3.938   1.00 118.31 ? 1045 ILE A O   1 
ATOM   648  C CB  . ILE A 1 87  ? 14.372  14.781  1.726   1.00 121.52 ? 1045 ILE A CB  1 
ATOM   649  C CG1 . ILE A 1 87  ? 14.444  16.190  1.090   1.00 121.80 ? 1045 ILE A CG1 1 
ATOM   650  C CG2 . ILE A 1 87  ? 13.477  13.814  0.906   1.00 122.34 ? 1045 ILE A CG2 1 
ATOM   651  C CD1 . ILE A 1 87  ? 14.883  16.214  -0.331  1.00 128.81 ? 1045 ILE A CD1 1 
ATOM   652  N N   . ARG A 1 88  ? 15.275  13.247  4.422   1.00 114.62 ? 1046 ARG A N   1 
ATOM   653  C CA  . ARG A 1 88  ? 15.618  12.007  5.114   1.00 114.24 ? 1046 ARG A CA  1 
ATOM   654  C C   . ARG A 1 88  ? 14.664  11.747  6.284   1.00 118.91 ? 1046 ARG A C   1 
ATOM   655  O O   . ARG A 1 88  ? 14.188  10.622  6.452   1.00 118.39 ? 1046 ARG A O   1 
ATOM   656  C CB  . ARG A 1 88  ? 17.085  12.046  5.592   1.00 114.31 ? 1046 ARG A CB  1 
ATOM   657  C CG  . ARG A 1 88  ? 17.535  10.792  6.337   1.00 124.27 ? 1046 ARG A CG  1 
ATOM   658  C CD  . ARG A 1 88  ? 18.921  10.865  6.938   1.00 130.55 ? 1046 ARG A CD  1 
ATOM   659  N NE  . ARG A 1 88  ? 19.030  11.736  8.102   1.00 140.60 ? 1046 ARG A NE  1 
ATOM   660  C CZ  . ARG A 1 88  ? 19.721  12.869  8.118   1.00 152.74 ? 1046 ARG A CZ  1 
ATOM   661  N NH1 . ARG A 1 88  ? 20.360  13.282  7.030   1.00 136.23 ? 1046 ARG A NH1 1 
ATOM   662  N NH2 . ARG A 1 88  ? 19.778  13.598  9.223   1.00 141.36 ? 1046 ARG A NH2 1 
ATOM   663  N N   . THR A 1 89  ? 14.391  12.794  7.088   1.00 116.12 ? 1047 THR A N   1 
ATOM   664  C CA  . THR A 1 89  ? 13.500  12.732  8.248   1.00 115.58 ? 1047 THR A CA  1 
ATOM   665  C C   . THR A 1 89  ? 12.064  12.495  7.801   1.00 118.07 ? 1047 THR A C   1 
ATOM   666  O O   . THR A 1 89  ? 11.377  11.656  8.390   1.00 117.97 ? 1047 THR A O   1 
ATOM   667  C CB  . THR A 1 89  ? 13.594  14.017  9.084   1.00 122.33 ? 1047 THR A CB  1 
ATOM   668  O OG1 . THR A 1 89  ? 14.962  14.255  9.420   1.00 121.54 ? 1047 THR A OG1 1 
ATOM   669  C CG2 . THR A 1 89  ? 12.744  13.956  10.352  1.00 121.19 ? 1047 THR A CG2 1 
ATOM   670  N N   . ASN A 1 90  ? 11.609  13.240  6.777   1.00 112.77 ? 1048 ASN A N   1 
ATOM   671  C CA  . ASN A 1 90  ? 10.249  13.102  6.270   1.00 112.21 ? 1048 ASN A CA  1 
ATOM   672  C C   . ASN A 1 90  ? 9.965   11.721  5.722   1.00 114.90 ? 1048 ASN A C   1 
ATOM   673  O O   . ASN A 1 90  ? 8.881   11.164  5.953   1.00 115.28 ? 1048 ASN A O   1 
ATOM   674  C CB  . ASN A 1 90  ? 9.948   14.165  5.233   1.00 115.32 ? 1048 ASN A CB  1 
ATOM   675  C CG  . ASN A 1 90  ? 9.271   15.384  5.814   1.00 156.75 ? 1048 ASN A CG  1 
ATOM   676  O OD1 . ASN A 1 90  ? 9.366   15.679  7.019   1.00 153.52 ? 1048 ASN A OD1 1 
ATOM   677  N ND2 . ASN A 1 90  ? 8.572   16.121  4.961   1.00 153.77 ? 1048 ASN A ND2 1 
ATOM   678  N N   . LEU A 1 91  ? 10.903  11.154  4.974   1.00 109.42 ? 1049 LEU A N   1 
ATOM   679  C CA  . LEU A 1 91  ? 10.716  9.815   4.414   1.00 108.76 ? 1049 LEU A CA  1 
ATOM   680  C C   . LEU A 1 91  ? 10.632  8.709   5.477   1.00 113.71 ? 1049 LEU A C   1 
ATOM   681  O O   . LEU A 1 91  ? 9.825   7.773   5.376   1.00 113.95 ? 1049 LEU A O   1 
ATOM   682  C CB  . LEU A 1 91  ? 11.830  9.496   3.415   1.00 108.57 ? 1049 LEU A CB  1 
ATOM   683  C CG  . LEU A 1 91  ? 11.807  8.095   2.798   1.00 112.44 ? 1049 LEU A CG  1 
ATOM   684  C CD1 . LEU A 1 91  ? 10.544  7.891   1.976   1.00 112.50 ? 1049 LEU A CD1 1 
ATOM   685  C CD2 . LEU A 1 91  ? 13.047  7.860   1.949   1.00 113.10 ? 1049 LEU A CD2 1 
ATOM   686  N N   . LEU A 1 92  ? 11.481  8.825   6.494   1.00 110.43 ? 1050 LEU A N   1 
ATOM   687  C CA  . LEU A 1 92  ? 11.552  7.827   7.556   1.00 110.45 ? 1050 LEU A CA  1 
ATOM   688  C C   . LEU A 1 92  ? 10.283  7.642   8.386   1.00 113.41 ? 1050 LEU A C   1 
ATOM   689  O O   . LEU A 1 92  ? 9.902   6.512   8.677   1.00 112.16 ? 1050 LEU A O   1 
ATOM   690  C CB  . LEU A 1 92  ? 12.733  8.130   8.484   1.00 110.84 ? 1050 LEU A CB  1 
ATOM   691  C CG  . LEU A 1 92  ? 14.128  8.024   7.863   1.00 115.97 ? 1050 LEU A CG  1 
ATOM   692  C CD1 . LEU A 1 92  ? 15.190  8.491   8.845   1.00 116.75 ? 1050 LEU A CD1 1 
ATOM   693  C CD2 . LEU A 1 92  ? 14.405  6.601   7.402   1.00 118.57 ? 1050 LEU A CD2 1 
ATOM   694  N N   . GLN A 1 93  ? 9.621   8.729   8.764   1.00 110.54 ? 1051 GLN A N   1 
ATOM   695  C CA  . GLN A 1 93  ? 8.414   8.586   9.569   1.00 110.56 ? 1051 GLN A CA  1 
ATOM   696  C C   . GLN A 1 93  ? 7.347   7.824   8.793   1.00 112.10 ? 1051 GLN A C   1 
ATOM   697  O O   . GLN A 1 93  ? 6.692   6.918   9.327   1.00 111.92 ? 1051 GLN A O   1 
ATOM   698  C CB  . GLN A 1 93  ? 7.882   9.958   9.986   1.00 112.17 ? 1051 GLN A CB  1 
ATOM   699  C CG  . GLN A 1 93  ? 8.785   10.706  10.953  1.00 128.57 ? 1051 GLN A CG  1 
ATOM   700  C CD  . GLN A 1 93  ? 8.263   12.089  11.287  1.00 144.96 ? 1051 GLN A CD  1 
ATOM   701  O OE1 . GLN A 1 93  ? 7.518   12.689  10.512  1.00 141.49 ? 1051 GLN A OE1 1 
ATOM   702  N NE2 . GLN A 1 93  ? 8.652   12.604  12.448  1.00 132.02 ? 1051 GLN A NE2 1 
ATOM   703  N N   . VAL A 1 94  ? 7.191   8.179   7.522   1.00 106.04 ? 1052 VAL A N   1 
ATOM   704  C CA  . VAL A 1 94  ? 6.210   7.516   6.680   1.00 104.51 ? 1052 VAL A CA  1 
ATOM   705  C C   . VAL A 1 94  ? 6.576   6.049   6.515   1.00 107.33 ? 1052 VAL A C   1 
ATOM   706  O O   . VAL A 1 94  ? 5.710   5.175   6.582   1.00 106.88 ? 1052 VAL A O   1 
ATOM   707  C CB  . VAL A 1 94  ? 6.082   8.186   5.298   1.00 107.28 ? 1052 VAL A CB  1 
ATOM   708  C CG1 . VAL A 1 94  ? 5.558   9.605   5.437   1.00 106.97 ? 1052 VAL A CG1 1 
ATOM   709  C CG2 . VAL A 1 94  ? 7.425   8.184   4.584   1.00 106.83 ? 1052 VAL A CG2 1 
ATOM   710  N N   . CYS A 1 95  ? 7.864   5.772   6.325   1.00 103.35 ? 1053 CYS A N   1 
ATOM   711  C CA  . CYS A 1 95  ? 8.280   4.384   6.149   1.00 102.58 ? 1053 CYS A CA  1 
ATOM   712  C C   . CYS A 1 95  ? 7.939   3.587   7.402   1.00 107.92 ? 1053 CYS A C   1 
ATOM   713  O O   . CYS A 1 95  ? 7.482   2.446   7.324   1.00 108.69 ? 1053 CYS A O   1 
ATOM   714  C CB  . CYS A 1 95  ? 9.775   4.288   5.839   1.00 102.17 ? 1053 CYS A CB  1 
ATOM   715  S SG  . CYS A 1 95  ? 10.277  5.028   4.267   1.00 105.66 ? 1053 CYS A SG  1 
ATOM   716  N N   . GLU A 1 96  ? 8.167   4.200   8.558   1.00 104.10 ? 1054 GLU A N   1 
ATOM   717  C CA  . GLU A 1 96  ? 7.886   3.574   9.843   1.00 103.38 ? 1054 GLU A CA  1 
ATOM   718  C C   . GLU A 1 96  ? 6.400   3.292   10.056  1.00 102.19 ? 1054 GLU A C   1 
ATOM   719  O O   . GLU A 1 96  ? 6.033   2.248   10.595  1.00 101.46 ? 1054 GLU A O   1 
ATOM   720  C CB  . GLU A 1 96  ? 8.422   4.441   10.986  1.00 105.47 ? 1054 GLU A CB  1 
ATOM   721  C CG  . GLU A 1 96  ? 9.938   4.539   11.032  1.00 122.57 ? 1054 GLU A CG  1 
ATOM   722  C CD  . GLU A 1 96  ? 10.428  5.462   12.131  1.00 153.07 ? 1054 GLU A CD  1 
ATOM   723  O OE1 . GLU A 1 96  ? 9.593   6.170   12.731  1.00 142.81 ? 1054 GLU A OE1 1 
ATOM   724  O OE2 . GLU A 1 96  ? 11.649  5.479   12.394  1.00 155.30 ? 1054 GLU A OE2 1 
ATOM   725  N N   . ARG A 1 97  ? 5.549   4.225   9.640   1.00 94.64  ? 1055 ARG A N   1 
ATOM   726  C CA  . ARG A 1 97  ? 4.104   4.065   9.822   1.00 92.66  ? 1055 ARG A CA  1 
ATOM   727  C C   . ARG A 1 97  ? 3.488   2.875   9.080   1.00 90.74  ? 1055 ARG A C   1 
ATOM   728  O O   . ARG A 1 97  ? 2.615   2.183   9.604   1.00 89.76  ? 1055 ARG A O   1 
ATOM   729  C CB  . ARG A 1 97  ? 3.372   5.354   9.434   1.00 95.65  ? 1055 ARG A CB  1 
ATOM   730  C CG  . ARG A 1 97  ? 3.618   6.517   10.381  1.00 114.79 ? 1055 ARG A CG  1 
ATOM   731  C CD  . ARG A 1 97  ? 2.634   7.650   10.133  1.00 130.89 ? 1055 ARG A CD  1 
ATOM   732  N NE  . ARG A 1 97  ? 2.782   8.219   8.797   1.00 144.78 ? 1055 ARG A NE  1 
ATOM   733  C CZ  . ARG A 1 97  ? 3.645   9.182   8.486   1.00 157.80 ? 1055 ARG A CZ  1 
ATOM   734  N NH1 . ARG A 1 97  ? 4.442   9.686   9.418   1.00 147.30 ? 1055 ARG A NH1 1 
ATOM   735  N NH2 . ARG A 1 97  ? 3.709   9.641   7.243   1.00 138.11 ? 1055 ARG A NH2 1 
ATOM   736  N N   . ILE A 1 98  ? 3.950   2.653   7.856   1.00 83.05  ? 1056 ILE A N   1 
ATOM   737  C CA  . ILE A 1 98  ? 3.463   1.589   6.986   1.00 80.94  ? 1056 ILE A CA  1 
ATOM   738  C C   . ILE A 1 98  ? 3.336   0.206   7.654   1.00 85.47  ? 1056 ILE A C   1 
ATOM   739  O O   . ILE A 1 98  ? 2.287   -0.435  7.474   1.00 85.01  ? 1056 ILE A O   1 
ATOM   740  C CB  . ILE A 1 98  ? 4.268   1.523   5.665   1.00 82.82  ? 1056 ILE A CB  1 
ATOM   741  C CG1 . ILE A 1 98  ? 4.044   2.807   4.836   1.00 82.41  ? 1056 ILE A CG1 1 
ATOM   742  C CG2 . ILE A 1 98  ? 3.896   0.285   4.856   1.00 81.69  ? 1056 ILE A CG2 1 
ATOM   743  C CD1 . ILE A 1 98  ? 5.021   3.051   3.725   1.00 84.52  ? 1056 ILE A CD1 1 
ATOM   744  N N   . PRO A 1 99  ? 4.350   -0.293  8.396   1.00 82.99  ? 1057 PRO A N   1 
ATOM   745  C CA  . PRO A 1 99  ? 4.210   -1.633  9.012   1.00 82.29  ? 1057 PRO A CA  1 
ATOM   746  C C   . PRO A 1 99  ? 3.025   -1.730  9.967   1.00 83.34  ? 1057 PRO A C   1 
ATOM   747  O O   . PRO A 1 99  ? 2.357   -2.767  10.004  1.00 84.32  ? 1057 PRO A O   1 
ATOM   748  C CB  . PRO A 1 99  ? 5.543   -1.845  9.735   1.00 84.14  ? 1057 PRO A CB  1 
ATOM   749  C CG  . PRO A 1 99  ? 6.489   -0.862  9.111   1.00 89.15  ? 1057 PRO A CG  1 
ATOM   750  C CD  . PRO A 1 99  ? 5.659   0.313   8.723   1.00 84.66  ? 1057 PRO A CD  1 
ATOM   751  N N   . THR A 1 100 ? 2.744   -0.635  10.702  1.00 75.74  ? 1058 THR A N   1 
ATOM   752  C CA  . THR A 1 100 ? 1.637   -0.520  11.655  1.00 73.26  ? 1058 THR A CA  1 
ATOM   753  C C   . THR A 1 100 ? 0.290   -0.572  10.928  1.00 70.87  ? 1058 THR A C   1 
ATOM   754  O O   . THR A 1 100 ? -0.636  -1.279  11.358  1.00 67.72  ? 1058 THR A O   1 
ATOM   755  C CB  . THR A 1 100 ? 1.845   0.753   12.485  1.00 78.18  ? 1058 THR A CB  1 
ATOM   756  O OG1 . THR A 1 100 ? 2.906   0.508   13.407  1.00 73.15  ? 1058 THR A OG1 1 
ATOM   757  C CG2 . THR A 1 100 ? 0.591   1.203   13.218  1.00 77.23  ? 1058 THR A CG2 1 
ATOM   758  N N   . ILE A 1 101 ? 0.206   0.163   9.812   1.00 65.78  ? 1059 ILE A N   1 
ATOM   759  C CA  . ILE A 1 101 ? -1.007  0.233   9.002   1.00 65.25  ? 1059 ILE A CA  1 
ATOM   760  C C   . ILE A 1 101 ? -1.289  -1.125  8.378   1.00 72.88  ? 1059 ILE A C   1 
ATOM   761  O O   . ILE A 1 101 ? -2.422  -1.588  8.427   1.00 72.13  ? 1059 ILE A O   1 
ATOM   762  C CB  . ILE A 1 101 ? -0.931  1.396   7.959   1.00 67.69  ? 1059 ILE A CB  1 
ATOM   763  C CG1 . ILE A 1 101 ? -0.741  2.764   8.650   1.00 67.54  ? 1059 ILE A CG1 1 
ATOM   764  C CG2 . ILE A 1 101 ? -2.160  1.446   7.063   1.00 68.28  ? 1059 ILE A CG2 1 
ATOM   765  C CD1 . ILE A 1 101 ? -0.246  3.930   7.728   1.00 72.13  ? 1059 ILE A CD1 1 
ATOM   766  N N   . SER A 1 102 ? -0.254  -1.785  7.841   1.00 73.49  ? 1060 SER A N   1 
ATOM   767  C CA  . SER A 1 102 ? -0.432  -3.079  7.186   1.00 74.79  ? 1060 SER A CA  1 
ATOM   768  C C   . SER A 1 102 ? -0.651  -4.221  8.185   1.00 78.85  ? 1060 SER A C   1 
ATOM   769  O O   . SER A 1 102 ? -1.331  -5.189  7.844   1.00 79.96  ? 1060 SER A O   1 
ATOM   770  C CB  . SER A 1 102 ? 0.696   -3.366  6.199   1.00 79.66  ? 1060 SER A CB  1 
ATOM   771  O OG  . SER A 1 102 ? 1.912   -3.642  6.873   1.00 90.32  ? 1060 SER A OG  1 
ATOM   772  N N   . THR A 1 103 ? -0.129  -4.097  9.423   1.00 73.00  ? 1061 THR A N   1 
ATOM   773  C CA  . THR A 1 103 ? -0.431  -5.065  10.478  1.00 71.93  ? 1061 THR A CA  1 
ATOM   774  C C   . THR A 1 103 ? -1.933  -4.925  10.821  1.00 76.52  ? 1061 THR A C   1 
ATOM   775  O O   . THR A 1 103 ? -2.657  -5.920  10.952  1.00 76.13  ? 1061 THR A O   1 
ATOM   776  C CB  . THR A 1 103 ? 0.431   -4.820  11.695  1.00 75.73  ? 1061 THR A CB  1 
ATOM   777  O OG1 . THR A 1 103 ? 1.783   -5.119  11.358  1.00 76.83  ? 1061 THR A OG1 1 
ATOM   778  C CG2 . THR A 1 103 ? 0.003   -5.675  12.872  1.00 72.49  ? 1061 THR A CG2 1 
ATOM   779  N N   . GLN A 1 104 ? -2.398  -3.670  10.924  1.00 72.67  ? 1062 GLN A N   1 
ATOM   780  C CA  . GLN A 1 104 ? -3.803  -3.362  11.150  1.00 70.91  ? 1062 GLN A CA  1 
ATOM   781  C C   . GLN A 1 104 ? -4.690  -3.850  10.005  1.00 74.27  ? 1062 GLN A C   1 
ATOM   782  O O   . GLN A 1 104 ? -5.820  -4.254  10.273  1.00 73.49  ? 1062 GLN A O   1 
ATOM   783  C CB  . GLN A 1 104 ? -3.969  -1.870  11.338  1.00 71.57  ? 1062 GLN A CB  1 
ATOM   784  C CG  . GLN A 1 104 ? -3.805  -1.456  12.778  1.00 75.25  ? 1062 GLN A CG  1 
ATOM   785  C CD  . GLN A 1 104 ? -3.919  0.028   12.966  1.00 84.88  ? 1062 GLN A CD  1 
ATOM   786  O OE1 . GLN A 1 104 ? -3.220  0.617   13.793  1.00 80.69  ? 1062 GLN A OE1 1 
ATOM   787  N NE2 . GLN A 1 104 ? -4.786  0.677   12.200  1.00 74.97  ? 1062 GLN A NE2 1 
ATOM   788  N N   . LEU A 1 105 ? -4.180  -3.850  8.736   1.00 70.68  ? 1063 LEU A N   1 
ATOM   789  C CA  . LEU A 1 105 ? -4.951  -4.359  7.591   1.00 69.90  ? 1063 LEU A CA  1 
ATOM   790  C C   . LEU A 1 105 ? -5.227  -5.851  7.774   1.00 71.26  ? 1063 LEU A C   1 
ATOM   791  O O   . LEU A 1 105 ? -6.313  -6.308  7.445   1.00 67.33  ? 1063 LEU A O   1 
ATOM   792  C CB  . LEU A 1 105 ? -4.222  -4.086  6.254   1.00 70.38  ? 1063 LEU A CB  1 
ATOM   793  C CG  . LEU A 1 105 ? -4.864  -4.619  4.947   1.00 75.57  ? 1063 LEU A CG  1 
ATOM   794  C CD1 . LEU A 1 105 ? -5.987  -3.734  4.448   1.00 74.93  ? 1063 LEU A CD1 1 
ATOM   795  C CD2 . LEU A 1 105 ? -3.821  -4.789  3.865   1.00 79.90  ? 1063 LEU A CD2 1 
ATOM   796  N N   . LYS A 1 106 ? -4.244  -6.597  8.308   1.00 69.65  ? 1064 LYS A N   1 
ATOM   797  C CA  . LYS A 1 106 ? -4.356  -8.038  8.517   1.00 70.34  ? 1064 LYS A CA  1 
ATOM   798  C C   . LYS A 1 106 ? -5.381  -8.336  9.585   1.00 77.10  ? 1064 LYS A C   1 
ATOM   799  O O   . LYS A 1 106 ? -6.228  -9.211  9.398   1.00 77.74  ? 1064 LYS A O   1 
ATOM   800  C CB  . LYS A 1 106 ? -2.993  -8.664  8.849   1.00 72.70  ? 1064 LYS A CB  1 
ATOM   801  C CG  . LYS A 1 106 ? -1.991  -8.624  7.682   1.00 86.12  ? 1064 LYS A CG  1 
ATOM   802  C CD  . LYS A 1 106 ? -0.766  -9.522  7.901   1.00 91.06  ? 1064 LYS A CD  1 
ATOM   803  C CE  . LYS A 1 106 ? 0.241   -8.916  8.860   1.00 101.98 ? 1064 LYS A CE  1 
ATOM   804  N NZ  . LYS A 1 106 ? 1.430   -9.787  9.027   1.00 115.55 ? 1064 LYS A NZ  1 
ATOM   805  N N   . ILE A 1 107 ? -5.338  -7.578  10.688  1.00 74.72  ? 1065 ILE A N   1 
ATOM   806  C CA  . ILE A 1 107 ? -6.310  -7.716  11.779  1.00 73.73  ? 1065 ILE A CA  1 
ATOM   807  C C   . ILE A 1 107 ? -7.741  -7.416  11.290  1.00 78.08  ? 1065 ILE A C   1 
ATOM   808  O O   . ILE A 1 107 ? -8.639  -8.237  11.459  1.00 78.41  ? 1065 ILE A O   1 
ATOM   809  C CB  . ILE A 1 107 ? -5.913  -6.834  12.978  1.00 75.75  ? 1065 ILE A CB  1 
ATOM   810  C CG1 . ILE A 1 107 ? -4.653  -7.399  13.663  1.00 75.43  ? 1065 ILE A CG1 1 
ATOM   811  C CG2 . ILE A 1 107 ? -7.068  -6.746  13.954  1.00 75.27  ? 1065 ILE A CG2 1 
ATOM   812  C CD1 . ILE A 1 107 ? -3.771  -6.418  14.402  1.00 80.94  ? 1065 ILE A CD1 1 
ATOM   813  N N   . LEU A 1 108 ? -7.939  -6.269  10.657  1.00 73.93  ? 1066 LEU A N   1 
ATOM   814  C CA  . LEU A 1 108 ? -9.260  -5.851  10.217  1.00 74.16  ? 1066 LEU A CA  1 
ATOM   815  C C   . LEU A 1 108 ? -9.829  -6.715  9.107   1.00 81.74  ? 1066 LEU A C   1 
ATOM   816  O O   . LEU A 1 108 ? -11.047 -6.858  9.030   1.00 81.73  ? 1066 LEU A O   1 
ATOM   817  C CB  . LEU A 1 108 ? -9.271  -4.351  9.840   1.00 74.25  ? 1066 LEU A CB  1 
ATOM   818  C CG  . LEU A 1 108 ? -8.883  -3.362  10.948  1.00 79.02  ? 1066 LEU A CG  1 
ATOM   819  C CD1 . LEU A 1 108 ? -8.751  -1.949  10.398  1.00 78.94  ? 1066 LEU A CD1 1 
ATOM   820  C CD2 . LEU A 1 108 ? -9.817  -3.468  12.160  1.00 81.87  ? 1066 LEU A CD2 1 
ATOM   821  N N   . SER A 1 109 ? -8.964  -7.300  8.246   1.00 81.63  ? 1067 SER A N   1 
ATOM   822  C CA  . SER A 1 109 ? -9.411  -8.192  7.162   1.00 81.81  ? 1067 SER A CA  1 
ATOM   823  C C   . SER A 1 109 ? -9.877  -9.502  7.745   1.00 85.99  ? 1067 SER A C   1 
ATOM   824  O O   . SER A 1 109 ? -10.870 -10.050 7.272   1.00 84.73  ? 1067 SER A O   1 
ATOM   825  C CB  . SER A 1 109 ? -8.302  -8.462  6.159   1.00 84.38  ? 1067 SER A CB  1 
ATOM   826  O OG  . SER A 1 109 ? -7.978  -7.250  5.507   1.00 92.54  ? 1067 SER A OG  1 
ATOM   827  N N   . THR A 1 110 ? -9.173  -9.995  8.783   1.00 83.27  ? 1068 THR A N   1 
ATOM   828  C CA  . THR A 1 110 ? -9.532  -11.244 9.458   1.00 83.51  ? 1068 THR A CA  1 
ATOM   829  C C   . THR A 1 110 ? -10.852 -11.055 10.199  1.00 88.37  ? 1068 THR A C   1 
ATOM   830  O O   . THR A 1 110 ? -11.746 -11.892 10.073  1.00 88.62  ? 1068 THR A O   1 
ATOM   831  C CB  . THR A 1 110 ? -8.389  -11.724 10.326  1.00 92.45  ? 1068 THR A CB  1 
ATOM   832  O OG1 . THR A 1 110 ? -7.210  -11.819 9.514   1.00 96.75  ? 1068 THR A OG1 1 
ATOM   833  C CG2 . THR A 1 110 ? -8.690  -13.059 10.976  1.00 89.61  ? 1068 THR A CG2 1 
ATOM   834  N N   . VAL A 1 111 ? -10.994 -9.913  10.898  1.00 84.88  ? 1069 VAL A N   1 
ATOM   835  C CA  . VAL A 1 111 ? -12.230 -9.511  11.572  1.00 84.62  ? 1069 VAL A CA  1 
ATOM   836  C C   . VAL A 1 111 ? -13.384 -9.507  10.569  1.00 89.79  ? 1069 VAL A C   1 
ATOM   837  O O   . VAL A 1 111 ? -14.384 -10.169 10.816  1.00 89.63  ? 1069 VAL A O   1 
ATOM   838  C CB  . VAL A 1 111 ? -12.070 -8.129  12.252  1.00 88.12  ? 1069 VAL A CB  1 
ATOM   839  C CG1 . VAL A 1 111 ? -13.412 -7.524  12.652  1.00 87.62  ? 1069 VAL A CG1 1 
ATOM   840  C CG2 . VAL A 1 111 ? -11.151 -8.224  13.450  1.00 87.87  ? 1069 VAL A CG2 1 
ATOM   841  N N   . LYS A 1 112 ? -13.235 -8.787  9.443   1.00 88.15  ? 1070 LYS A N   1 
ATOM   842  C CA  . LYS A 1 112 ? -14.256 -8.714  8.398   1.00 89.16  ? 1070 LYS A CA  1 
ATOM   843  C C   . LYS A 1 112 ? -14.572 -10.093 7.803   1.00 98.61  ? 1070 LYS A C   1 
ATOM   844  O O   . LYS A 1 112 ? -15.746 -10.402 7.601   1.00 98.38  ? 1070 LYS A O   1 
ATOM   845  C CB  . LYS A 1 112 ? -13.867 -7.714  7.304   1.00 90.38  ? 1070 LYS A CB  1 
ATOM   846  C CG  . LYS A 1 112 ? -14.916 -7.574  6.208   1.00 93.40  ? 1070 LYS A CG  1 
ATOM   847  C CD  . LYS A 1 112 ? -16.247 -7.039  6.739   1.00 102.74 ? 1070 LYS A CD  1 
ATOM   848  C CE  . LYS A 1 112 ? -17.381 -7.298  5.782   1.00 117.17 ? 1070 LYS A CE  1 
ATOM   849  N NZ  . LYS A 1 112 ? -18.656 -6.677  6.242   1.00 129.02 ? 1070 LYS A NZ  1 
ATOM   850  N N   . ALA A 1 113 ? -13.532 -10.934 7.580   1.00 98.77  ? 1071 ALA A N   1 
ATOM   851  C CA  . ALA A 1 113 ? -13.677 -12.297 7.047   1.00 100.13 ? 1071 ALA A CA  1 
ATOM   852  C C   . ALA A 1 113 ? -14.439 -13.225 7.993   1.00 108.12 ? 1071 ALA A C   1 
ATOM   853  O O   . ALA A 1 113 ? -15.322 -13.943 7.537   1.00 107.76 ? 1071 ALA A O   1 
ATOM   854  C CB  . ALA A 1 113 ? -12.324 -12.893 6.685   1.00 100.77 ? 1071 ALA A CB  1 
ATOM   855  N N   . THR A 1 114 ? -14.100 -13.196 9.279   1.00 107.94 ? 1072 THR A N   1 
ATOM   856  C CA  . THR A 1 114 ? -14.779 -14.039 10.250  1.00 109.36 ? 1072 THR A CA  1 
ATOM   857  C C   . THR A 1 114 ? -16.245 -13.635 10.281  1.00 117.79 ? 1072 THR A C   1 
ATOM   858  O O   . THR A 1 114 ? -17.133 -14.486 10.325  1.00 118.34 ? 1072 THR A O   1 
ATOM   859  C CB  . THR A 1 114 ? -14.178 -13.882 11.658  1.00 116.55 ? 1072 THR A CB  1 
ATOM   860  O OG1 . THR A 1 114 ? -14.276 -12.515 12.074  1.00 117.09 ? 1072 THR A OG1 1 
ATOM   861  C CG2 . THR A 1 114 ? -12.717 -14.304 11.662  1.00 115.14 ? 1072 THR A CG2 1 
ATOM   862  N N   . MET A 1 115 ? -16.495 -12.328 10.278  1.00 116.37 ? 1073 MET A N   1 
ATOM   863  C CA  . MET A 1 115 ? -17.859 -11.803 10.289  1.00 117.21 ? 1073 MET A CA  1 
ATOM   864  C C   . MET A 1 115 ? -18.433 -11.627 8.882   1.00 126.26 ? 1073 MET A C   1 
ATOM   865  O O   . MET A 1 115 ? -18.617 -10.502 8.420   1.00 125.34 ? 1073 MET A O   1 
ATOM   866  C CB  . MET A 1 115 ? -17.913 -10.474 11.047  1.00 119.10 ? 1073 MET A CB  1 
ATOM   867  C CG  . MET A 1 115 ? -17.171 -9.339  10.363  1.00 122.13 ? 1073 MET A CG  1 
ATOM   868  S SD  . MET A 1 115 ? -17.402 -7.756  11.194  1.00 125.62 ? 1073 MET A SD  1 
ATOM   869  C CE  . MET A 1 115 ? -19.038 -7.308  10.620  1.00 122.12 ? 1073 MET A CE  1 
ATOM   870  N N   . LEU A 1 116 ? -18.717 -12.736 8.206   1.00 127.69 ? 1074 LEU A N   1 
ATOM   871  C CA  . LEU A 1 116 ? -19.278 -12.694 6.857   1.00 129.74 ? 1074 LEU A CA  1 
ATOM   872  C C   . LEU A 1 116 ? -20.219 -13.874 6.643   1.00 137.81 ? 1074 LEU A C   1 
ATOM   873  O O   . LEU A 1 116 ? -20.089 -14.895 7.317   1.00 137.73 ? 1074 LEU A O   1 
ATOM   874  C CB  . LEU A 1 116 ? -18.163 -12.711 5.810   1.00 129.96 ? 1074 LEU A CB  1 
ATOM   875  C CG  . LEU A 1 116 ? -17.233 -11.496 5.791   1.00 134.69 ? 1074 LEU A CG  1 
ATOM   876  C CD1 . LEU A 1 116 ? -16.090 -11.710 4.809   1.00 134.79 ? 1074 LEU A CD1 1 
ATOM   877  C CD2 . LEU A 1 116 ? -18.007 -10.232 5.452   1.00 137.62 ? 1074 LEU A CD2 1 
ATOM   878  N N   . GLY A 1 117 ? -21.165 -13.750 5.713   1.00 136.87 ? 1075 GLY A N   1 
ATOM   879  C CA  . GLY A 1 117 ? -22.070 -14.857 5.480   1.00 137.85 ? 1075 GLY A CA  1 
ATOM   880  C C   . GLY A 1 117 ? -23.007 -15.013 6.658   1.00 144.38 ? 1075 GLY A C   1 
ATOM   881  O O   . GLY A 1 117 ? -24.225 -15.118 6.508   1.00 144.54 ? 1075 GLY A O   1 
ATOM   882  N N   . ARG A 1 118 ? -22.408 -15.038 7.844   1.00 141.81 ? 1076 ARG A N   1 
ATOM   883  C CA  . ARG A 1 118 ? -23.137 -15.214 9.093   1.00 141.98 ? 1076 ARG A CA  1 
ATOM   884  C C   . ARG A 1 118 ? -24.146 -14.105 9.368   1.00 146.81 ? 1076 ARG A C   1 
ATOM   885  O O   . ARG A 1 118 ? -23.904 -12.928 9.103   1.00 146.78 ? 1076 ARG A O   1 
ATOM   886  C CB  . ARG A 1 118 ? -22.160 -15.331 10.266  1.00 142.14 ? 1076 ARG A CB  1 
ATOM   887  C CG  . ARG A 1 118 ? -21.310 -16.591 10.244  1.00 150.24 ? 1076 ARG A CG  1 
ATOM   888  C CD  . ARG A 1 118 ? -20.400 -16.666 11.459  1.00 158.15 ? 1076 ARG A CD  1 
ATOM   889  N NE  . ARG A 1 118 ? -19.526 -17.835 11.417  1.00 166.16 ? 1076 ARG A NE  1 
ATOM   890  C CZ  . ARG A 1 118 ? -18.559 -18.076 12.296  1.00 179.96 ? 1076 ARG A CZ  1 
ATOM   891  N NH1 . ARG A 1 118 ? -18.338 -17.227 13.290  1.00 169.10 ? 1076 ARG A NH1 1 
ATOM   892  N NH2 . ARG A 1 118 ? -17.812 -19.165 12.181  1.00 164.58 ? 1076 ARG A NH2 1 
ATOM   893  N N   . THR A 1 119 ? -25.284 -14.523 9.907   1.00 144.71 ? 1077 THR A N   1 
ATOM   894  C CA  . THR A 1 119 ? -26.403 -13.644 10.247  1.00 144.52 ? 1077 THR A CA  1 
ATOM   895  C C   . THR A 1 119 ? -26.444 -13.241 11.723  1.00 148.27 ? 1077 THR A C   1 
ATOM   896  O O   . THR A 1 119 ? -27.312 -12.473 12.138  1.00 148.25 ? 1077 THR A O   1 
ATOM   897  C CB  . THR A 1 119 ? -27.733 -14.319 9.865   1.00 151.74 ? 1077 THR A CB  1 
ATOM   898  O OG1 . THR A 1 119 ? -27.870 -15.551 10.582  1.00 148.68 ? 1077 THR A OG1 1 
ATOM   899  C CG2 . THR A 1 119 ? -27.708 -14.762 8.409   1.00 150.08 ? 1077 THR A CG2 1 
ATOM   900  N N   . ASN A 1 120 ? -25.510 -13.764 12.510  1.00 140.97 ? 1078 ASN A N   1 
ATOM   901  C CA  . ASN A 1 120 ? -25.456 -13.473 13.943  1.00 140.07 ? 1078 ASN A CA  1 
ATOM   902  C C   . ASN A 1 120 ? -25.200 -12.003 14.284  1.00 141.66 ? 1078 ASN A C   1 
ATOM   903  O O   . ASN A 1 120 ? -25.801 -11.461 15.211  1.00 141.35 ? 1078 ASN A O   1 
ATOM   904  C CB  . ASN A 1 120 ? -24.402 -14.353 14.621  1.00 141.37 ? 1078 ASN A CB  1 
ATOM   905  C CG  . ASN A 1 120 ? -24.495 -14.314 16.135  1.00 168.73 ? 1078 ASN A CG  1 
ATOM   906  O OD1 . ASN A 1 120 ? -25.575 -14.143 16.698  1.00 165.61 ? 1078 ASN A OD1 1 
ATOM   907  N ND2 . ASN A 1 120 ? -23.358 -14.472 16.801  1.00 159.41 ? 1078 ASN A ND2 1 
ATOM   908  N N   . ILE A 1 121 ? -24.305 -11.369 13.535  1.00 135.68 ? 1079 ILE A N   1 
ATOM   909  C CA  . ILE A 1 121 ? -23.948 -9.960  13.770  1.00 134.08 ? 1079 ILE A CA  1 
ATOM   910  C C   . ILE A 1 121 ? -24.882 -9.030  12.957  1.00 134.44 ? 1079 ILE A C   1 
ATOM   911  O O   . ILE A 1 121 ? -25.350 -9.437  11.884  1.00 133.38 ? 1079 ILE A O   1 
ATOM   912  C CB  . ILE A 1 121 ? -22.450 -9.770  13.397  1.00 136.94 ? 1079 ILE A CB  1 
ATOM   913  C CG1 . ILE A 1 121 ? -22.148 -10.084 11.914  1.00 137.10 ? 1079 ILE A CG1 1 
ATOM   914  C CG2 . ILE A 1 121 ? -21.524 -10.558 14.330  1.00 137.32 ? 1079 ILE A CG2 1 
ATOM   915  C CD1 . ILE A 1 121 ? -20.760 -9.709  11.465  1.00 144.14 ? 1079 ILE A CD1 1 
ATOM   916  N N   . SER A 1 122 ? -25.152 -7.802  13.457  1.00 128.57 ? 1080 SER A N   1 
ATOM   917  C CA  . SER A 1 122 ? -26.061 -6.854  12.796  1.00 127.29 ? 1080 SER A CA  1 
ATOM   918  C C   . SER A 1 122 ? -25.497 -6.278  11.521  1.00 128.62 ? 1080 SER A C   1 
ATOM   919  O O   . SER A 1 122 ? -24.312 -6.440  11.248  1.00 128.58 ? 1080 SER A O   1 
ATOM   920  C CB  . SER A 1 122 ? -26.435 -5.712  13.738  1.00 130.68 ? 1080 SER A CB  1 
ATOM   921  O OG  . SER A 1 122 ? -25.291 -5.007  14.191  1.00 137.43 ? 1080 SER A OG  1 
ATOM   922  N N   . ASP A 1 123 ? -26.339 -5.567  10.756  1.00 123.11 ? 1081 ASP A N   1 
ATOM   923  C CA  . ASP A 1 123 ? -25.910 -4.877  9.547   1.00 122.34 ? 1081 ASP A CA  1 
ATOM   924  C C   . ASP A 1 123 ? -25.046 -3.687  9.921   1.00 123.68 ? 1081 ASP A C   1 
ATOM   925  O O   . ASP A 1 123 ? -24.238 -3.256  9.108   1.00 123.84 ? 1081 ASP A O   1 
ATOM   926  C CB  . ASP A 1 123 ? -27.116 -4.420  8.719   1.00 124.51 ? 1081 ASP A CB  1 
ATOM   927  C CG  . ASP A 1 123 ? -27.858 -5.560  8.052   1.00 137.53 ? 1081 ASP A CG  1 
ATOM   928  O OD1 . ASP A 1 123 ? -27.297 -6.676  7.984   1.00 138.49 ? 1081 ASP A OD1 1 
ATOM   929  O OD2 . ASP A 1 123 ? -29.013 -5.344  7.618   1.00 145.22 ? 1081 ASP A OD2 1 
ATOM   930  N N   . GLU A 1 124 ? -25.209 -3.174  11.154  1.00 118.08 ? 1082 GLU A N   1 
ATOM   931  C CA  . GLU A 1 124 ? -24.456 -2.041  11.700  1.00 117.21 ? 1082 GLU A CA  1 
ATOM   932  C C   . GLU A 1 124 ? -23.020 -2.427  12.013  1.00 117.40 ? 1082 GLU A C   1 
ATOM   933  O O   . GLU A 1 124 ? -22.105 -1.732  11.592  1.00 116.86 ? 1082 GLU A O   1 
ATOM   934  C CB  . GLU A 1 124 ? -25.128 -1.498  12.965  1.00 119.10 ? 1082 GLU A CB  1 
ATOM   935  C CG  . GLU A 1 124 ? -26.267 -0.523  12.718  1.00 135.33 ? 1082 GLU A CG  1 
ATOM   936  C CD  . GLU A 1 124 ? -26.775 0.174   13.970  1.00 168.48 ? 1082 GLU A CD  1 
ATOM   937  O OE1 . GLU A 1 124 ? -27.899 0.729   13.933  1.00 167.39 ? 1082 GLU A OE1 1 
ATOM   938  O OE2 . GLU A 1 124 ? -26.052 0.159   14.994  1.00 168.54 ? 1082 GLU A OE2 1 
ATOM   939  N N   . GLU A 1 125 ? -22.828 -3.522  12.769  1.00 111.70 ? 1083 GLU A N   1 
ATOM   940  C CA  . GLU A 1 125 ? -21.513 -4.062  13.106  1.00 110.44 ? 1083 GLU A CA  1 
ATOM   941  C C   . GLU A 1 125 ? -20.780 -4.483  11.824  1.00 111.85 ? 1083 GLU A C   1 
ATOM   942  O O   . GLU A 1 125 ? -19.567 -4.287  11.718  1.00 111.65 ? 1083 GLU A O   1 
ATOM   943  C CB  . GLU A 1 125 ? -21.660 -5.264  14.038  1.00 111.92 ? 1083 GLU A CB  1 
ATOM   944  C CG  . GLU A 1 125 ? -21.770 -4.911  15.514  1.00 124.37 ? 1083 GLU A CG  1 
ATOM   945  C CD  . GLU A 1 125 ? -22.277 -6.029  16.411  1.00 152.12 ? 1083 GLU A CD  1 
ATOM   946  O OE1 . GLU A 1 125 ? -23.116 -6.844  15.956  1.00 151.88 ? 1083 GLU A OE1 1 
ATOM   947  O OE2 . GLU A 1 125 ? -21.856 -6.065  17.590  1.00 148.11 ? 1083 GLU A OE2 1 
ATOM   948  N N   . SER A 1 126 ? -21.530 -5.026  10.840  1.00 106.15 ? 1084 SER A N   1 
ATOM   949  C CA  . SER A 1 126 ? -20.996 -5.458  9.547   1.00 104.79 ? 1084 SER A CA  1 
ATOM   950  C C   . SER A 1 126 ? -20.489 -4.262  8.740   1.00 104.66 ? 1084 SER A C   1 
ATOM   951  O O   . SER A 1 126 ? -19.362 -4.318  8.245   1.00 103.32 ? 1084 SER A O   1 
ATOM   952  C CB  . SER A 1 126 ? -22.042 -6.237  8.760   1.00 109.00 ? 1084 SER A CB  1 
ATOM   953  O OG  . SER A 1 126 ? -21.525 -6.607  7.493   1.00 119.94 ? 1084 SER A OG  1 
ATOM   954  N N   . GLU A 1 127 ? -21.301 -3.217  8.626   1.00 98.86  ? 1085 GLU A N   1 
ATOM   955  C CA  . GLU A 1 127 ? -20.915 -2.018  7.897   1.00 97.42  ? 1085 GLU A CA  1 
ATOM   956  C C   . GLU A 1 127 ? -19.718 -1.359  8.574   1.00 97.23  ? 1085 GLU A C   1 
ATOM   957  O O   . GLU A 1 127 ? -18.803 -0.874  7.908   1.00 96.71  ? 1085 GLU A O   1 
ATOM   958  C CB  . GLU A 1 127 ? -22.083 -1.035  7.819   1.00 99.00  ? 1085 GLU A CB  1 
ATOM   959  C CG  . GLU A 1 127 ? -23.250 -1.523  6.975   1.00 113.34 ? 1085 GLU A CG  1 
ATOM   960  C CD  . GLU A 1 127 ? -24.417 -0.556  6.980   1.00 140.40 ? 1085 GLU A CD  1 
ATOM   961  O OE1 . GLU A 1 127 ? -24.397 0.399   7.785   1.00 131.90 ? 1085 GLU A OE1 1 
ATOM   962  O OE2 . GLU A 1 127 ? -25.356 -0.750  6.179   1.00 137.27 ? 1085 GLU A OE2 1 
ATOM   963  N N   . GLN A 1 128 ? -19.731 -1.347  9.903   1.00 90.61  ? 1086 GLN A N   1 
ATOM   964  C CA  . GLN A 1 128 ? -18.650 -0.748  10.677  1.00 88.74  ? 1086 GLN A CA  1 
ATOM   965  C C   . GLN A 1 128 ? -17.335 -1.477  10.423  1.00 90.40  ? 1086 GLN A C   1 
ATOM   966  O O   . GLN A 1 128 ? -16.285 -0.849  10.289  1.00 89.84  ? 1086 GLN A O   1 
ATOM   967  C CB  . GLN A 1 128 ? -18.983 -0.768  12.170  1.00 89.35  ? 1086 GLN A CB  1 
ATOM   968  C CG  . GLN A 1 128 ? -20.164 0.111   12.554  1.00 88.76  ? 1086 GLN A CG  1 
ATOM   969  C CD  . GLN A 1 128 ? -19.948 1.576   12.216  1.00 89.14  ? 1086 GLN A CD  1 
ATOM   970  O OE1 . GLN A 1 128 ? -18.852 2.107   12.390  1.00 80.25  ? 1086 GLN A OE1 1 
ATOM   971  N NE2 . GLN A 1 128 ? -20.995 2.236   11.729  1.00 73.49  ? 1086 GLN A NE2 1 
ATOM   972  N N   . ALA A 1 129 ? -17.399 -2.803  10.354  1.00 85.43  ? 1087 ALA A N   1 
ATOM   973  C CA  . ALA A 1 129 ? -16.210 -3.605  10.099  1.00 84.82  ? 1087 ALA A CA  1 
ATOM   974  C C   . ALA A 1 129 ? -15.681 -3.242  8.720   1.00 89.70  ? 1087 ALA A C   1 
ATOM   975  O O   . ALA A 1 129 ? -14.473 -3.127  8.510   1.00 88.92  ? 1087 ALA A O   1 
ATOM   976  C CB  . ALA A 1 129 ? -16.542 -5.086  10.173  1.00 85.12  ? 1087 ALA A CB  1 
ATOM   977  N N   . THR A 1 130 ? -16.606 -3.058  7.786   1.00 85.96  ? 1088 THR A N   1 
ATOM   978  C CA  . THR A 1 130 ? -16.274 -2.689  6.411   1.00 85.04  ? 1088 THR A CA  1 
ATOM   979  C C   . THR A 1 130 ? -15.599 -1.318  6.402   1.00 87.96  ? 1088 THR A C   1 
ATOM   980  O O   . THR A 1 130 ? -14.574 -1.156  5.745   1.00 88.26  ? 1088 THR A O   1 
ATOM   981  C CB  . THR A 1 130 ? -17.525 -2.680  5.520   1.00 92.99  ? 1088 THR A CB  1 
ATOM   982  O OG1 . THR A 1 130 ? -17.927 -4.030  5.290   1.00 94.32  ? 1088 THR A OG1 1 
ATOM   983  C CG2 . THR A 1 130 ? -17.288 -1.998  4.175   1.00 91.12  ? 1088 THR A CG2 1 
ATOM   984  N N   . GLU A 1 131 ? -16.172 -0.340  7.122   1.00 82.26  ? 1089 GLU A N   1 
ATOM   985  C CA  . GLU A 1 131 ? -15.667 1.029   7.146   1.00 80.42  ? 1089 GLU A CA  1 
ATOM   986  C C   . GLU A 1 131 ? -14.321 1.146   7.835   1.00 80.14  ? 1089 GLU A C   1 
ATOM   987  O O   . GLU A 1 131 ? -13.512 1.962   7.415   1.00 79.48  ? 1089 GLU A O   1 
ATOM   988  C CB  . GLU A 1 131 ? -16.700 1.999   7.709   1.00 82.04  ? 1089 GLU A CB  1 
ATOM   989  C CG  . GLU A 1 131 ? -17.954 2.043   6.848   1.00 98.82  ? 1089 GLU A CG  1 
ATOM   990  C CD  . GLU A 1 131 ? -17.737 2.401   5.386   1.00 127.52 ? 1089 GLU A CD  1 
ATOM   991  O OE1 . GLU A 1 131 ? -17.092 3.442   5.113   1.00 123.68 ? 1089 GLU A OE1 1 
ATOM   992  O OE2 . GLU A 1 131 ? -18.180 1.614   4.515   1.00 124.54 ? 1089 GLU A OE2 1 
ATOM   993  N N   . MET A 1 132 ? -14.052 0.308   8.837   1.00 74.32  ? 1090 MET A N   1 
ATOM   994  C CA  . MET A 1 132 ? -12.753 0.266   9.486   1.00 73.77  ? 1090 MET A CA  1 
ATOM   995  C C   . MET A 1 132 ? -11.722 -0.198  8.478   1.00 74.29  ? 1090 MET A C   1 
ATOM   996  O O   . MET A 1 132 ? -10.674 0.427   8.366   1.00 73.48  ? 1090 MET A O   1 
ATOM   997  C CB  . MET A 1 132 ? -12.775 -0.707  10.656  1.00 76.91  ? 1090 MET A CB  1 
ATOM   998  C CG  . MET A 1 132 ? -13.604 -0.236  11.825  1.00 81.50  ? 1090 MET A CG  1 
ATOM   999  S SD  . MET A 1 132 ? -13.361 -1.245  13.305  1.00 86.84  ? 1090 MET A SD  1 
ATOM   1000 C CE  . MET A 1 132 ? -14.058 -2.807  12.741  1.00 83.71  ? 1090 MET A CE  1 
ATOM   1001 N N   . LEU A 1 133 ? -12.034 -1.285  7.731   1.00 68.78  ? 1091 LEU A N   1 
ATOM   1002 C CA  . LEU A 1 133 ? -11.185 -1.853  6.672   1.00 66.65  ? 1091 LEU A CA  1 
ATOM   1003 C C   . LEU A 1 133 ? -10.937 -0.799  5.567   1.00 65.90  ? 1091 LEU A C   1 
ATOM   1004 O O   . LEU A 1 133 ? -9.786  -0.551  5.213   1.00 63.55  ? 1091 LEU A O   1 
ATOM   1005 C CB  . LEU A 1 133 ? -11.814 -3.150  6.101   1.00 66.35  ? 1091 LEU A CB  1 
ATOM   1006 C CG  . LEU A 1 133 ? -10.964 -4.031  5.204   1.00 70.51  ? 1091 LEU A CG  1 
ATOM   1007 C CD1 . LEU A 1 133 ? -9.623  -4.290  5.794   1.00 69.94  ? 1091 LEU A CD1 1 
ATOM   1008 C CD2 . LEU A 1 133 ? -11.638 -5.353  4.953   1.00 74.41  ? 1091 LEU A CD2 1 
ATOM   1009 N N   . VAL A 1 134 ? -11.997 -0.167  5.077   1.00 61.18  ? 1092 VAL A N   1 
ATOM   1010 C CA  . VAL A 1 134 ? -11.853 0.831   4.026   1.00 60.75  ? 1092 VAL A CA  1 
ATOM   1011 C C   . VAL A 1 134 ? -10.976 1.992   4.483   1.00 68.82  ? 1092 VAL A C   1 
ATOM   1012 O O   . VAL A 1 134 ? -10.154 2.492   3.716   1.00 70.04  ? 1092 VAL A O   1 
ATOM   1013 C CB  . VAL A 1 134 ? -13.221 1.379   3.577   1.00 63.03  ? 1092 VAL A CB  1 
ATOM   1014 C CG1 . VAL A 1 134 ? -13.037 2.504   2.569   1.00 62.72  ? 1092 VAL A CG1 1 
ATOM   1015 C CG2 . VAL A 1 134 ? -14.073 0.263   2.992   1.00 62.33  ? 1092 VAL A CG2 1 
ATOM   1016 N N   . HIS A 1 135 ? -11.146 2.419   5.730   1.00 67.21  ? 1093 HIS A N   1 
ATOM   1017 C CA  . HIS A 1 135 ? -10.345 3.519   6.255   1.00 67.95  ? 1093 HIS A CA  1 
ATOM   1018 C C   . HIS A 1 135 ? -8.862  3.151   6.287   1.00 69.28  ? 1093 HIS A C   1 
ATOM   1019 O O   . HIS A 1 135 ? -8.007  3.963   5.931   1.00 68.52  ? 1093 HIS A O   1 
ATOM   1020 C CB  . HIS A 1 135 ? -10.821 3.906   7.656   1.00 70.23  ? 1093 HIS A CB  1 
ATOM   1021 C CG  . HIS A 1 135 ? -10.078 5.063   8.249   1.00 74.69  ? 1093 HIS A CG  1 
ATOM   1022 N ND1 . HIS A 1 135 ? -10.084 6.320   7.683   1.00 76.83  ? 1093 HIS A ND1 1 
ATOM   1023 C CD2 . HIS A 1 135 ? -9.305  5.154   9.357   1.00 76.84  ? 1093 HIS A CD2 1 
ATOM   1024 C CE1 . HIS A 1 135 ? -9.348  7.135   8.417   1.00 76.28  ? 1093 HIS A CE1 1 
ATOM   1025 N NE2 . HIS A 1 135 ? -8.863  6.452   9.438   1.00 76.56  ? 1093 HIS A NE2 1 
ATOM   1026 N N   . ASN A 1 136 ? -8.565  1.926   6.710   1.00 65.90  ? 1094 ASN A N   1 
ATOM   1027 C CA  . ASN A 1 136 ? -7.185  1.449   6.775   1.00 64.79  ? 1094 ASN A CA  1 
ATOM   1028 C C   . ASN A 1 136 ? -6.570  1.384   5.380   1.00 64.08  ? 1094 ASN A C   1 
ATOM   1029 O O   . ASN A 1 136 ? -5.411  1.745   5.177   1.00 61.64  ? 1094 ASN A O   1 
ATOM   1030 C CB  . ASN A 1 136 ? -7.123  0.075   7.444   1.00 66.74  ? 1094 ASN A CB  1 
ATOM   1031 C CG  . ASN A 1 136 ? -5.708  -0.337  7.799   1.00 102.50 ? 1094 ASN A CG  1 
ATOM   1032 O OD1 . ASN A 1 136 ? -4.859  0.505   8.094   1.00 94.02  ? 1094 ASN A OD1 1 
ATOM   1033 N ND2 . ASN A 1 136 ? -5.446  -1.639  7.771   1.00 103.57 ? 1094 ASN A ND2 1 
ATOM   1034 N N   . ALA A 1 137 ? -7.367  0.916   4.427   1.00 58.59  ? 1095 ALA A N   1 
ATOM   1035 C CA  . ALA A 1 137 ? -6.950  0.788   3.034   1.00 56.41  ? 1095 ALA A CA  1 
ATOM   1036 C C   . ALA A 1 137 ? -6.614  2.151   2.446   1.00 62.28  ? 1095 ALA A C   1 
ATOM   1037 O O   . ALA A 1 137 ? -5.592  2.277   1.778   1.00 61.76  ? 1095 ALA A O   1 
ATOM   1038 C CB  . ALA A 1 137 ? -8.031  0.111   2.211   1.00 56.17  ? 1095 ALA A CB  1 
ATOM   1039 N N   . GLN A 1 138 ? -7.442  3.187   2.711   1.00 60.40  ? 1096 GLN A N   1 
ATOM   1040 C CA  . GLN A 1 138 ? -7.178  4.553   2.218   1.00 59.73  ? 1096 GLN A CA  1 
ATOM   1041 C C   . GLN A 1 138 ? -5.872  5.093   2.812   1.00 62.83  ? 1096 GLN A C   1 
ATOM   1042 O O   . GLN A 1 138 ? -5.039  5.634   2.091   1.00 61.18  ? 1096 GLN A O   1 
ATOM   1043 C CB  . GLN A 1 138 ? -8.355  5.497   2.529   1.00 60.40  ? 1096 GLN A CB  1 
ATOM   1044 C CG  . GLN A 1 138 ? -9.659  5.144   1.793   1.00 73.57  ? 1096 GLN A CG  1 
ATOM   1045 C CD  . GLN A 1 138 ? -10.899 5.871   2.312   1.00 87.67  ? 1096 GLN A CD  1 
ATOM   1046 O OE1 . GLN A 1 138 ? -11.113 6.051   3.531   1.00 76.46  ? 1096 GLN A OE1 1 
ATOM   1047 N NE2 . GLN A 1 138 ? -11.791 6.222   1.396   1.00 81.06  ? 1096 GLN A NE2 1 
ATOM   1048 N N   . ASN A 1 139 ? -5.699  4.921   4.125   1.00 60.84  ? 1097 ASN A N   1 
ATOM   1049 C CA  . ASN A 1 139 ? -4.514  5.359   4.858   1.00 61.62  ? 1097 ASN A CA  1 
ATOM   1050 C C   . ASN A 1 139 ? -3.272  4.697   4.273   1.00 67.33  ? 1097 ASN A C   1 
ATOM   1051 O O   . ASN A 1 139 ? -2.278  5.381   4.024   1.00 67.96  ? 1097 ASN A O   1 
ATOM   1052 C CB  . ASN A 1 139 ? -4.636  4.998   6.341   1.00 66.00  ? 1097 ASN A CB  1 
ATOM   1053 C CG  . ASN A 1 139 ? -5.637  5.785   7.128   1.00 102.73 ? 1097 ASN A CG  1 
ATOM   1054 O OD1 . ASN A 1 139 ? -5.401  6.952   7.484   1.00 100.31 ? 1097 ASN A OD1 1 
ATOM   1055 N ND2 . ASN A 1 139 ? -6.806  5.177   7.331   1.00 96.31  ? 1097 ASN A ND2 1 
ATOM   1056 N N   . LEU A 1 140 ? -3.341  3.373   4.008   1.00 63.35  ? 1098 LEU A N   1 
ATOM   1057 C CA  . LEU A 1 140 ? -2.217  2.613   3.448   1.00 61.61  ? 1098 LEU A CA  1 
ATOM   1058 C C   . LEU A 1 140 ? -1.866  3.093   2.051   1.00 62.20  ? 1098 LEU A C   1 
ATOM   1059 O O   . LEU A 1 140 ? -0.702  3.356   1.769   1.00 60.17  ? 1098 LEU A O   1 
ATOM   1060 C CB  . LEU A 1 140 ? -2.491  1.101   3.451   1.00 61.28  ? 1098 LEU A CB  1 
ATOM   1061 C CG  . LEU A 1 140 ? -1.328  0.198   3.060   1.00 65.24  ? 1098 LEU A CG  1 
ATOM   1062 C CD1 . LEU A 1 140 ? -0.097  0.486   3.888   1.00 64.99  ? 1098 LEU A CD1 1 
ATOM   1063 C CD2 . LEU A 1 140 ? -1.712  -1.262  3.211   1.00 68.35  ? 1098 LEU A CD2 1 
ATOM   1064 N N   . MET A 1 141 ? -2.871  3.230   1.185   1.00 57.87  ? 1099 MET A N   1 
ATOM   1065 C CA  . MET A 1 141 ? -2.661  3.714   -0.180  1.00 57.43  ? 1099 MET A CA  1 
ATOM   1066 C C   . MET A 1 141 ? -2.011  5.089   -0.157  1.00 61.26  ? 1099 MET A C   1 
ATOM   1067 O O   . MET A 1 141 ? -1.020  5.303   -0.840  1.00 59.35  ? 1099 MET A O   1 
ATOM   1068 C CB  . MET A 1 141 ? -3.956  3.669   -1.030  1.00 59.69  ? 1099 MET A CB  1 
ATOM   1069 C CG  . MET A 1 141 ? -4.542  2.252   -1.226  1.00 63.79  ? 1099 MET A CG  1 
ATOM   1070 S SD  . MET A 1 141 ? -3.529  1.037   -2.124  1.00 69.23  ? 1099 MET A SD  1 
ATOM   1071 C CE  . MET A 1 141 ? -2.419  0.399   -0.839  1.00 65.89  ? 1099 MET A CE  1 
ATOM   1072 N N   . GLN A 1 142 ? -2.512  5.978   0.693   1.00 60.96  ? 1100 GLN A N   1 
ATOM   1073 C CA  . GLN A 1 142 ? -1.935  7.311   0.838   1.00 60.71  ? 1100 GLN A CA  1 
ATOM   1074 C C   . GLN A 1 142 ? -0.486  7.300   1.364   1.00 61.81  ? 1100 GLN A C   1 
ATOM   1075 O O   . GLN A 1 142 ? 0.347   8.072   0.889   1.00 58.71  ? 1100 GLN A O   1 
ATOM   1076 C CB  . GLN A 1 142 ? -2.813  8.177   1.745   1.00 61.90  ? 1100 GLN A CB  1 
ATOM   1077 C CG  . GLN A 1 142 ? -2.354  9.621   1.858   1.00 66.76  ? 1100 GLN A CG  1 
ATOM   1078 C CD  . GLN A 1 142 ? -2.427  10.361  0.537   1.00 78.07  ? 1100 GLN A CD  1 
ATOM   1079 O OE1 . GLN A 1 142 ? -3.497  10.491  -0.057  1.00 69.13  ? 1100 GLN A OE1 1 
ATOM   1080 N NE2 . GLN A 1 142 ? -1.284  10.851  0.069   1.00 72.95  ? 1100 GLN A NE2 1 
ATOM   1081 N N   . SER A 1 143 ? -0.186  6.438   2.337   1.00 58.34  ? 1101 SER A N   1 
ATOM   1082 C CA  . SER A 1 143 ? 1.158   6.367   2.903   1.00 58.70  ? 1101 SER A CA  1 
ATOM   1083 C C   . SER A 1 143 ? 2.212   5.865   1.909   1.00 62.60  ? 1101 SER A C   1 
ATOM   1084 O O   . SER A 1 143 ? 3.313   6.396   1.872   1.00 63.37  ? 1101 SER A O   1 
ATOM   1085 C CB  . SER A 1 143 ? 1.158   5.522   4.164   1.00 63.76  ? 1101 SER A CB  1 
ATOM   1086 O OG  . SER A 1 143 ? 0.383   6.134   5.182   1.00 75.19  ? 1101 SER A OG  1 
ATOM   1087 N N   . VAL A 1 144 ? 1.855   4.871   1.083   1.00 56.45  ? 1102 VAL A N   1 
ATOM   1088 C CA  . VAL A 1 144 ? 2.747   4.325   0.075   1.00 54.22  ? 1102 VAL A CA  1 
ATOM   1089 C C   . VAL A 1 144 ? 2.959   5.355   -1.052  1.00 58.44  ? 1102 VAL A C   1 
ATOM   1090 O O   . VAL A 1 144 ? 4.078   5.555   -1.479  1.00 59.10  ? 1102 VAL A O   1 
ATOM   1091 C CB  . VAL A 1 144 ? 2.219   2.959   -0.408  1.00 56.38  ? 1102 VAL A CB  1 
ATOM   1092 C CG1 . VAL A 1 144 ? 3.031   2.417   -1.583  1.00 56.01  ? 1102 VAL A CG1 1 
ATOM   1093 C CG2 . VAL A 1 144 ? 2.203   1.958   0.747   1.00 55.57  ? 1102 VAL A CG2 1 
ATOM   1094 N N   . LYS A 1 145 ? 1.897   6.033   -1.484  1.00 54.84  ? 1103 LYS A N   1 
ATOM   1095 C CA  . LYS A 1 145 ? 1.938   7.077   -2.509  1.00 54.79  ? 1103 LYS A CA  1 
ATOM   1096 C C   . LYS A 1 145 ? 2.904   8.197   -2.063  1.00 61.60  ? 1103 LYS A C   1 
ATOM   1097 O O   . LYS A 1 145 ? 3.796   8.581   -2.817  1.00 59.76  ? 1103 LYS A O   1 
ATOM   1098 C CB  . LYS A 1 145 ? 0.510   7.610   -2.741  1.00 55.92  ? 1103 LYS A CB  1 
ATOM   1099 C CG  . LYS A 1 145 ? 0.340   8.654   -3.818  1.00 62.61  ? 1103 LYS A CG  1 
ATOM   1100 C CD  . LYS A 1 145 ? -1.142  8.976   -4.022  1.00 79.42  ? 1103 LYS A CD  1 
ATOM   1101 C CE  . LYS A 1 145 ? -1.338  10.017  -5.093  1.00 90.95  ? 1103 LYS A CE  1 
ATOM   1102 N NZ  . LYS A 1 145 ? -2.767  10.372  -5.295  1.00 103.94 ? 1103 LYS A NZ  1 
ATOM   1103 N N   . GLU A 1 146 ? 2.758   8.669   -0.815  1.00 61.11  ? 1104 GLU A N   1 
ATOM   1104 C CA  . GLU A 1 146 ? 3.652   9.671   -0.216  1.00 61.39  ? 1104 GLU A CA  1 
ATOM   1105 C C   . GLU A 1 146 ? 5.077   9.119   -0.158  1.00 65.70  ? 1104 GLU A C   1 
ATOM   1106 O O   . GLU A 1 146 ? 6.021   9.869   -0.423  1.00 66.64  ? 1104 GLU A O   1 
ATOM   1107 C CB  . GLU A 1 146 ? 3.206   10.031  1.215   1.00 62.63  ? 1104 GLU A CB  1 
ATOM   1108 C CG  . GLU A 1 146 ? 1.886   10.763  1.349   1.00 72.54  ? 1104 GLU A CG  1 
ATOM   1109 C CD  . GLU A 1 146 ? 1.471   11.023  2.786   1.00 92.07  ? 1104 GLU A CD  1 
ATOM   1110 O OE1 . GLU A 1 146 ? 2.128   10.459  3.690   1.00 86.59  ? 1104 GLU A OE1 1 
ATOM   1111 O OE2 . GLU A 1 146 ? 0.525   11.813  3.013   1.00 90.42  ? 1104 GLU A OE2 1 
ATOM   1112 N N   . THR A 1 147 ? 5.240   7.811   0.182   1.00 59.37  ? 1105 THR A N   1 
ATOM   1113 C CA  . THR A 1 147 ? 6.553   7.172   0.249   1.00 57.67  ? 1105 THR A CA  1 
ATOM   1114 C C   . THR A 1 147 ? 7.203   7.141   -1.164  1.00 61.75  ? 1105 THR A C   1 
ATOM   1115 O O   . THR A 1 147 ? 8.397   7.394   -1.285  1.00 61.50  ? 1105 THR A O   1 
ATOM   1116 C CB  . THR A 1 147 ? 6.457   5.785   0.923   1.00 59.52  ? 1105 THR A CB  1 
ATOM   1117 O OG1 . THR A 1 147 ? 5.875   5.899   2.227   1.00 59.01  ? 1105 THR A OG1 1 
ATOM   1118 C CG2 . THR A 1 147 ? 7.808   5.101   1.052   1.00 50.88  ? 1105 THR A CG2 1 
ATOM   1119 N N   . VAL A 1 148 ? 6.420   6.870   -2.221  1.00 57.80  ? 1106 VAL A N   1 
ATOM   1120 C CA  . VAL A 1 148 ? 6.917   6.833   -3.596  1.00 57.01  ? 1106 VAL A CA  1 
ATOM   1121 C C   . VAL A 1 148 ? 7.435   8.231   -3.985  1.00 66.55  ? 1106 VAL A C   1 
ATOM   1122 O O   . VAL A 1 148 ? 8.573   8.371   -4.416  1.00 65.43  ? 1106 VAL A O   1 
ATOM   1123 C CB  . VAL A 1 148 ? 5.848   6.270   -4.594  1.00 58.29  ? 1106 VAL A CB  1 
ATOM   1124 C CG1 . VAL A 1 148 ? 6.280   6.453   -6.036  1.00 58.03  ? 1106 VAL A CG1 1 
ATOM   1125 C CG2 . VAL A 1 148 ? 5.564   4.800   -4.329  1.00 57.20  ? 1106 VAL A CG2 1 
ATOM   1126 N N   . ARG A 1 149 ? 6.602   9.255   -3.801  1.00 68.83  ? 1107 ARG A N   1 
ATOM   1127 C CA  . ARG A 1 149 ? 6.910   10.644  -4.113  1.00 71.17  ? 1107 ARG A CA  1 
ATOM   1128 C C   . ARG A 1 149 ? 8.211   11.107  -3.393  1.00 80.81  ? 1107 ARG A C   1 
ATOM   1129 O O   . ARG A 1 149 ? 9.154   11.567  -4.045  1.00 81.61  ? 1107 ARG A O   1 
ATOM   1130 C CB  . ARG A 1 149 ? 5.710   11.481  -3.718  1.00 71.88  ? 1107 ARG A CB  1 
ATOM   1131 C CG  . ARG A 1 149 ? 5.793   12.918  -4.073  1.00 91.04  ? 1107 ARG A CG  1 
ATOM   1132 C CD  . ARG A 1 149 ? 4.407   13.465  -3.977  1.00 111.76 ? 1107 ARG A CD  1 
ATOM   1133 N NE  . ARG A 1 149 ? 3.590   13.148  -5.147  1.00 120.71 ? 1107 ARG A NE  1 
ATOM   1134 C CZ  . ARG A 1 149 ? 2.276   13.330  -5.190  1.00 138.99 ? 1107 ARG A CZ  1 
ATOM   1135 N NH1 . ARG A 1 149 ? 1.623   13.772  -4.120  1.00 126.18 ? 1107 ARG A NH1 1 
ATOM   1136 N NH2 . ARG A 1 149 ? 1.600   13.056  -6.295  1.00 129.09 ? 1107 ARG A NH2 1 
ATOM   1137 N N   . GLU A 1 150 ? 8.276   10.919  -2.072  1.00 79.41  ? 1108 GLU A N   1 
ATOM   1138 C CA  . GLU A 1 150 ? 9.439   11.296  -1.263  1.00 80.02  ? 1108 GLU A CA  1 
ATOM   1139 C C   . GLU A 1 150 ? 10.686  10.492  -1.534  1.00 83.34  ? 1108 GLU A C   1 
ATOM   1140 O O   . GLU A 1 150 ? 11.774  11.055  -1.492  1.00 84.12  ? 1108 GLU A O   1 
ATOM   1141 C CB  . GLU A 1 150 ? 9.089   11.245  0.223   1.00 81.96  ? 1108 GLU A CB  1 
ATOM   1142 C CG  . GLU A 1 150 ? 8.107   12.343  0.608   1.00 97.19  ? 1108 GLU A CG  1 
ATOM   1143 C CD  . GLU A 1 150 ? 8.723   13.738  0.657   1.00 120.97 ? 1108 GLU A CD  1 
ATOM   1144 O OE1 . GLU A 1 150 ? 9.347   14.084  1.687   1.00 122.03 ? 1108 GLU A OE1 1 
ATOM   1145 O OE2 . GLU A 1 150 ? 8.633   14.462  -0.362  1.00 110.47 ? 1108 GLU A OE2 1 
ATOM   1146 N N   . ALA A 1 151 ? 10.546  9.180   -1.799  1.00 78.21  ? 1109 ALA A N   1 
ATOM   1147 C CA  . ALA A 1 151 ? 11.693  8.351   -2.129  1.00 76.57  ? 1109 ALA A CA  1 
ATOM   1148 C C   . ALA A 1 151 ? 12.339  8.872   -3.420  1.00 81.45  ? 1109 ALA A C   1 
ATOM   1149 O O   . ALA A 1 151 ? 13.561  8.858   -3.526  1.00 81.84  ? 1109 ALA A O   1 
ATOM   1150 C CB  . ALA A 1 151 ? 11.279  6.907   -2.286  1.00 76.82  ? 1109 ALA A CB  1 
ATOM   1151 N N   . GLU A 1 152 ? 11.527  9.361   -4.381  1.00 77.97  ? 1110 GLU A N   1 
ATOM   1152 C CA  . GLU A 1 152 ? 12.031  9.918   -5.636  1.00 78.15  ? 1110 GLU A CA  1 
ATOM   1153 C C   . GLU A 1 152 ? 12.752  11.242  -5.350  1.00 85.42  ? 1110 GLU A C   1 
ATOM   1154 O O   . GLU A 1 152 ? 13.875  11.450  -5.821  1.00 85.73  ? 1110 GLU A O   1 
ATOM   1155 C CB  . GLU A 1 152 ? 10.895  10.069  -6.680  1.00 79.22  ? 1110 GLU A CB  1 
ATOM   1156 C CG  . GLU A 1 152 ? 11.374  10.326  -8.095  1.00 87.09  ? 1110 GLU A CG  1 
ATOM   1157 C CD  . GLU A 1 152 ? 11.698  11.775  -8.402  1.00 103.06 ? 1110 GLU A CD  1 
ATOM   1158 O OE1 . GLU A 1 152 ? 11.259  12.665  -7.642  1.00 97.45  ? 1110 GLU A OE1 1 
ATOM   1159 O OE2 . GLU A 1 152 ? 12.388  12.024  -9.414  1.00 99.07  ? 1110 GLU A OE2 1 
ATOM   1160 N N   . ALA A 1 153 ? 12.105  12.122  -4.563  1.00 83.20  ? 1111 ALA A N   1 
ATOM   1161 C CA  . ALA A 1 153 ? 12.681  13.386  -4.126  1.00 82.88  ? 1111 ALA A CA  1 
ATOM   1162 C C   . ALA A 1 153 ? 14.028  13.140  -3.430  1.00 86.46  ? 1111 ALA A C   1 
ATOM   1163 O O   . ALA A 1 153 ? 14.988  13.851  -3.727  1.00 85.96  ? 1111 ALA A O   1 
ATOM   1164 C CB  . ALA A 1 153 ? 11.727  14.109  -3.184  1.00 83.68  ? 1111 ALA A CB  1 
ATOM   1165 N N   . ALA A 1 154 ? 14.112  12.117  -2.550  1.00 83.76  ? 1112 ALA A N   1 
ATOM   1166 C CA  . ALA A 1 154 ? 15.341  11.762  -1.832  1.00 85.17  ? 1112 ALA A CA  1 
ATOM   1167 C C   . ALA A 1 154 ? 16.447  11.251  -2.729  1.00 95.38  ? 1112 ALA A C   1 
ATOM   1168 O O   . ALA A 1 154 ? 17.609  11.467  -2.410  1.00 95.03  ? 1112 ALA A O   1 
ATOM   1169 C CB  . ALA A 1 154 ? 15.069  10.752  -0.726  1.00 85.65  ? 1112 ALA A CB  1 
ATOM   1170 N N   . SER A 1 155 ? 16.118  10.571  -3.833  1.00 96.81  ? 1113 SER A N   1 
ATOM   1171 C CA  . SER A 1 155 ? 17.130  10.030  -4.747  1.00 98.54  ? 1113 SER A CA  1 
ATOM   1172 C C   . SER A 1 155 ? 17.993  11.139  -5.374  1.00 108.61 ? 1113 SER A C   1 
ATOM   1173 O O   . SER A 1 155 ? 19.192  10.944  -5.594  1.00 108.45 ? 1113 SER A O   1 
ATOM   1174 C CB  . SER A 1 155 ? 16.464  9.189   -5.832  1.00 101.61 ? 1113 SER A CB  1 
ATOM   1175 O OG  . SER A 1 155 ? 15.946  10.023  -6.857  1.00 108.03 ? 1113 SER A OG  1 
ATOM   1176 N N   . ILE A 1 156 ? 17.377  12.301  -5.648  1.00 109.71 ? 1114 ILE A N   1 
ATOM   1177 C CA  . ILE A 1 156 ? 18.060  13.459  -6.224  1.00 111.15 ? 1114 ILE A CA  1 
ATOM   1178 C C   . ILE A 1 156 ? 19.270  13.866  -5.372  1.00 118.84 ? 1114 ILE A C   1 
ATOM   1179 O O   . ILE A 1 156 ? 20.305  14.247  -5.916  1.00 117.49 ? 1114 ILE A O   1 
ATOM   1180 C CB  . ILE A 1 156 ? 17.068  14.638  -6.415  1.00 114.49 ? 1114 ILE A CB  1 
ATOM   1181 C CG1 . ILE A 1 156 ? 15.791  14.213  -7.208  1.00 115.25 ? 1114 ILE A CG1 1 
ATOM   1182 C CG2 . ILE A 1 156 ? 17.771  15.831  -7.077  1.00 115.00 ? 1114 ILE A CG2 1 
ATOM   1183 C CD1 . ILE A 1 156 ? 14.539  15.122  -6.992  1.00 121.15 ? 1114 ILE A CD1 1 
ATOM   1184 N N   . LYS A 1 157 ? 19.145  13.749  -4.051  1.00 120.03 ? 1115 LYS A N   1 
ATOM   1185 C CA  . LYS A 1 157 ? 20.189  14.150  -3.117  1.00 121.94 ? 1115 LYS A CA  1 
ATOM   1186 C C   . LYS A 1 157 ? 21.117  13.047  -2.683  1.00 130.17 ? 1115 LYS A C   1 
ATOM   1187 O O   . LYS A 1 157 ? 21.914  13.271  -1.774  1.00 128.98 ? 1115 LYS A O   1 
ATOM   1188 C CB  . LYS A 1 157 ? 19.549  14.776  -1.872  1.00 124.97 ? 1115 LYS A CB  1 
ATOM   1189 C CG  . LYS A 1 157 ? 18.823  16.069  -2.203  1.00 140.79 ? 1115 LYS A CG  1 
ATOM   1190 C CD  . LYS A 1 157 ? 18.168  16.733  -0.995  1.00 152.86 ? 1115 LYS A CD  1 
ATOM   1191 C CE  . LYS A 1 157 ? 17.449  17.971  -1.483  1.00 163.11 ? 1115 LYS A CE  1 
ATOM   1192 N NZ  . LYS A 1 157 ? 18.378  18.973  -2.062  1.00 170.51 ? 1115 LYS A NZ  1 
ATOM   1193 N N   . ILE A 1 158 ? 21.082  11.895  -3.337  1.00 131.31 ? 1116 ILE A N   1 
ATOM   1194 C CA  . ILE A 1 158 ? 21.887  10.759  -2.901  1.00 132.84 ? 1116 ILE A CA  1 
ATOM   1195 C C   . ILE A 1 158 ? 23.366  11.085  -2.734  1.00 140.93 ? 1116 ILE A C   1 
ATOM   1196 O O   . ILE A 1 158 ? 23.946  11.849  -3.506  1.00 141.33 ? 1116 ILE A O   1 
ATOM   1197 C CB  . ILE A 1 158 ? 21.748  9.569   -3.870  1.00 135.68 ? 1116 ILE A CB  1 
ATOM   1198 C CG1 . ILE A 1 158 ? 22.233  9.959   -5.268  1.00 135.79 ? 1116 ILE A CG1 1 
ATOM   1199 C CG2 . ILE A 1 158 ? 20.307  9.085   -3.916  1.00 136.20 ? 1116 ILE A CG2 1 
ATOM   1200 C CD1 . ILE A 1 158 ? 22.333  8.793   -6.226  1.00 137.98 ? 1116 ILE A CD1 1 
ATOM   1201 N N   . ARG A 1 159 ? 23.961  10.454  -1.726  1.00 138.99 ? 1117 ARG A N   1 
ATOM   1202 C CA  . ARG A 1 159 ? 25.353  10.676  -1.395  1.00 139.16 ? 1117 ARG A CA  1 
ATOM   1203 C C   . ARG A 1 159 ? 26.098  10.393  -2.667  1.00 144.25 ? 1117 ARG A C   1 
ATOM   1204 O O   . ARG A 1 159 ? 25.735  9.496   -3.429  1.00 143.87 ? 1117 ARG A O   1 
ATOM   1205 C CB  . ARG A 1 159 ? 25.806  9.722   -0.290  1.00 138.92 ? 1117 ARG A CB  1 
ATOM   1206 C CG  . ARG A 1 159 ? 25.110  9.944   1.044   1.00 149.97 ? 1117 ARG A CG  1 
ATOM   1207 C CD  . ARG A 1 159 ? 25.534  8.903   2.067   1.00 165.04 ? 1117 ARG A CD  1 
ATOM   1208 N NE  . ARG A 1 159 ? 26.956  8.999   2.388   1.00 181.03 ? 1117 ARG A NE  1 
ATOM   1209 C CZ  . ARG A 1 159 ? 27.605  8.137   3.164   1.00 197.73 ? 1117 ARG A CZ  1 
ATOM   1210 N NH1 . ARG A 1 159 ? 28.900  8.303   3.402   1.00 182.88 ? 1117 ARG A NH1 1 
ATOM   1211 N NH2 . ARG A 1 159 ? 26.962  7.111   3.703   1.00 186.40 ? 1117 ARG A NH2 1 
ATOM   1212 N N   . THR A 1 160 ? 27.093  11.233  -2.942  1.00 141.43 ? 1118 THR A N   1 
ATOM   1213 C CA  . THR A 1 160 ? 27.826  11.130  -4.189  1.00 141.44 ? 1118 THR A CA  1 
ATOM   1214 C C   . THR A 1 160 ? 28.650  9.872   -4.302  1.00 143.71 ? 1118 THR A C   1 
ATOM   1215 O O   . THR A 1 160 ? 29.483  9.561   -3.450  1.00 143.20 ? 1118 THR A O   1 
ATOM   1216 C CB  . THR A 1 160 ? 28.751  12.347  -4.393  1.00 153.34 ? 1118 THR A CB  1 
ATOM   1217 O OG1 . THR A 1 160 ? 29.698  12.415  -3.321  1.00 154.97 ? 1118 THR A OG1 1 
ATOM   1218 C CG2 . THR A 1 160 ? 27.941  13.633  -4.431  1.00 151.85 ? 1118 THR A CG2 1 
ATOM   1219 N N   . ASP A 1 161 ? 28.406  9.130   -5.379  1.00 138.41 ? 1119 ASP A N   1 
ATOM   1220 C CA  . ASP A 1 161 ? 29.130  7.893   -5.667  1.00 137.09 ? 1119 ASP A CA  1 
ATOM   1221 C C   . ASP A 1 161 ? 29.085  6.844   -4.556  1.00 137.73 ? 1119 ASP A C   1 
ATOM   1222 O O   . ASP A 1 161 ? 30.095  6.199   -4.275  1.00 137.36 ? 1119 ASP A O   1 
ATOM   1223 C CB  . ASP A 1 161 ? 30.586  8.203   -6.027  1.00 138.91 ? 1119 ASP A CB  1 
ATOM   1224 C CG  . ASP A 1 161 ? 30.707  9.097   -7.244  1.00 148.13 ? 1119 ASP A CG  1 
ATOM   1225 O OD1 . ASP A 1 161 ? 29.662  9.484   -7.807  1.00 148.39 ? 1119 ASP A OD1 1 
ATOM   1226 O OD2 . ASP A 1 161 ? 31.849  9.415   -7.638  1.00 153.14 ? 1119 ASP A OD2 1 
ATOM   1227 N N   . ALA A 1 162 ? 27.928  6.667   -3.927  1.00 131.36 ? 1120 ALA A N   1 
ATOM   1228 C CA  . ALA A 1 162 ? 27.817  5.679   -2.857  1.00 129.30 ? 1120 ALA A CA  1 
ATOM   1229 C C   . ALA A 1 162 ? 26.842  4.544   -3.173  1.00 127.13 ? 1120 ALA A C   1 
ATOM   1230 O O   . ALA A 1 162 ? 25.675  4.778   -3.485  1.00 126.44 ? 1120 ALA A O   1 
ATOM   1231 C CB  . ALA A 1 162 ? 27.432  6.358   -1.551  1.00 130.06 ? 1120 ALA A CB  1 
ATOM   1232 N N   . GLY A 1 163 ? 27.338  3.312   -3.081  1.00 118.42 ? 1121 GLY A N   1 
ATOM   1233 C CA  . GLY A 1 163 ? 26.537  2.124   -3.323  1.00 115.26 ? 1121 GLY A CA  1 
ATOM   1234 C C   . GLY A 1 163 ? 25.844  2.059   -4.670  1.00 111.46 ? 1121 GLY A C   1 
ATOM   1235 O O   . GLY A 1 163 ? 26.447  2.301   -5.716  1.00 111.11 ? 1121 GLY A O   1 
ATOM   1236 N N   . PHE A 1 164 ? 24.557  1.728   -4.629  1.00 101.75 ? 1122 PHE A N   1 
ATOM   1237 C CA  . PHE A 1 164 ? 23.720  1.623   -5.822  1.00 98.50  ? 1122 PHE A CA  1 
ATOM   1238 C C   . PHE A 1 164 ? 22.378  2.298   -5.558  1.00 99.40  ? 1122 PHE A C   1 
ATOM   1239 O O   . PHE A 1 164 ? 21.767  2.084   -4.509  1.00 99.52  ? 1122 PHE A O   1 
ATOM   1240 C CB  . PHE A 1 164 ? 23.511  0.157   -6.205  1.00 98.69  ? 1122 PHE A CB  1 
ATOM   1241 C CG  . PHE A 1 164 ? 24.773  -0.552  -6.600  1.00 98.32  ? 1122 PHE A CG  1 
ATOM   1242 C CD1 . PHE A 1 164 ? 25.270  -0.445  -7.888  1.00 99.45  ? 1122 PHE A CD1 1 
ATOM   1243 C CD2 . PHE A 1 164 ? 25.464  -1.327  -5.683  1.00 99.45  ? 1122 PHE A CD2 1 
ATOM   1244 C CE1 . PHE A 1 164 ? 26.432  -1.098  -8.255  1.00 99.95  ? 1122 PHE A CE1 1 
ATOM   1245 C CE2 . PHE A 1 164 ? 26.626  -1.982  -6.043  1.00 101.73 ? 1122 PHE A CE2 1 
ATOM   1246 C CZ  . PHE A 1 164 ? 27.111  -1.867  -7.331  1.00 99.50  ? 1122 PHE A CZ  1 
ATOM   1247 N N   . THR A 1 165 ? 21.943  3.115   -6.511  1.00 91.96  ? 1123 THR A N   1 
ATOM   1248 C CA  . THR A 1 165 ? 20.676  3.841   -6.442  1.00 89.45  ? 1123 THR A CA  1 
ATOM   1249 C C   . THR A 1 165 ? 19.505  3.072   -7.059  1.00 87.15  ? 1123 THR A C   1 
ATOM   1250 O O   . THR A 1 165 ? 19.687  1.983   -7.617  1.00 87.39  ? 1123 THR A O   1 
ATOM   1251 C CB  . THR A 1 165 ? 20.782  5.220   -7.121  1.00 97.40  ? 1123 THR A CB  1 
ATOM   1252 O OG1 . THR A 1 165 ? 21.154  5.051   -8.495  1.00 94.09  ? 1123 THR A OG1 1 
ATOM   1253 C CG2 . THR A 1 165 ? 21.821  6.081   -6.421  1.00 98.84  ? 1123 THR A CG2 1 
ATOM   1254 N N   . LEU A 1 166 ? 18.309  3.651   -6.938  1.00 77.06  ? 1124 LEU A N   1 
ATOM   1255 C CA  . LEU A 1 166 ? 17.077  3.092   -7.496  1.00 73.15  ? 1124 LEU A CA  1 
ATOM   1256 C C   . LEU A 1 166 ? 16.752  3.947   -8.719  1.00 74.58  ? 1124 LEU A C   1 
ATOM   1257 O O   . LEU A 1 166 ? 16.680  5.179   -8.627  1.00 74.53  ? 1124 LEU A O   1 
ATOM   1258 C CB  . LEU A 1 166 ? 15.940  3.156   -6.478  1.00 72.08  ? 1124 LEU A CB  1 
ATOM   1259 C CG  . LEU A 1 166 ? 15.859  1.999   -5.480  1.00 74.64  ? 1124 LEU A CG  1 
ATOM   1260 C CD1 . LEU A 1 166 ? 17.066  2.003   -4.553  1.00 73.53  ? 1124 LEU A CD1 1 
ATOM   1261 C CD2 . LEU A 1 166 ? 14.566  2.068   -4.682  1.00 75.28  ? 1124 LEU A CD2 1 
ATOM   1262 N N   . ARG A 1 167 ? 16.559  3.305   -9.867  1.00 68.14  ? 1125 ARG A N   1 
ATOM   1263 C CA  . ARG A 1 167 ? 16.334  4.057   -11.102 1.00 66.32  ? 1125 ARG A CA  1 
ATOM   1264 C C   . ARG A 1 167 ? 14.916  4.599   -11.303 1.00 69.86  ? 1125 ARG A C   1 
ATOM   1265 O O   . ARG A 1 167 ? 13.919  3.863   -11.342 1.00 69.30  ? 1125 ARG A O   1 
ATOM   1266 C CB  . ARG A 1 167 ? 16.740  3.215   -12.315 1.00 61.77  ? 1125 ARG A CB  1 
ATOM   1267 C CG  . ARG A 1 167 ? 16.565  3.922   -13.648 1.00 60.69  ? 1125 ARG A CG  1 
ATOM   1268 C CD  . ARG A 1 167 ? 17.054  3.060   -14.801 1.00 69.16  ? 1125 ARG A CD  1 
ATOM   1269 N NE  . ARG A 1 167 ? 16.253  1.849   -14.956 1.00 67.84  ? 1125 ARG A NE  1 
ATOM   1270 C CZ  . ARG A 1 167 ? 15.098  1.797   -15.613 1.00 77.01  ? 1125 ARG A CZ  1 
ATOM   1271 N NH1 . ARG A 1 167 ? 14.605  2.890   -16.178 1.00 76.39  ? 1125 ARG A NH1 1 
ATOM   1272 N NH2 . ARG A 1 167 ? 14.437  0.651   -15.704 1.00 58.28  ? 1125 ARG A NH2 1 
ATOM   1273 N N   . TRP A 1 168 ? 14.877  5.915   -11.459 1.00 65.83  ? 1126 TRP A N   1 
ATOM   1274 C CA  . TRP A 1 168 ? 13.673  6.699   -11.645 1.00 64.87  ? 1126 TRP A CA  1 
ATOM   1275 C C   . TRP A 1 168 ? 13.541  7.177   -13.065 1.00 67.02  ? 1126 TRP A C   1 
ATOM   1276 O O   . TRP A 1 168 ? 14.124  8.187   -13.431 1.00 67.84  ? 1126 TRP A O   1 
ATOM   1277 C CB  . TRP A 1 168 ? 13.618  7.849   -10.656 1.00 63.75  ? 1126 TRP A CB  1 
ATOM   1278 C CG  . TRP A 1 168 ? 13.680  7.381   -9.241  1.00 65.13  ? 1126 TRP A CG  1 
ATOM   1279 C CD1 . TRP A 1 168 ? 14.802  7.194   -8.491  1.00 67.91  ? 1126 TRP A CD1 1 
ATOM   1280 C CD2 . TRP A 1 168 ? 12.568  6.959   -8.423  1.00 65.35  ? 1126 TRP A CD2 1 
ATOM   1281 N NE1 . TRP A 1 168 ? 14.465  6.709   -7.243  1.00 67.74  ? 1126 TRP A NE1 1 
ATOM   1282 C CE2 . TRP A 1 168 ? 13.098  6.575   -7.167  1.00 69.52  ? 1126 TRP A CE2 1 
ATOM   1283 C CE3 . TRP A 1 168 ? 11.165  6.889   -8.622  1.00 65.82  ? 1126 TRP A CE3 1 
ATOM   1284 C CZ2 . TRP A 1 168 ? 12.277  6.140   -6.111  1.00 68.42  ? 1126 TRP A CZ2 1 
ATOM   1285 C CZ3 . TRP A 1 168 ? 10.360  6.473   -7.570  1.00 66.59  ? 1126 TRP A CZ3 1 
ATOM   1286 C CH2 . TRP A 1 168 ? 10.914  6.100   -6.336  1.00 67.19  ? 1126 TRP A CH2 1 
ATOM   1287 N N   . VAL A 1 169 ? 12.770  6.456   -13.870 1.00 62.00  ? 1127 VAL A N   1 
ATOM   1288 C CA  . VAL A 1 169 ? 12.546  6.843   -15.257 1.00 60.69  ? 1127 VAL A CA  1 
ATOM   1289 C C   . VAL A 1 169 ? 11.061  7.075   -15.437 1.00 66.49  ? 1127 VAL A C   1 
ATOM   1290 O O   . VAL A 1 169 ? 10.268  6.174   -15.201 1.00 66.16  ? 1127 VAL A O   1 
ATOM   1291 C CB  . VAL A 1 169 ? 13.133  5.802   -16.251 1.00 62.23  ? 1127 VAL A CB  1 
ATOM   1292 C CG1 . VAL A 1 169 ? 12.806  6.149   -17.703 1.00 61.21  ? 1127 VAL A CG1 1 
ATOM   1293 C CG2 . VAL A 1 169 ? 14.637  5.669   -16.048 1.00 60.95  ? 1127 VAL A CG2 1 
ATOM   1294 N N   . ARG A 1 170 ? 10.686  8.265   -15.885 1.00 65.70  ? 1128 ARG A N   1 
ATOM   1295 C CA  . ARG A 1 170 ? 9.276   8.556   -16.084 1.00 65.83  ? 1128 ARG A CA  1 
ATOM   1296 C C   . ARG A 1 170 ? 8.766   8.087   -17.445 1.00 73.91  ? 1128 ARG A C   1 
ATOM   1297 O O   . ARG A 1 170 ? 9.281   8.480   -18.492 1.00 74.60  ? 1128 ARG A O   1 
ATOM   1298 C CB  . ARG A 1 170 ? 9.009   10.053  -15.914 1.00 62.63  ? 1128 ARG A CB  1 
ATOM   1299 C CG  . ARG A 1 170 ? 9.168   10.554  -14.487 1.00 68.08  ? 1128 ARG A CG  1 
ATOM   1300 C CD  . ARG A 1 170 ? 8.962   12.057  -14.403 1.00 85.08  ? 1128 ARG A CD  1 
ATOM   1301 N NE  . ARG A 1 170 ? 7.601   12.443  -14.764 1.00 101.17 ? 1128 ARG A NE  1 
ATOM   1302 C CZ  . ARG A 1 170 ? 6.572   12.430  -13.924 1.00 115.09 ? 1128 ARG A CZ  1 
ATOM   1303 N NH1 . ARG A 1 170 ? 6.747   12.048  -12.665 1.00 106.19 ? 1128 ARG A NH1 1 
ATOM   1304 N NH2 . ARG A 1 170 ? 5.368   12.797  -14.340 1.00 94.77  ? 1128 ARG A NH2 1 
ATOM   1305 N N   . LYS A 1 171 ? 7.739   7.247   -17.402 1.00 75.52  ? 1129 LYS A N   1 
ATOM   1306 C CA  . LYS A 1 171 ? 7.074   6.714   -18.594 1.00 78.40  ? 1129 LYS A CA  1 
ATOM   1307 C C   . LYS A 1 171 ? 6.016   7.591   -19.263 1.00 93.65  ? 1129 LYS A C   1 
ATOM   1308 O O   . LYS A 1 171 ? 5.546   7.264   -20.353 1.00 93.75  ? 1129 LYS A O   1 
ATOM   1309 C CB  . LYS A 1 171 ? 6.474   5.337   -18.286 1.00 79.34  ? 1129 LYS A CB  1 
ATOM   1310 C CG  . LYS A 1 171 ? 7.496   4.300   -17.848 1.00 97.04  ? 1129 LYS A CG  1 
ATOM   1311 C CD  . LYS A 1 171 ? 6.834   2.961   -17.561 1.00 109.37 ? 1129 LYS A CD  1 
ATOM   1312 C CE  . LYS A 1 171 ? 5.800   3.084   -16.455 1.00 132.24 ? 1129 LYS A CE  1 
ATOM   1313 N NZ  . LYS A 1 171 ? 5.142   1.781   -16.162 1.00 149.16 ? 1129 LYS A NZ  1 
ATOM   1314 N N   . THR A 1 172 ? 5.627   8.687   -18.624 1.00 98.74  ? 1130 THR A N   1 
ATOM   1315 C CA  . THR A 1 172 ? 4.593   9.542   -19.197 1.00 102.18 ? 1130 THR A CA  1 
ATOM   1316 C C   . THR A 1 172 ? 5.002   10.050  -20.578 1.00 111.34 ? 1130 THR A C   1 
ATOM   1317 O O   . THR A 1 172 ? 4.165   10.100  -21.486 1.00 109.83 ? 1130 THR A O   1 
ATOM   1318 C CB  . THR A 1 172 ? 4.287   10.746  -18.286 1.00 116.83 ? 1130 THR A CB  1 
ATOM   1319 O OG1 . THR A 1 172 ? 5.472   11.534  -18.119 1.00 119.54 ? 1130 THR A OG1 1 
ATOM   1320 C CG2 . THR A 1 172 ? 3.800   10.274  -16.925 1.00 113.67 ? 1130 THR A CG2 1 
ATOM   1321 N N   . PRO A 1 173 ? 6.330   10.427  -20.734 1.00 113.28 ? 1131 PRO A N   1 
ATOM   1322 C CA  . PRO A 1 173 ? 6.667   10.885  -22.093 1.00 114.21 ? 1131 PRO A CA  1 
ATOM   1323 C C   . PRO A 1 173 ? 7.009   9.700   -22.996 1.00 119.38 ? 1131 PRO A C   1 
ATOM   1324 O O   . PRO A 1 173 ? 7.807   8.850   -22.601 1.00 118.55 ? 1131 PRO A O   1 
ATOM   1325 C CB  . PRO A 1 173 ? 7.900   11.755  -21.871 1.00 115.85 ? 1131 PRO A CB  1 
ATOM   1326 C CG  . PRO A 1 173 ? 7.710   12.274  -20.500 1.00 120.02 ? 1131 PRO A CG  1 
ATOM   1327 C CD  . PRO A 1 173 ? 7.102   11.135  -19.730 1.00 115.56 ? 1131 PRO A CD  1 
ATOM   1328 N N   . TRP A 1 174 ? 6.411   9.652   -24.182 1.00 116.99 ? 1132 TRP A N   1 
ATOM   1329 C CA  . TRP A 1 174 ? 6.662   8.566   -25.123 1.00 159.09 ? 1132 TRP A CA  1 
ATOM   1330 C C   . TRP A 1 174 ? 6.791   7.229   -24.401 1.00 163.35 ? 1132 TRP A C   1 
ATOM   1331 O O   . TRP A 1 174 ? 7.855   6.893   -23.881 1.00 118.30 ? 1132 TRP A O   1 
ATOM   1332 C CB  . TRP A 1 174 ? 7.925   8.846   -25.940 1.00 158.19 ? 1132 TRP A CB  1 
ATOM   1333 C CG  . TRP A 1 174 ? 7.768   9.968   -26.920 1.00 159.41 ? 1132 TRP A CG  1 
ATOM   1334 C CD1 . TRP A 1 174 ? 7.295   9.881   -28.197 1.00 162.28 ? 1132 TRP A CD1 1 
ATOM   1335 C CD2 . TRP A 1 174 ? 8.086   11.348  -26.703 1.00 159.33 ? 1132 TRP A CD2 1 
ATOM   1336 N NE1 . TRP A 1 174 ? 7.299   11.121  -28.789 1.00 161.65 ? 1132 TRP A NE1 1 
ATOM   1337 C CE2 . TRP A 1 174 ? 7.779   12.039  -27.893 1.00 163.15 ? 1132 TRP A CE2 1 
ATOM   1338 C CE3 . TRP A 1 174 ? 8.599   12.067  -25.619 1.00 160.67 ? 1132 TRP A CE3 1 
ATOM   1339 C CZ2 . TRP A 1 174 ? 7.969   13.413  -28.028 1.00 162.55 ? 1132 TRP A CZ2 1 
ATOM   1340 C CZ3 . TRP A 1 174 ? 8.787   13.431  -25.756 1.00 162.14 ? 1132 TRP A CZ3 1 
ATOM   1341 C CH2 . TRP A 1 174 ? 8.473   14.090  -26.951 1.00 162.80 ? 1132 TRP A CH2 1 
HETATM 1342 C C1  . PEG B 2 .   ? 1.596   -16.780 9.570   1.00 134.91 ? 1201 PEG A C1  1 
HETATM 1343 O O1  . PEG B 2 .   ? 0.250   -16.556 9.966   1.00 134.37 ? 1201 PEG A O1  1 
HETATM 1344 C C2  . PEG B 2 .   ? 2.141   -18.054 10.141  1.00 135.36 ? 1201 PEG A C2  1 
HETATM 1345 O O2  . PEG B 2 .   ? 1.405   -19.175 9.665   1.00 135.54 ? 1201 PEG A O2  1 
HETATM 1346 C C3  . PEG B 2 .   ? 1.454   -20.291 10.546  1.00 134.90 ? 1201 PEG A C3  1 
HETATM 1347 C C4  . PEG B 2 .   ? 2.119   -21.455 9.878   1.00 134.85 ? 1201 PEG A C4  1 
HETATM 1348 O O4  . PEG B 2 .   ? 3.432   -21.134 9.437   1.00 134.77 ? 1201 PEG A O4  1 
HETATM 1349 C C1  . PIO C 3 .   ? -0.321  14.182  -12.897 1.00 194.02 ? 1202 PIO A C1  1 
HETATM 1350 O O1  . PIO C 3 .   ? -0.904  13.381  -11.843 1.00 194.78 ? 1202 PIO A O1  1 
HETATM 1351 P P1  . PIO C 3 .   ? -1.373  13.970  -10.387 1.00 196.69 ? 1202 PIO A P1  1 
HETATM 1352 C C2  . PIO C 3 .   ? -0.261  13.371  -14.190 1.00 193.96 ? 1202 PIO A C2  1 
HETATM 1353 O O2  . PIO C 3 .   ? 0.355   12.096  -14.011 1.00 193.94 ? 1202 PIO A O2  1 
HETATM 1354 C C3  . PIO C 3 .   ? 0.423   14.167  -15.297 1.00 193.96 ? 1202 PIO A C3  1 
HETATM 1355 O O3  . PIO C 3 .   ? 0.445   13.402  -16.496 1.00 194.36 ? 1202 PIO A O3  1 
HETATM 1356 C C4  . PIO C 3 .   ? 1.844   14.541  -14.889 1.00 193.42 ? 1202 PIO A C4  1 
HETATM 1357 O O4  . PIO C 3 .   ? 2.364   15.408  -15.922 1.00 191.62 ? 1202 PIO A O4  1 
HETATM 1358 P P4  . PIO C 3 .   ? 3.099   15.130  -17.357 1.00 189.00 ? 1202 PIO A P4  1 
HETATM 1359 C C5  . PIO C 3 .   ? 1.902   15.280  -13.557 1.00 194.00 ? 1202 PIO A C5  1 
HETATM 1360 O O5  . PIO C 3 .   ? 3.279   15.259  -13.112 1.00 194.38 ? 1202 PIO A O5  1 
HETATM 1361 P P5  . PIO C 3 .   ? 4.115   15.578  -11.714 1.00 194.09 ? 1202 PIO A P5  1 
HETATM 1362 C C6  . PIO C 3 .   ? 1.067   14.643  -12.442 1.00 193.86 ? 1202 PIO A C6  1 
HETATM 1363 O O6  . PIO C 3 .   ? 0.906   15.608  -11.409 1.00 193.49 ? 1202 PIO A O6  1 
HETATM 1364 O O11 . PIO C 3 .   ? -0.041  13.800  -9.654  1.00 197.35 ? 1202 PIO A O11 1 
HETATM 1365 O O12 . PIO C 3 .   ? -1.915  15.345  -10.498 1.00 197.06 ? 1202 PIO A O12 1 
HETATM 1366 O O13 . PIO C 3 .   ? -2.213  12.949  -9.417  1.00 197.22 ? 1202 PIO A O13 1 
HETATM 1367 C C1A . PIO C 3 .   ? -2.542  13.418  -4.668  1.00 192.61 ? 1202 PIO A C1A 1 
HETATM 1368 O O1A . PIO C 3 .   ? -1.362  13.347  -4.453  1.00 192.46 ? 1202 PIO A O1A 1 
HETATM 1369 C C1B . PIO C 3 .   ? 0.138   16.600  -6.729  1.00 195.39 ? 1202 PIO A C1B 1 
HETATM 1370 O O1B . PIO C 3 .   ? 0.030   17.186  -7.775  1.00 195.08 ? 1202 PIO A O1B 1 
HETATM 1371 C C1C . PIO C 3 .   ? -3.001  13.422  -8.288  1.00 196.67 ? 1202 PIO A C1C 1 
HETATM 1372 C C2A . PIO C 3 .   ? -3.606  13.258  -3.624  1.00 191.85 ? 1202 PIO A C2A 1 
HETATM 1373 C C2B . PIO C 3 .   ? 1.214   16.858  -5.715  1.00 195.02 ? 1202 PIO A C2B 1 
HETATM 1374 C C2C . PIO C 3 .   ? -2.220  13.848  -7.060  1.00 195.61 ? 1202 PIO A C2C 1 
HETATM 1375 O O2C . PIO C 3 .   ? -3.082  13.641  -5.888  1.00 193.91 ? 1202 PIO A O2C 1 
HETATM 1376 C C3C . PIO C 3 .   ? -1.855  15.315  -7.126  1.00 195.96 ? 1202 PIO A C3C 1 
HETATM 1377 O O3C . PIO C 3 .   ? -0.696  15.629  -6.314  1.00 195.95 ? 1202 PIO A O3C 1 
HETATM 1378 O O41 . PIO C 3 .   ? 4.545   14.811  -16.975 1.00 189.02 ? 1202 PIO A O41 1 
HETATM 1379 O O42 . PIO C 3 .   ? 2.512   14.112  -18.267 1.00 187.75 ? 1202 PIO A O42 1 
HETATM 1380 O O43 . PIO C 3 .   ? 3.064   16.547  -17.939 1.00 188.48 ? 1202 PIO A O43 1 
HETATM 1381 O O51 . PIO C 3 .   ? 3.338   16.629  -10.908 1.00 194.10 ? 1202 PIO A O51 1 
HETATM 1382 O O52 . PIO C 3 .   ? 3.969   14.222  -11.013 1.00 193.45 ? 1202 PIO A O52 1 
HETATM 1383 O O53 . PIO C 3 .   ? 5.549   15.952  -11.895 1.00 194.22 ? 1202 PIO A O53 1 
HETATM 1384 P P   . PO4 D 4 .   ? 10.519  1.305   -19.569 1.00 100.62 ? 1203 PO4 A P   1 
HETATM 1385 O O1  . PO4 D 4 .   ? 11.758  2.046   -19.126 1.00 101.01 ? 1203 PO4 A O1  1 
HETATM 1386 O O2  . PO4 D 4 .   ? 9.900   0.607   -18.381 1.00 98.04  ? 1203 PO4 A O2  1 
HETATM 1387 O O3  . PO4 D 4 .   ? 9.528   2.285   -20.150 1.00 99.38  ? 1203 PO4 A O3  1 
HETATM 1388 O O4  . PO4 D 4 .   ? 10.890  0.283   -20.616 1.00 100.89 ? 1203 PO4 A O4  1 
HETATM 1389 P P   . PO4 E 4 .   ? 7.791   -1.464  -16.708 1.00 80.95  ? 1204 PO4 A P   1 
HETATM 1390 O O1  . PO4 E 4 .   ? 7.401   -0.441  -17.747 1.00 75.09  ? 1204 PO4 A O1  1 
HETATM 1391 O O2  . PO4 E 4 .   ? 6.611   -1.743  -15.808 1.00 77.15  ? 1204 PO4 A O2  1 
HETATM 1392 O O3  . PO4 E 4 .   ? 8.938   -0.930  -15.882 1.00 83.90  ? 1204 PO4 A O3  1 
HETATM 1393 O O4  . PO4 E 4 .   ? 8.216   -2.741  -17.392 1.00 81.33  ? 1204 PO4 A O4  1 
HETATM 1394 O O   . HOH F 5 .   ? 11.076  23.155  4.315   1.00 102.16 ? 1301 HOH A O   1 
HETATM 1395 O O   . HOH F 5 .   ? 21.874  9.851   5.895   1.00 79.12  ? 1302 HOH A O   1 
HETATM 1396 O O   . HOH F 5 .   ? -2.268  -17.546 9.980   1.00 102.53 ? 1303 HOH A O   1 
HETATM 1397 O O   . HOH F 5 .   ? 16.798  10.215  -9.437  1.00 86.87  ? 1304 HOH A O   1 
HETATM 1398 O O   . HOH F 5 .   ? -6.423  -5.998  -9.642  1.00 60.89  ? 1305 HOH A O   1 
HETATM 1399 O O   . HOH F 5 .   ? 7.844   -5.344  -18.283 1.00 83.03  ? 1306 HOH A O   1 
HETATM 1400 O O   . HOH F 5 .   ? -11.071 6.272   -1.292  1.00 62.75  ? 1307 HOH A O   1 
HETATM 1401 O O   . HOH F 5 .   ? 0.048   8.215   -14.105 1.00 58.50  ? 1308 HOH A O   1 
HETATM 1402 O O   . HOH F 5 .   ? -2.326  9.777   -8.017  1.00 62.69  ? 1309 HOH A O   1 
HETATM 1403 O O   . HOH F 5 .   ? -0.361  -17.862 7.135   1.00 88.95  ? 1310 HOH A O   1 
HETATM 1404 O O   . HOH F 5 .   ? -19.677 1.397   -2.633  1.00 68.03  ? 1311 HOH A O   1 
HETATM 1405 O O   . HOH F 5 .   ? -12.326 -11.216 -7.287  1.00 81.62  ? 1312 HOH A O   1 
HETATM 1406 O O   . HOH F 5 .   ? 4.249   -4.934  -10.097 1.00 62.96  ? 1313 HOH A O   1 
HETATM 1407 O O   . HOH F 5 .   ? 3.459   -6.159  8.523   1.00 73.43  ? 1314 HOH A O   1 
HETATM 1408 O O   . HOH F 5 .   ? -13.526 5.276   6.179   1.00 85.47  ? 1315 HOH A O   1 
HETATM 1409 O O   . HOH F 5 .   ? -14.657 6.662   3.556   1.00 77.54  ? 1316 HOH A O   1 
HETATM 1410 O O   . HOH F 5 .   ? -1.690  -12.689 -5.990  1.00 70.39  ? 1317 HOH A O   1 
HETATM 1411 O O   . HOH F 5 .   ? -8.485  7.503   -1.659  1.00 64.40  ? 1318 HOH A O   1 
HETATM 1412 O O   . HOH F 5 .   ? 10.207  26.286  3.942   1.00 87.07  ? 1319 HOH A O   1 
HETATM 1413 O O   . HOH F 5 .   ? 14.647  24.261  0.602   1.00 101.42 ? 1320 HOH A O   1 
HETATM 1414 O O   . HOH F 5 .   ? 10.125  27.634  6.637   1.00 95.68  ? 1321 HOH A O   1 
# 
loop_
_pdbx_poly_seq_scheme.asym_id 
_pdbx_poly_seq_scheme.entity_id 
_pdbx_poly_seq_scheme.seq_id 
_pdbx_poly_seq_scheme.mon_id 
_pdbx_poly_seq_scheme.ndb_seq_num 
_pdbx_poly_seq_scheme.pdb_seq_num 
_pdbx_poly_seq_scheme.auth_seq_num 
_pdbx_poly_seq_scheme.pdb_mon_id 
_pdbx_poly_seq_scheme.auth_mon_id 
_pdbx_poly_seq_scheme.pdb_strand_id 
_pdbx_poly_seq_scheme.pdb_ins_code 
_pdbx_poly_seq_scheme.hetero 
A 1 1   ASN 1   959  ?    ?   ?   A . n 
A 1 2   GLN 2   960  960  GLN GLN A . n 
A 1 3   PRO 3   961  961  PRO PRO A . n 
A 1 4   VAL 4   962  962  VAL VAL A . n 
A 1 5   ASN 5   963  963  ASN ASN A . n 
A 1 6   GLN 6   964  964  GLN GLN A . n 
A 1 7   PRO 7   965  965  PRO PRO A . n 
A 1 8   ILE 8   966  966  ILE ILE A . n 
A 1 9   LEU 9   967  967  LEU LEU A . n 
A 1 10  ALA 10  968  968  ALA ALA A . n 
A 1 11  ALA 11  969  969  ALA ALA A . n 
A 1 12  ALA 12  970  970  ALA ALA A . n 
A 1 13  GLN 13  971  971  GLN GLN A . n 
A 1 14  SER 14  972  972  SER SER A . n 
A 1 15  LEU 15  973  973  LEU LEU A . n 
A 1 16  HIS 16  974  974  HIS HIS A . n 
A 1 17  TRP 17  975  975  TRP TRP A . n 
A 1 18  GLU 18  976  976  GLU GLU A . n 
A 1 19  ALA 19  977  977  ALA ALA A . n 
A 1 20  THR 20  978  978  THR THR A . n 
A 1 21  LYS 21  979  979  LYS LYS A . n 
A 1 22  TRP 22  980  980  TRP TRP A . n 
A 1 23  SER 23  981  981  SER SER A . n 
A 1 24  SER 24  982  982  SER SER A . n 
A 1 25  LYS 25  983  983  LYS LYS A . n 
A 1 26  GLY 26  984  984  GLY GLY A . n 
A 1 27  ASN 27  985  985  ASN ASN A . n 
A 1 28  ASP 28  986  986  ASP ASP A . n 
A 1 29  ILE 29  987  987  ILE ILE A . n 
A 1 30  ILE 30  988  988  ILE ILE A . n 
A 1 31  ALA 31  989  989  ALA ALA A . n 
A 1 32  ALA 32  990  990  ALA ALA A . n 
A 1 33  ALA 33  991  991  ALA ALA A . n 
A 1 34  LYS 34  992  992  LYS LYS A . n 
A 1 35  ARG 35  993  993  ARG ARG A . n 
A 1 36  MET 36  994  994  MET MET A . n 
A 1 37  ALA 37  995  995  ALA ALA A . n 
A 1 38  LEU 38  996  996  LEU LEU A . n 
A 1 39  LEU 39  997  997  LEU LEU A . n 
A 1 40  MET 40  998  998  MET MET A . n 
A 1 41  ALA 41  999  999  ALA ALA A . n 
A 1 42  GLU 42  1000 1000 GLU GLU A . n 
A 1 43  MET 43  1001 1001 MET MET A . n 
A 1 44  SER 44  1002 1002 SER SER A . n 
A 1 45  ARG 45  1003 1003 ARG ARG A . n 
A 1 46  LEU 46  1004 1004 LEU LEU A . n 
A 1 47  VAL 47  1005 1005 VAL VAL A . n 
A 1 48  ARG 48  1006 1006 ARG ARG A . n 
A 1 49  GLY 49  1007 1007 GLY GLY A . n 
A 1 50  GLY 50  1008 1008 GLY GLY A . n 
A 1 51  SER 51  1009 1009 SER SER A . n 
A 1 52  GLY 52  1010 1010 GLY GLY A . n 
A 1 53  THR 53  1011 1011 THR THR A . n 
A 1 54  LYS 54  1012 1012 LYS LYS A . n 
A 1 55  ARG 55  1013 1013 ARG ARG A . n 
A 1 56  ALA 56  1014 1014 ALA ALA A . n 
A 1 57  LEU 57  1015 1015 LEU LEU A . n 
A 1 58  ILE 58  1016 1016 ILE ILE A . n 
A 1 59  GLN 59  1017 1017 GLN GLN A . n 
A 1 60  CYS 60  1018 1018 CYS CYS A . n 
A 1 61  ALA 61  1019 1019 ALA ALA A . n 
A 1 62  LYS 62  1020 1020 LYS LYS A . n 
A 1 63  ASP 63  1021 1021 ASP ASP A . n 
A 1 64  ILE 64  1022 1022 ILE ILE A . n 
A 1 65  ALA 65  1023 1023 ALA ALA A . n 
A 1 66  LYS 66  1024 1024 LYS LYS A . n 
A 1 67  ALA 67  1025 1025 ALA ALA A . n 
A 1 68  SER 68  1026 1026 SER SER A . n 
A 1 69  ASP 69  1027 1027 ASP ASP A . n 
A 1 70  GLU 70  1028 1028 GLU GLU A . n 
A 1 71  VAL 71  1029 1029 VAL VAL A . n 
A 1 72  THR 72  1030 1030 THR THR A . n 
A 1 73  ARG 73  1031 1031 ARG ARG A . n 
A 1 74  LEU 74  1032 1032 LEU LEU A . n 
A 1 75  ALA 75  1033 1033 ALA ALA A . n 
A 1 76  LYS 76  1034 1034 LYS LYS A . n 
A 1 77  GLU 77  1035 1035 GLU GLU A . n 
A 1 78  VAL 78  1036 1036 VAL VAL A . n 
A 1 79  ALA 79  1037 1037 ALA ALA A . n 
A 1 80  LYS 80  1038 1038 LYS LYS A . n 
A 1 81  GLN 81  1039 1039 GLN GLN A . n 
A 1 82  CYS 82  1040 1040 CYS CYS A . n 
A 1 83  THR 83  1041 1041 THR THR A . n 
A 1 84  ASP 84  1042 1042 ASP ASP A . n 
A 1 85  LYS 85  1043 1043 LYS LYS A . n 
A 1 86  ARG 86  1044 1044 ARG ARG A . n 
A 1 87  ILE 87  1045 1045 ILE ILE A . n 
A 1 88  ARG 88  1046 1046 ARG ARG A . n 
A 1 89  THR 89  1047 1047 THR THR A . n 
A 1 90  ASN 90  1048 1048 ASN ASN A . n 
A 1 91  LEU 91  1049 1049 LEU LEU A . n 
A 1 92  LEU 92  1050 1050 LEU LEU A . n 
A 1 93  GLN 93  1051 1051 GLN GLN A . n 
A 1 94  VAL 94  1052 1052 VAL VAL A . n 
A 1 95  CYS 95  1053 1053 CYS CYS A . n 
A 1 96  GLU 96  1054 1054 GLU GLU A . n 
A 1 97  ARG 97  1055 1055 ARG ARG A . n 
A 1 98  ILE 98  1056 1056 ILE ILE A . n 
A 1 99  PRO 99  1057 1057 PRO PRO A . n 
A 1 100 THR 100 1058 1058 THR THR A . n 
A 1 101 ILE 101 1059 1059 ILE ILE A . n 
A 1 102 SER 102 1060 1060 SER SER A . n 
A 1 103 THR 103 1061 1061 THR THR A . n 
A 1 104 GLN 104 1062 1062 GLN GLN A . n 
A 1 105 LEU 105 1063 1063 LEU LEU A . n 
A 1 106 LYS 106 1064 1064 LYS LYS A . n 
A 1 107 ILE 107 1065 1065 ILE ILE A . n 
A 1 108 LEU 108 1066 1066 LEU LEU A . n 
A 1 109 SER 109 1067 1067 SER SER A . n 
A 1 110 THR 110 1068 1068 THR THR A . n 
A 1 111 VAL 111 1069 1069 VAL VAL A . n 
A 1 112 LYS 112 1070 1070 LYS LYS A . n 
A 1 113 ALA 113 1071 1071 ALA ALA A . n 
A 1 114 THR 114 1072 1072 THR THR A . n 
A 1 115 MET 115 1073 1073 MET MET A . n 
A 1 116 LEU 116 1074 1074 LEU LEU A . n 
A 1 117 GLY 117 1075 1075 GLY GLY A . n 
A 1 118 ARG 118 1076 1076 ARG ARG A . n 
A 1 119 THR 119 1077 1077 THR THR A . n 
A 1 120 ASN 120 1078 1078 ASN ASN A . n 
A 1 121 ILE 121 1079 1079 ILE ILE A . n 
A 1 122 SER 122 1080 1080 SER SER A . n 
A 1 123 ASP 123 1081 1081 ASP ASP A . n 
A 1 124 GLU 124 1082 1082 GLU GLU A . n 
A 1 125 GLU 125 1083 1083 GLU GLU A . n 
A 1 126 SER 126 1084 1084 SER SER A . n 
A 1 127 GLU 127 1085 1085 GLU GLU A . n 
A 1 128 GLN 128 1086 1086 GLN GLN A . n 
A 1 129 ALA 129 1087 1087 ALA ALA A . n 
A 1 130 THR 130 1088 1088 THR THR A . n 
A 1 131 GLU 131 1089 1089 GLU GLU A . n 
A 1 132 MET 132 1090 1090 MET MET A . n 
A 1 133 LEU 133 1091 1091 LEU LEU A . n 
A 1 134 VAL 134 1092 1092 VAL VAL A . n 
A 1 135 HIS 135 1093 1093 HIS HIS A . n 
A 1 136 ASN 136 1094 1094 ASN ASN A . n 
A 1 137 ALA 137 1095 1095 ALA ALA A . n 
A 1 138 GLN 138 1096 1096 GLN GLN A . n 
A 1 139 ASN 139 1097 1097 ASN ASN A . n 
A 1 140 LEU 140 1098 1098 LEU LEU A . n 
A 1 141 MET 141 1099 1099 MET MET A . n 
A 1 142 GLN 142 1100 1100 GLN GLN A . n 
A 1 143 SER 143 1101 1101 SER SER A . n 
A 1 144 VAL 144 1102 1102 VAL VAL A . n 
A 1 145 LYS 145 1103 1103 LYS LYS A . n 
A 1 146 GLU 146 1104 1104 GLU GLU A . n 
A 1 147 THR 147 1105 1105 THR THR A . n 
A 1 148 VAL 148 1106 1106 VAL VAL A . n 
A 1 149 ARG 149 1107 1107 ARG ARG A . n 
A 1 150 GLU 150 1108 1108 GLU GLU A . n 
A 1 151 ALA 151 1109 1109 ALA ALA A . n 
A 1 152 GLU 152 1110 1110 GLU GLU A . n 
A 1 153 ALA 153 1111 1111 ALA ALA A . n 
A 1 154 ALA 154 1112 1112 ALA ALA A . n 
A 1 155 SER 155 1113 1113 SER SER A . n 
A 1 156 ILE 156 1114 1114 ILE ILE A . n 
A 1 157 LYS 157 1115 1115 LYS LYS A . n 
A 1 158 ILE 158 1116 1116 ILE ILE A . n 
A 1 159 ARG 159 1117 1117 ARG ARG A . n 
A 1 160 THR 160 1118 1118 THR THR A . n 
A 1 161 ASP 161 1119 1119 ASP ASP A . n 
A 1 162 ALA 162 1120 1120 ALA ALA A . n 
A 1 163 GLY 163 1121 1121 GLY GLY A . n 
A 1 164 PHE 164 1122 1122 PHE PHE A . n 
A 1 165 THR 165 1123 1123 THR THR A . n 
A 1 166 LEU 166 1124 1124 LEU LEU A . n 
A 1 167 ARG 167 1125 1125 ARG ARG A . n 
A 1 168 TRP 168 1126 1126 TRP TRP A . n 
A 1 169 VAL 169 1127 1127 VAL VAL A . n 
A 1 170 ARG 170 1128 1128 ARG ARG A . n 
A 1 171 LYS 171 1129 1129 LYS LYS A . n 
A 1 172 THR 172 1130 1130 THR THR A . n 
A 1 173 PRO 173 1131 1131 PRO PRO A . n 
A 1 174 TRP 174 1132 1132 TRP TRP A . n 
A 1 175 TYR 175 1133 ?    ?   ?   A . n 
A 1 176 GLN 176 1134 ?    ?   ?   A . n 
# 
loop_
_pdbx_nonpoly_scheme.asym_id 
_pdbx_nonpoly_scheme.entity_id 
_pdbx_nonpoly_scheme.mon_id 
_pdbx_nonpoly_scheme.ndb_seq_num 
_pdbx_nonpoly_scheme.pdb_seq_num 
_pdbx_nonpoly_scheme.auth_seq_num 
_pdbx_nonpoly_scheme.pdb_mon_id 
_pdbx_nonpoly_scheme.auth_mon_id 
_pdbx_nonpoly_scheme.pdb_strand_id 
_pdbx_nonpoly_scheme.pdb_ins_code 
B 2 PEG 1  1201 1500 PEG PEG A . 
C 3 PIO 1  1202 2000 PIO PIO A . 
D 4 PO4 1  1203 2001 PO4 PO4 A . 
E 4 PO4 1  1204 2002 PO4 PO4 A . 
F 5 HOH 1  1301 7    HOH HOH A . 
F 5 HOH 2  1302 14   HOH HOH A . 
F 5 HOH 3  1303 5    HOH HOH A . 
F 5 HOH 4  1304 3    HOH HOH A . 
F 5 HOH 5  1305 17   HOH HOH A . 
F 5 HOH 6  1306 21   HOH HOH A . 
F 5 HOH 7  1307 12   HOH HOH A . 
F 5 HOH 8  1308 9    HOH HOH A . 
F 5 HOH 9  1309 16   HOH HOH A . 
F 5 HOH 10 1310 20   HOH HOH A . 
F 5 HOH 11 1311 10   HOH HOH A . 
F 5 HOH 12 1312 18   HOH HOH A . 
F 5 HOH 13 1313 15   HOH HOH A . 
F 5 HOH 14 1314 2    HOH HOH A . 
F 5 HOH 15 1315 13   HOH HOH A . 
F 5 HOH 16 1316 4    HOH HOH A . 
F 5 HOH 17 1317 1    HOH HOH A . 
F 5 HOH 18 1318 19   HOH HOH A . 
F 5 HOH 19 1319 6    HOH HOH A . 
F 5 HOH 20 1320 8    HOH HOH A . 
F 5 HOH 21 1321 11   HOH HOH A . 
# 
_pdbx_struct_assembly.id                   1 
_pdbx_struct_assembly.details              author_and_software_defined_assembly 
_pdbx_struct_assembly.method_details       PISA 
_pdbx_struct_assembly.oligomeric_details   monomeric 
_pdbx_struct_assembly.oligomeric_count     1 
# 
_pdbx_struct_assembly_gen.assembly_id       1 
_pdbx_struct_assembly_gen.oper_expression   1 
_pdbx_struct_assembly_gen.asym_id_list      A,B,C,D,E,F 
# 
loop_
_pdbx_struct_assembly_prop.biol_id 
_pdbx_struct_assembly_prop.type 
_pdbx_struct_assembly_prop.value 
_pdbx_struct_assembly_prop.details 
1 'ABSA (A^2)' 890   ? 
1 MORE         -11   ? 
1 'SSA (A^2)'  10220 ? 
# 
_pdbx_struct_oper_list.id                   1 
_pdbx_struct_oper_list.type                 'identity operation' 
_pdbx_struct_oper_list.name                 1_555 
_pdbx_struct_oper_list.symmetry_operation   x,y,z 
_pdbx_struct_oper_list.matrix[1][1]         1.0000000000 
_pdbx_struct_oper_list.matrix[1][2]         0.0000000000 
_pdbx_struct_oper_list.matrix[1][3]         0.0000000000 
_pdbx_struct_oper_list.vector[1]            0.0000000000 
_pdbx_struct_oper_list.matrix[2][1]         0.0000000000 
_pdbx_struct_oper_list.matrix[2][2]         1.0000000000 
_pdbx_struct_oper_list.matrix[2][3]         0.0000000000 
_pdbx_struct_oper_list.vector[2]            0.0000000000 
_pdbx_struct_oper_list.matrix[3][1]         0.0000000000 
_pdbx_struct_oper_list.matrix[3][2]         0.0000000000 
_pdbx_struct_oper_list.matrix[3][3]         1.0000000000 
_pdbx_struct_oper_list.vector[3]            0.0000000000 
# 
loop_
_pdbx_audit_revision_history.ordinal 
_pdbx_audit_revision_history.data_content_type 
_pdbx_audit_revision_history.major_revision 
_pdbx_audit_revision_history.minor_revision 
_pdbx_audit_revision_history.revision_date 
1 'Structure model' 1 0 2016-08-31 
2 'Structure model' 1 1 2016-09-07 
3 'Structure model' 1 2 2017-08-23 
4 'Structure model' 1 3 2023-10-04 
# 
_pdbx_audit_revision_details.ordinal             1 
_pdbx_audit_revision_details.revision_ordinal    1 
_pdbx_audit_revision_details.data_content_type   'Structure model' 
_pdbx_audit_revision_details.provider            repository 
_pdbx_audit_revision_details.type                'Initial release' 
_pdbx_audit_revision_details.description         ? 
_pdbx_audit_revision_details.details             ? 
# 
loop_
_pdbx_audit_revision_group.ordinal 
_pdbx_audit_revision_group.revision_ordinal 
_pdbx_audit_revision_group.data_content_type 
_pdbx_audit_revision_group.group 
1 2 'Structure model' 'Database references'    
2 3 'Structure model' 'Data collection'        
3 3 'Structure model' 'Database references'    
4 3 'Structure model' 'Derived calculations'   
5 4 'Structure model' 'Data collection'        
6 4 'Structure model' 'Database references'    
7 4 'Structure model' 'Refinement description' 
# 
loop_
_pdbx_audit_revision_category.ordinal 
_pdbx_audit_revision_category.revision_ordinal 
_pdbx_audit_revision_category.data_content_type 
_pdbx_audit_revision_category.category 
1 3 'Structure model' citation                      
2 3 'Structure model' diffrn_detector               
3 3 'Structure model' pdbx_struct_oper_list         
4 4 'Structure model' chem_comp_atom                
5 4 'Structure model' chem_comp_bond                
6 4 'Structure model' database_2                    
7 4 'Structure model' pdbx_initial_refinement_model 
# 
loop_
_pdbx_audit_revision_item.ordinal 
_pdbx_audit_revision_item.revision_ordinal 
_pdbx_audit_revision_item.data_content_type 
_pdbx_audit_revision_item.item 
1 3 'Structure model' '_citation.journal_id_CSD'                  
2 3 'Structure model' '_diffrn_detector.detector'                 
3 3 'Structure model' '_pdbx_struct_oper_list.symmetry_operation' 
4 4 'Structure model' '_database_2.pdbx_DOI'                      
5 4 'Structure model' '_database_2.pdbx_database_accession'       
# 
loop_
_software.citation_id 
_software.classification 
_software.compiler_name 
_software.compiler_version 
_software.contact_author 
_software.contact_author_email 
_software.date 
_software.description 
_software.dependencies 
_software.hardware 
_software.language 
_software.location 
_software.mods 
_software.name 
_software.os 
_software.os_version 
_software.type 
_software.version 
_software.pdbx_ordinal 
? refinement       ? ? ? ? ? ? ? ? ? ? ? BUSTER ? ? ? 2.10.1 1 
? 'data reduction' ? ? ? ? ? ? ? ? ? ? ? XDS    ? ? ? .      2 
? 'data scaling'   ? ? ? ? ? ? ? ? ? ? ? SCALA  ? ? ? .      3 
? phasing          ? ? ? ? ? ? ? ? ? ? ? MOLREP ? ? ? .      4 
# 
loop_
_pdbx_validate_close_contact.id 
_pdbx_validate_close_contact.PDB_model_num 
_pdbx_validate_close_contact.auth_atom_id_1 
_pdbx_validate_close_contact.auth_asym_id_1 
_pdbx_validate_close_contact.auth_comp_id_1 
_pdbx_validate_close_contact.auth_seq_id_1 
_pdbx_validate_close_contact.PDB_ins_code_1 
_pdbx_validate_close_contact.label_alt_id_1 
_pdbx_validate_close_contact.auth_atom_id_2 
_pdbx_validate_close_contact.auth_asym_id_2 
_pdbx_validate_close_contact.auth_comp_id_2 
_pdbx_validate_close_contact.auth_seq_id_2 
_pdbx_validate_close_contact.PDB_ins_code_2 
_pdbx_validate_close_contact.label_alt_id_2 
_pdbx_validate_close_contact.dist 
1 1 ND2 A ASN 985  ? ? CG1 A ILE 988  ? ? 1.86 
2 1 NH1 A ARG 1044 ? ? O   A HOH 1301 ? ? 2.16 
# 
loop_
_pdbx_unobs_or_zero_occ_atoms.id 
_pdbx_unobs_or_zero_occ_atoms.PDB_model_num 
_pdbx_unobs_or_zero_occ_atoms.polymer_flag 
_pdbx_unobs_or_zero_occ_atoms.occupancy_flag 
_pdbx_unobs_or_zero_occ_atoms.auth_asym_id 
_pdbx_unobs_or_zero_occ_atoms.auth_comp_id 
_pdbx_unobs_or_zero_occ_atoms.auth_seq_id 
_pdbx_unobs_or_zero_occ_atoms.PDB_ins_code 
_pdbx_unobs_or_zero_occ_atoms.auth_atom_id 
_pdbx_unobs_or_zero_occ_atoms.label_alt_id 
_pdbx_unobs_or_zero_occ_atoms.label_asym_id 
_pdbx_unobs_or_zero_occ_atoms.label_comp_id 
_pdbx_unobs_or_zero_occ_atoms.label_seq_id 
_pdbx_unobs_or_zero_occ_atoms.label_atom_id 
1  1 N 1 A PIO 1202 ? C3A ? C PIO 1 C3A 
2  1 N 1 A PIO 1202 ? C3B ? C PIO 1 C3B 
3  1 N 1 A PIO 1202 ? C4A ? C PIO 1 C4A 
4  1 N 1 A PIO 1202 ? C4B ? C PIO 1 C4B 
5  1 N 1 A PIO 1202 ? C5A ? C PIO 1 C5A 
6  1 N 1 A PIO 1202 ? C5B ? C PIO 1 C5B 
7  1 N 1 A PIO 1202 ? C6A ? C PIO 1 C6A 
8  1 N 1 A PIO 1202 ? C6B ? C PIO 1 C6B 
9  1 N 1 A PIO 1202 ? C7A ? C PIO 1 C7A 
10 1 N 1 A PIO 1202 ? C7B ? C PIO 1 C7B 
11 1 N 1 A PIO 1202 ? C8A ? C PIO 1 C8A 
12 1 N 1 A PIO 1202 ? C8B ? C PIO 1 C8B 
# 
loop_
_pdbx_unobs_or_zero_occ_residues.id 
_pdbx_unobs_or_zero_occ_residues.PDB_model_num 
_pdbx_unobs_or_zero_occ_residues.polymer_flag 
_pdbx_unobs_or_zero_occ_residues.occupancy_flag 
_pdbx_unobs_or_zero_occ_residues.auth_asym_id 
_pdbx_unobs_or_zero_occ_residues.auth_comp_id 
_pdbx_unobs_or_zero_occ_residues.auth_seq_id 
_pdbx_unobs_or_zero_occ_residues.PDB_ins_code 
_pdbx_unobs_or_zero_occ_residues.label_asym_id 
_pdbx_unobs_or_zero_occ_residues.label_comp_id 
_pdbx_unobs_or_zero_occ_residues.label_seq_id 
1 1 Y 1 A ASN 959  ? A ASN 1   
2 1 Y 1 A TYR 1133 ? A TYR 175 
3 1 Y 1 A GLN 1134 ? A GLN 176 
# 
loop_
_chem_comp_atom.comp_id 
_chem_comp_atom.atom_id 
_chem_comp_atom.type_symbol 
_chem_comp_atom.pdbx_aromatic_flag 
_chem_comp_atom.pdbx_stereo_config 
_chem_comp_atom.pdbx_ordinal 
ALA N    N N N 1   
ALA CA   C N S 2   
ALA C    C N N 3   
ALA O    O N N 4   
ALA CB   C N N 5   
ALA OXT  O N N 6   
ALA H    H N N 7   
ALA H2   H N N 8   
ALA HA   H N N 9   
ALA HB1  H N N 10  
ALA HB2  H N N 11  
ALA HB3  H N N 12  
ALA HXT  H N N 13  
ARG N    N N N 14  
ARG CA   C N S 15  
ARG C    C N N 16  
ARG O    O N N 17  
ARG CB   C N N 18  
ARG CG   C N N 19  
ARG CD   C N N 20  
ARG NE   N N N 21  
ARG CZ   C N N 22  
ARG NH1  N N N 23  
ARG NH2  N N N 24  
ARG OXT  O N N 25  
ARG H    H N N 26  
ARG H2   H N N 27  
ARG HA   H N N 28  
ARG HB2  H N N 29  
ARG HB3  H N N 30  
ARG HG2  H N N 31  
ARG HG3  H N N 32  
ARG HD2  H N N 33  
ARG HD3  H N N 34  
ARG HE   H N N 35  
ARG HH11 H N N 36  
ARG HH12 H N N 37  
ARG HH21 H N N 38  
ARG HH22 H N N 39  
ARG HXT  H N N 40  
ASN N    N N N 41  
ASN CA   C N S 42  
ASN C    C N N 43  
ASN O    O N N 44  
ASN CB   C N N 45  
ASN CG   C N N 46  
ASN OD1  O N N 47  
ASN ND2  N N N 48  
ASN OXT  O N N 49  
ASN H    H N N 50  
ASN H2   H N N 51  
ASN HA   H N N 52  
ASN HB2  H N N 53  
ASN HB3  H N N 54  
ASN HD21 H N N 55  
ASN HD22 H N N 56  
ASN HXT  H N N 57  
ASP N    N N N 58  
ASP CA   C N S 59  
ASP C    C N N 60  
ASP O    O N N 61  
ASP CB   C N N 62  
ASP CG   C N N 63  
ASP OD1  O N N 64  
ASP OD2  O N N 65  
ASP OXT  O N N 66  
ASP H    H N N 67  
ASP H2   H N N 68  
ASP HA   H N N 69  
ASP HB2  H N N 70  
ASP HB3  H N N 71  
ASP HD2  H N N 72  
ASP HXT  H N N 73  
CYS N    N N N 74  
CYS CA   C N R 75  
CYS C    C N N 76  
CYS O    O N N 77  
CYS CB   C N N 78  
CYS SG   S N N 79  
CYS OXT  O N N 80  
CYS H    H N N 81  
CYS H2   H N N 82  
CYS HA   H N N 83  
CYS HB2  H N N 84  
CYS HB3  H N N 85  
CYS HG   H N N 86  
CYS HXT  H N N 87  
GLN N    N N N 88  
GLN CA   C N S 89  
GLN C    C N N 90  
GLN O    O N N 91  
GLN CB   C N N 92  
GLN CG   C N N 93  
GLN CD   C N N 94  
GLN OE1  O N N 95  
GLN NE2  N N N 96  
GLN OXT  O N N 97  
GLN H    H N N 98  
GLN H2   H N N 99  
GLN HA   H N N 100 
GLN HB2  H N N 101 
GLN HB3  H N N 102 
GLN HG2  H N N 103 
GLN HG3  H N N 104 
GLN HE21 H N N 105 
GLN HE22 H N N 106 
GLN HXT  H N N 107 
GLU N    N N N 108 
GLU CA   C N S 109 
GLU C    C N N 110 
GLU O    O N N 111 
GLU CB   C N N 112 
GLU CG   C N N 113 
GLU CD   C N N 114 
GLU OE1  O N N 115 
GLU OE2  O N N 116 
GLU OXT  O N N 117 
GLU H    H N N 118 
GLU H2   H N N 119 
GLU HA   H N N 120 
GLU HB2  H N N 121 
GLU HB3  H N N 122 
GLU HG2  H N N 123 
GLU HG3  H N N 124 
GLU HE2  H N N 125 
GLU HXT  H N N 126 
GLY N    N N N 127 
GLY CA   C N N 128 
GLY C    C N N 129 
GLY O    O N N 130 
GLY OXT  O N N 131 
GLY H    H N N 132 
GLY H2   H N N 133 
GLY HA2  H N N 134 
GLY HA3  H N N 135 
GLY HXT  H N N 136 
HIS N    N N N 137 
HIS CA   C N S 138 
HIS C    C N N 139 
HIS O    O N N 140 
HIS CB   C N N 141 
HIS CG   C Y N 142 
HIS ND1  N Y N 143 
HIS CD2  C Y N 144 
HIS CE1  C Y N 145 
HIS NE2  N Y N 146 
HIS OXT  O N N 147 
HIS H    H N N 148 
HIS H2   H N N 149 
HIS HA   H N N 150 
HIS HB2  H N N 151 
HIS HB3  H N N 152 
HIS HD1  H N N 153 
HIS HD2  H N N 154 
HIS HE1  H N N 155 
HIS HE2  H N N 156 
HIS HXT  H N N 157 
HOH O    O N N 158 
HOH H1   H N N 159 
HOH H2   H N N 160 
ILE N    N N N 161 
ILE CA   C N S 162 
ILE C    C N N 163 
ILE O    O N N 164 
ILE CB   C N S 165 
ILE CG1  C N N 166 
ILE CG2  C N N 167 
ILE CD1  C N N 168 
ILE OXT  O N N 169 
ILE H    H N N 170 
ILE H2   H N N 171 
ILE HA   H N N 172 
ILE HB   H N N 173 
ILE HG12 H N N 174 
ILE HG13 H N N 175 
ILE HG21 H N N 176 
ILE HG22 H N N 177 
ILE HG23 H N N 178 
ILE HD11 H N N 179 
ILE HD12 H N N 180 
ILE HD13 H N N 181 
ILE HXT  H N N 182 
LEU N    N N N 183 
LEU CA   C N S 184 
LEU C    C N N 185 
LEU O    O N N 186 
LEU CB   C N N 187 
LEU CG   C N N 188 
LEU CD1  C N N 189 
LEU CD2  C N N 190 
LEU OXT  O N N 191 
LEU H    H N N 192 
LEU H2   H N N 193 
LEU HA   H N N 194 
LEU HB2  H N N 195 
LEU HB3  H N N 196 
LEU HG   H N N 197 
LEU HD11 H N N 198 
LEU HD12 H N N 199 
LEU HD13 H N N 200 
LEU HD21 H N N 201 
LEU HD22 H N N 202 
LEU HD23 H N N 203 
LEU HXT  H N N 204 
LYS N    N N N 205 
LYS CA   C N S 206 
LYS C    C N N 207 
LYS O    O N N 208 
LYS CB   C N N 209 
LYS CG   C N N 210 
LYS CD   C N N 211 
LYS CE   C N N 212 
LYS NZ   N N N 213 
LYS OXT  O N N 214 
LYS H    H N N 215 
LYS H2   H N N 216 
LYS HA   H N N 217 
LYS HB2  H N N 218 
LYS HB3  H N N 219 
LYS HG2  H N N 220 
LYS HG3  H N N 221 
LYS HD2  H N N 222 
LYS HD3  H N N 223 
LYS HE2  H N N 224 
LYS HE3  H N N 225 
LYS HZ1  H N N 226 
LYS HZ2  H N N 227 
LYS HZ3  H N N 228 
LYS HXT  H N N 229 
MET N    N N N 230 
MET CA   C N S 231 
MET C    C N N 232 
MET O    O N N 233 
MET CB   C N N 234 
MET CG   C N N 235 
MET SD   S N N 236 
MET CE   C N N 237 
MET OXT  O N N 238 
MET H    H N N 239 
MET H2   H N N 240 
MET HA   H N N 241 
MET HB2  H N N 242 
MET HB3  H N N 243 
MET HG2  H N N 244 
MET HG3  H N N 245 
MET HE1  H N N 246 
MET HE2  H N N 247 
MET HE3  H N N 248 
MET HXT  H N N 249 
PEG C1   C N N 250 
PEG O1   O N N 251 
PEG C2   C N N 252 
PEG O2   O N N 253 
PEG C3   C N N 254 
PEG C4   C N N 255 
PEG O4   O N N 256 
PEG H11  H N N 257 
PEG H12  H N N 258 
PEG HO1  H N N 259 
PEG H21  H N N 260 
PEG H22  H N N 261 
PEG H31  H N N 262 
PEG H32  H N N 263 
PEG H41  H N N 264 
PEG H42  H N N 265 
PEG HO4  H N N 266 
PHE N    N N N 267 
PHE CA   C N S 268 
PHE C    C N N 269 
PHE O    O N N 270 
PHE CB   C N N 271 
PHE CG   C Y N 272 
PHE CD1  C Y N 273 
PHE CD2  C Y N 274 
PHE CE1  C Y N 275 
PHE CE2  C Y N 276 
PHE CZ   C Y N 277 
PHE OXT  O N N 278 
PHE H    H N N 279 
PHE H2   H N N 280 
PHE HA   H N N 281 
PHE HB2  H N N 282 
PHE HB3  H N N 283 
PHE HD1  H N N 284 
PHE HD2  H N N 285 
PHE HE1  H N N 286 
PHE HE2  H N N 287 
PHE HZ   H N N 288 
PHE HXT  H N N 289 
PIO C1   C N R 290 
PIO O1   O N N 291 
PIO P1   P N N 292 
PIO C2   C N R 293 
PIO O2   O N N 294 
PIO C3   C N S 295 
PIO O3   O N N 296 
PIO C4   C N R 297 
PIO O4   O N N 298 
PIO P4   P N N 299 
PIO C5   C N R 300 
PIO O5   O N N 301 
PIO P5   P N N 302 
PIO C6   C N S 303 
PIO O6   O N N 304 
PIO O11  O N N 305 
PIO O12  O N N 306 
PIO O13  O N N 307 
PIO C1A  C N N 308 
PIO O1A  O N N 309 
PIO C1B  C N N 310 
PIO O1B  O N N 311 
PIO C1C  C N N 312 
PIO C2A  C N N 313 
PIO C2B  C N N 314 
PIO C2C  C N R 315 
PIO O2C  O N N 316 
PIO C3A  C N N 317 
PIO C3B  C N N 318 
PIO C3C  C N N 319 
PIO O3C  O N N 320 
PIO O41  O N N 321 
PIO O42  O N N 322 
PIO O43  O N N 323 
PIO C4A  C N N 324 
PIO C4B  C N N 325 
PIO O51  O N N 326 
PIO O52  O N N 327 
PIO O53  O N N 328 
PIO C5A  C N N 329 
PIO C5B  C N N 330 
PIO C6A  C N N 331 
PIO C6B  C N N 332 
PIO C7A  C N N 333 
PIO C7B  C N N 334 
PIO C8A  C N N 335 
PIO C8B  C N N 336 
PIO H1   H N N 337 
PIO H2   H N N 338 
PIO H3   H N N 339 
PIO H4   H N N 340 
PIO H5   H N N 341 
PIO H6   H N N 342 
PIO H1C  H N N 343 
PIO H1CA H N N 344 
PIO H3C  H N N 345 
PIO H3CA H N N 346 
PIO H2A  H N N 347 
PIO H3A  H N N 348 
PIO H4A  H N N 349 
PIO H5A  H N N 350 
PIO H6A  H N N 351 
PIO H7A  H N N 352 
PIO H8A  H N N 353 
PIO H2AA H N N 354 
PIO H3AA H N N 355 
PIO H4AA H N N 356 
PIO H5AA H N N 357 
PIO H6AA H N N 358 
PIO H7AA H N N 359 
PIO H8AA H N N 360 
PIO H8AB H N N 361 
PIO H2B  H N N 362 
PIO H3B  H N N 363 
PIO H4B  H N N 364 
PIO H5B  H N N 365 
PIO H6B  H N N 366 
PIO H7B  H N N 367 
PIO H8B  H N N 368 
PIO H2BA H N N 369 
PIO H3BA H N N 370 
PIO H4BA H N N 371 
PIO H5BA H N N 372 
PIO H6BA H N N 373 
PIO H7BA H N N 374 
PIO H8BA H N N 375 
PIO H8BB H N N 376 
PIO H2C  H N N 377 
PIO HO2  H N N 378 
PIO HO3  H N N 379 
PIO HO6  H N N 380 
PIO H41  H N N 381 
PIO H43  H N N 382 
PIO H51  H N N 383 
PIO H52  H N N 384 
PIO H11  H N N 385 
PO4 P    P N N 386 
PO4 O1   O N N 387 
PO4 O2   O N N 388 
PO4 O3   O N N 389 
PO4 O4   O N N 390 
PRO N    N N N 391 
PRO CA   C N S 392 
PRO C    C N N 393 
PRO O    O N N 394 
PRO CB   C N N 395 
PRO CG   C N N 396 
PRO CD   C N N 397 
PRO OXT  O N N 398 
PRO H    H N N 399 
PRO HA   H N N 400 
PRO HB2  H N N 401 
PRO HB3  H N N 402 
PRO HG2  H N N 403 
PRO HG3  H N N 404 
PRO HD2  H N N 405 
PRO HD3  H N N 406 
PRO HXT  H N N 407 
SER N    N N N 408 
SER CA   C N S 409 
SER C    C N N 410 
SER O    O N N 411 
SER CB   C N N 412 
SER OG   O N N 413 
SER OXT  O N N 414 
SER H    H N N 415 
SER H2   H N N 416 
SER HA   H N N 417 
SER HB2  H N N 418 
SER HB3  H N N 419 
SER HG   H N N 420 
SER HXT  H N N 421 
THR N    N N N 422 
THR CA   C N S 423 
THR C    C N N 424 
THR O    O N N 425 
THR CB   C N R 426 
THR OG1  O N N 427 
THR CG2  C N N 428 
THR OXT  O N N 429 
THR H    H N N 430 
THR H2   H N N 431 
THR HA   H N N 432 
THR HB   H N N 433 
THR HG1  H N N 434 
THR HG21 H N N 435 
THR HG22 H N N 436 
THR HG23 H N N 437 
THR HXT  H N N 438 
TRP N    N N N 439 
TRP CA   C N S 440 
TRP C    C N N 441 
TRP O    O N N 442 
TRP CB   C N N 443 
TRP CG   C Y N 444 
TRP CD1  C Y N 445 
TRP CD2  C Y N 446 
TRP NE1  N Y N 447 
TRP CE2  C Y N 448 
TRP CE3  C Y N 449 
TRP CZ2  C Y N 450 
TRP CZ3  C Y N 451 
TRP CH2  C Y N 452 
TRP OXT  O N N 453 
TRP H    H N N 454 
TRP H2   H N N 455 
TRP HA   H N N 456 
TRP HB2  H N N 457 
TRP HB3  H N N 458 
TRP HD1  H N N 459 
TRP HE1  H N N 460 
TRP HE3  H N N 461 
TRP HZ2  H N N 462 
TRP HZ3  H N N 463 
TRP HH2  H N N 464 
TRP HXT  H N N 465 
TYR N    N N N 466 
TYR CA   C N S 467 
TYR C    C N N 468 
TYR O    O N N 469 
TYR CB   C N N 470 
TYR CG   C Y N 471 
TYR CD1  C Y N 472 
TYR CD2  C Y N 473 
TYR CE1  C Y N 474 
TYR CE2  C Y N 475 
TYR CZ   C Y N 476 
TYR OH   O N N 477 
TYR OXT  O N N 478 
TYR H    H N N 479 
TYR H2   H N N 480 
TYR HA   H N N 481 
TYR HB2  H N N 482 
TYR HB3  H N N 483 
TYR HD1  H N N 484 
TYR HD2  H N N 485 
TYR HE1  H N N 486 
TYR HE2  H N N 487 
TYR HH   H N N 488 
TYR HXT  H N N 489 
VAL N    N N N 490 
VAL CA   C N S 491 
VAL C    C N N 492 
VAL O    O N N 493 
VAL CB   C N N 494 
VAL CG1  C N N 495 
VAL CG2  C N N 496 
VAL OXT  O N N 497 
VAL H    H N N 498 
VAL H2   H N N 499 
VAL HA   H N N 500 
VAL HB   H N N 501 
VAL HG11 H N N 502 
VAL HG12 H N N 503 
VAL HG13 H N N 504 
VAL HG21 H N N 505 
VAL HG22 H N N 506 
VAL HG23 H N N 507 
VAL HXT  H N N 508 
# 
loop_
_chem_comp_bond.comp_id 
_chem_comp_bond.atom_id_1 
_chem_comp_bond.atom_id_2 
_chem_comp_bond.value_order 
_chem_comp_bond.pdbx_aromatic_flag 
_chem_comp_bond.pdbx_stereo_config 
_chem_comp_bond.pdbx_ordinal 
ALA N   CA   sing N N 1   
ALA N   H    sing N N 2   
ALA N   H2   sing N N 3   
ALA CA  C    sing N N 4   
ALA CA  CB   sing N N 5   
ALA CA  HA   sing N N 6   
ALA C   O    doub N N 7   
ALA C   OXT  sing N N 8   
ALA CB  HB1  sing N N 9   
ALA CB  HB2  sing N N 10  
ALA CB  HB3  sing N N 11  
ALA OXT HXT  sing N N 12  
ARG N   CA   sing N N 13  
ARG N   H    sing N N 14  
ARG N   H2   sing N N 15  
ARG CA  C    sing N N 16  
ARG CA  CB   sing N N 17  
ARG CA  HA   sing N N 18  
ARG C   O    doub N N 19  
ARG C   OXT  sing N N 20  
ARG CB  CG   sing N N 21  
ARG CB  HB2  sing N N 22  
ARG CB  HB3  sing N N 23  
ARG CG  CD   sing N N 24  
ARG CG  HG2  sing N N 25  
ARG CG  HG3  sing N N 26  
ARG CD  NE   sing N N 27  
ARG CD  HD2  sing N N 28  
ARG CD  HD3  sing N N 29  
ARG NE  CZ   sing N N 30  
ARG NE  HE   sing N N 31  
ARG CZ  NH1  sing N N 32  
ARG CZ  NH2  doub N N 33  
ARG NH1 HH11 sing N N 34  
ARG NH1 HH12 sing N N 35  
ARG NH2 HH21 sing N N 36  
ARG NH2 HH22 sing N N 37  
ARG OXT HXT  sing N N 38  
ASN N   CA   sing N N 39  
ASN N   H    sing N N 40  
ASN N   H2   sing N N 41  
ASN CA  C    sing N N 42  
ASN CA  CB   sing N N 43  
ASN CA  HA   sing N N 44  
ASN C   O    doub N N 45  
ASN C   OXT  sing N N 46  
ASN CB  CG   sing N N 47  
ASN CB  HB2  sing N N 48  
ASN CB  HB3  sing N N 49  
ASN CG  OD1  doub N N 50  
ASN CG  ND2  sing N N 51  
ASN ND2 HD21 sing N N 52  
ASN ND2 HD22 sing N N 53  
ASN OXT HXT  sing N N 54  
ASP N   CA   sing N N 55  
ASP N   H    sing N N 56  
ASP N   H2   sing N N 57  
ASP CA  C    sing N N 58  
ASP CA  CB   sing N N 59  
ASP CA  HA   sing N N 60  
ASP C   O    doub N N 61  
ASP C   OXT  sing N N 62  
ASP CB  CG   sing N N 63  
ASP CB  HB2  sing N N 64  
ASP CB  HB3  sing N N 65  
ASP CG  OD1  doub N N 66  
ASP CG  OD2  sing N N 67  
ASP OD2 HD2  sing N N 68  
ASP OXT HXT  sing N N 69  
CYS N   CA   sing N N 70  
CYS N   H    sing N N 71  
CYS N   H2   sing N N 72  
CYS CA  C    sing N N 73  
CYS CA  CB   sing N N 74  
CYS CA  HA   sing N N 75  
CYS C   O    doub N N 76  
CYS C   OXT  sing N N 77  
CYS CB  SG   sing N N 78  
CYS CB  HB2  sing N N 79  
CYS CB  HB3  sing N N 80  
CYS SG  HG   sing N N 81  
CYS OXT HXT  sing N N 82  
GLN N   CA   sing N N 83  
GLN N   H    sing N N 84  
GLN N   H2   sing N N 85  
GLN CA  C    sing N N 86  
GLN CA  CB   sing N N 87  
GLN CA  HA   sing N N 88  
GLN C   O    doub N N 89  
GLN C   OXT  sing N N 90  
GLN CB  CG   sing N N 91  
GLN CB  HB2  sing N N 92  
GLN CB  HB3  sing N N 93  
GLN CG  CD   sing N N 94  
GLN CG  HG2  sing N N 95  
GLN CG  HG3  sing N N 96  
GLN CD  OE1  doub N N 97  
GLN CD  NE2  sing N N 98  
GLN NE2 HE21 sing N N 99  
GLN NE2 HE22 sing N N 100 
GLN OXT HXT  sing N N 101 
GLU N   CA   sing N N 102 
GLU N   H    sing N N 103 
GLU N   H2   sing N N 104 
GLU CA  C    sing N N 105 
GLU CA  CB   sing N N 106 
GLU CA  HA   sing N N 107 
GLU C   O    doub N N 108 
GLU C   OXT  sing N N 109 
GLU CB  CG   sing N N 110 
GLU CB  HB2  sing N N 111 
GLU CB  HB3  sing N N 112 
GLU CG  CD   sing N N 113 
GLU CG  HG2  sing N N 114 
GLU CG  HG3  sing N N 115 
GLU CD  OE1  doub N N 116 
GLU CD  OE2  sing N N 117 
GLU OE2 HE2  sing N N 118 
GLU OXT HXT  sing N N 119 
GLY N   CA   sing N N 120 
GLY N   H    sing N N 121 
GLY N   H2   sing N N 122 
GLY CA  C    sing N N 123 
GLY CA  HA2  sing N N 124 
GLY CA  HA3  sing N N 125 
GLY C   O    doub N N 126 
GLY C   OXT  sing N N 127 
GLY OXT HXT  sing N N 128 
HIS N   CA   sing N N 129 
HIS N   H    sing N N 130 
HIS N   H2   sing N N 131 
HIS CA  C    sing N N 132 
HIS CA  CB   sing N N 133 
HIS CA  HA   sing N N 134 
HIS C   O    doub N N 135 
HIS C   OXT  sing N N 136 
HIS CB  CG   sing N N 137 
HIS CB  HB2  sing N N 138 
HIS CB  HB3  sing N N 139 
HIS CG  ND1  sing Y N 140 
HIS CG  CD2  doub Y N 141 
HIS ND1 CE1  doub Y N 142 
HIS ND1 HD1  sing N N 143 
HIS CD2 NE2  sing Y N 144 
HIS CD2 HD2  sing N N 145 
HIS CE1 NE2  sing Y N 146 
HIS CE1 HE1  sing N N 147 
HIS NE2 HE2  sing N N 148 
HIS OXT HXT  sing N N 149 
HOH O   H1   sing N N 150 
HOH O   H2   sing N N 151 
ILE N   CA   sing N N 152 
ILE N   H    sing N N 153 
ILE N   H2   sing N N 154 
ILE CA  C    sing N N 155 
ILE CA  CB   sing N N 156 
ILE CA  HA   sing N N 157 
ILE C   O    doub N N 158 
ILE C   OXT  sing N N 159 
ILE CB  CG1  sing N N 160 
ILE CB  CG2  sing N N 161 
ILE CB  HB   sing N N 162 
ILE CG1 CD1  sing N N 163 
ILE CG1 HG12 sing N N 164 
ILE CG1 HG13 sing N N 165 
ILE CG2 HG21 sing N N 166 
ILE CG2 HG22 sing N N 167 
ILE CG2 HG23 sing N N 168 
ILE CD1 HD11 sing N N 169 
ILE CD1 HD12 sing N N 170 
ILE CD1 HD13 sing N N 171 
ILE OXT HXT  sing N N 172 
LEU N   CA   sing N N 173 
LEU N   H    sing N N 174 
LEU N   H2   sing N N 175 
LEU CA  C    sing N N 176 
LEU CA  CB   sing N N 177 
LEU CA  HA   sing N N 178 
LEU C   O    doub N N 179 
LEU C   OXT  sing N N 180 
LEU CB  CG   sing N N 181 
LEU CB  HB2  sing N N 182 
LEU CB  HB3  sing N N 183 
LEU CG  CD1  sing N N 184 
LEU CG  CD2  sing N N 185 
LEU CG  HG   sing N N 186 
LEU CD1 HD11 sing N N 187 
LEU CD1 HD12 sing N N 188 
LEU CD1 HD13 sing N N 189 
LEU CD2 HD21 sing N N 190 
LEU CD2 HD22 sing N N 191 
LEU CD2 HD23 sing N N 192 
LEU OXT HXT  sing N N 193 
LYS N   CA   sing N N 194 
LYS N   H    sing N N 195 
LYS N   H2   sing N N 196 
LYS CA  C    sing N N 197 
LYS CA  CB   sing N N 198 
LYS CA  HA   sing N N 199 
LYS C   O    doub N N 200 
LYS C   OXT  sing N N 201 
LYS CB  CG   sing N N 202 
LYS CB  HB2  sing N N 203 
LYS CB  HB3  sing N N 204 
LYS CG  CD   sing N N 205 
LYS CG  HG2  sing N N 206 
LYS CG  HG3  sing N N 207 
LYS CD  CE   sing N N 208 
LYS CD  HD2  sing N N 209 
LYS CD  HD3  sing N N 210 
LYS CE  NZ   sing N N 211 
LYS CE  HE2  sing N N 212 
LYS CE  HE3  sing N N 213 
LYS NZ  HZ1  sing N N 214 
LYS NZ  HZ2  sing N N 215 
LYS NZ  HZ3  sing N N 216 
LYS OXT HXT  sing N N 217 
MET N   CA   sing N N 218 
MET N   H    sing N N 219 
MET N   H2   sing N N 220 
MET CA  C    sing N N 221 
MET CA  CB   sing N N 222 
MET CA  HA   sing N N 223 
MET C   O    doub N N 224 
MET C   OXT  sing N N 225 
MET CB  CG   sing N N 226 
MET CB  HB2  sing N N 227 
MET CB  HB3  sing N N 228 
MET CG  SD   sing N N 229 
MET CG  HG2  sing N N 230 
MET CG  HG3  sing N N 231 
MET SD  CE   sing N N 232 
MET CE  HE1  sing N N 233 
MET CE  HE2  sing N N 234 
MET CE  HE3  sing N N 235 
MET OXT HXT  sing N N 236 
PEG C1  O1   sing N N 237 
PEG C1  C2   sing N N 238 
PEG C1  H11  sing N N 239 
PEG C1  H12  sing N N 240 
PEG O1  HO1  sing N N 241 
PEG C2  O2   sing N N 242 
PEG C2  H21  sing N N 243 
PEG C2  H22  sing N N 244 
PEG O2  C3   sing N N 245 
PEG C3  C4   sing N N 246 
PEG C3  H31  sing N N 247 
PEG C3  H32  sing N N 248 
PEG C4  O4   sing N N 249 
PEG C4  H41  sing N N 250 
PEG C4  H42  sing N N 251 
PEG O4  HO4  sing N N 252 
PHE N   CA   sing N N 253 
PHE N   H    sing N N 254 
PHE N   H2   sing N N 255 
PHE CA  C    sing N N 256 
PHE CA  CB   sing N N 257 
PHE CA  HA   sing N N 258 
PHE C   O    doub N N 259 
PHE C   OXT  sing N N 260 
PHE CB  CG   sing N N 261 
PHE CB  HB2  sing N N 262 
PHE CB  HB3  sing N N 263 
PHE CG  CD1  doub Y N 264 
PHE CG  CD2  sing Y N 265 
PHE CD1 CE1  sing Y N 266 
PHE CD1 HD1  sing N N 267 
PHE CD2 CE2  doub Y N 268 
PHE CD2 HD2  sing N N 269 
PHE CE1 CZ   doub Y N 270 
PHE CE1 HE1  sing N N 271 
PHE CE2 CZ   sing Y N 272 
PHE CE2 HE2  sing N N 273 
PHE CZ  HZ   sing N N 274 
PHE OXT HXT  sing N N 275 
PIO C1  O1   sing N N 276 
PIO C1  C2   sing N N 277 
PIO C1  C6   sing N N 278 
PIO C1  H1   sing N N 279 
PIO O1  P1   sing N N 280 
PIO P1  O11  sing N N 281 
PIO O11 H11  sing N N 282 
PIO P1  O12  doub N N 283 
PIO P1  O13  sing N N 284 
PIO C2  O2   sing N N 285 
PIO C2  C3   sing N N 286 
PIO C2  H2   sing N N 287 
PIO O2  HO2  sing N N 288 
PIO C3  O3   sing N N 289 
PIO C3  C4   sing N N 290 
PIO C3  H3   sing N N 291 
PIO O3  HO3  sing N N 292 
PIO C4  O4   sing N N 293 
PIO C4  C5   sing N N 294 
PIO C4  H4   sing N N 295 
PIO O4  P4   sing N N 296 
PIO P4  O41  sing N N 297 
PIO O41 H41  sing N N 298 
PIO P4  O42  doub N N 299 
PIO P4  O43  sing N N 300 
PIO O43 H43  sing N N 301 
PIO C5  O5   sing N N 302 
PIO C5  C6   sing N N 303 
PIO C5  H5   sing N N 304 
PIO O5  P5   sing N N 305 
PIO P5  O51  sing N N 306 
PIO O51 H51  sing N N 307 
PIO P5  O52  sing N N 308 
PIO O52 H52  sing N N 309 
PIO P5  O53  doub N N 310 
PIO C6  O6   sing N N 311 
PIO C6  H6   sing N N 312 
PIO O6  HO6  sing N N 313 
PIO O13 C1C  sing N N 314 
PIO C1A O1A  doub N N 315 
PIO C1A C2A  sing N N 316 
PIO C1A O2C  sing N N 317 
PIO C1B O1B  doub N N 318 
PIO C1B C2B  sing N N 319 
PIO C1B O3C  sing N N 320 
PIO C1C C2C  sing N N 321 
PIO C1C H1C  sing N N 322 
PIO C1C H1CA sing N N 323 
PIO C2A C3A  sing N N 324 
PIO C2A H2A  sing N N 325 
PIO C2A H2AA sing N N 326 
PIO C2B C3B  sing N N 327 
PIO C2B H2B  sing N N 328 
PIO C2B H2BA sing N N 329 
PIO C2C O2C  sing N N 330 
PIO C2C C3C  sing N N 331 
PIO C2C H2C  sing N N 332 
PIO C3A C4A  sing N N 333 
PIO C3A H3A  sing N N 334 
PIO C3A H3AA sing N N 335 
PIO C3B C4B  sing N N 336 
PIO C3B H3B  sing N N 337 
PIO C3B H3BA sing N N 338 
PIO C3C O3C  sing N N 339 
PIO C3C H3C  sing N N 340 
PIO C3C H3CA sing N N 341 
PIO C4A C5A  sing N N 342 
PIO C4A H4A  sing N N 343 
PIO C4A H4AA sing N N 344 
PIO C4B C5B  sing N N 345 
PIO C4B H4B  sing N N 346 
PIO C4B H4BA sing N N 347 
PIO C5A C6A  sing N N 348 
PIO C5A H5A  sing N N 349 
PIO C5A H5AA sing N N 350 
PIO C5B C6B  sing N N 351 
PIO C5B H5B  sing N N 352 
PIO C5B H5BA sing N N 353 
PIO C6A C7A  sing N N 354 
PIO C6A H6A  sing N N 355 
PIO C6A H6AA sing N N 356 
PIO C6B C7B  sing N N 357 
PIO C6B H6B  sing N N 358 
PIO C6B H6BA sing N N 359 
PIO C7A C8A  sing N N 360 
PIO C7A H7A  sing N N 361 
PIO C7A H7AA sing N N 362 
PIO C7B C8B  sing N N 363 
PIO C7B H7B  sing N N 364 
PIO C7B H7BA sing N N 365 
PIO C8A H8A  sing N N 366 
PIO C8A H8AA sing N N 367 
PIO C8A H8AB sing N N 368 
PIO C8B H8B  sing N N 369 
PIO C8B H8BA sing N N 370 
PIO C8B H8BB sing N N 371 
PO4 P   O1   doub N N 372 
PO4 P   O2   sing N N 373 
PO4 P   O3   sing N N 374 
PO4 P   O4   sing N N 375 
PRO N   CA   sing N N 376 
PRO N   CD   sing N N 377 
PRO N   H    sing N N 378 
PRO CA  C    sing N N 379 
PRO CA  CB   sing N N 380 
PRO CA  HA   sing N N 381 
PRO C   O    doub N N 382 
PRO C   OXT  sing N N 383 
PRO CB  CG   sing N N 384 
PRO CB  HB2  sing N N 385 
PRO CB  HB3  sing N N 386 
PRO CG  CD   sing N N 387 
PRO CG  HG2  sing N N 388 
PRO CG  HG3  sing N N 389 
PRO CD  HD2  sing N N 390 
PRO CD  HD3  sing N N 391 
PRO OXT HXT  sing N N 392 
SER N   CA   sing N N 393 
SER N   H    sing N N 394 
SER N   H2   sing N N 395 
SER CA  C    sing N N 396 
SER CA  CB   sing N N 397 
SER CA  HA   sing N N 398 
SER C   O    doub N N 399 
SER C   OXT  sing N N 400 
SER CB  OG   sing N N 401 
SER CB  HB2  sing N N 402 
SER CB  HB3  sing N N 403 
SER OG  HG   sing N N 404 
SER OXT HXT  sing N N 405 
THR N   CA   sing N N 406 
THR N   H    sing N N 407 
THR N   H2   sing N N 408 
THR CA  C    sing N N 409 
THR CA  CB   sing N N 410 
THR CA  HA   sing N N 411 
THR C   O    doub N N 412 
THR C   OXT  sing N N 413 
THR CB  OG1  sing N N 414 
THR CB  CG2  sing N N 415 
THR CB  HB   sing N N 416 
THR OG1 HG1  sing N N 417 
THR CG2 HG21 sing N N 418 
THR CG2 HG22 sing N N 419 
THR CG2 HG23 sing N N 420 
THR OXT HXT  sing N N 421 
TRP N   CA   sing N N 422 
TRP N   H    sing N N 423 
TRP N   H2   sing N N 424 
TRP CA  C    sing N N 425 
TRP CA  CB   sing N N 426 
TRP CA  HA   sing N N 427 
TRP C   O    doub N N 428 
TRP C   OXT  sing N N 429 
TRP CB  CG   sing N N 430 
TRP CB  HB2  sing N N 431 
TRP CB  HB3  sing N N 432 
TRP CG  CD1  doub Y N 433 
TRP CG  CD2  sing Y N 434 
TRP CD1 NE1  sing Y N 435 
TRP CD1 HD1  sing N N 436 
TRP CD2 CE2  doub Y N 437 
TRP CD2 CE3  sing Y N 438 
TRP NE1 CE2  sing Y N 439 
TRP NE1 HE1  sing N N 440 
TRP CE2 CZ2  sing Y N 441 
TRP CE3 CZ3  doub Y N 442 
TRP CE3 HE3  sing N N 443 
TRP CZ2 CH2  doub Y N 444 
TRP CZ2 HZ2  sing N N 445 
TRP CZ3 CH2  sing Y N 446 
TRP CZ3 HZ3  sing N N 447 
TRP CH2 HH2  sing N N 448 
TRP OXT HXT  sing N N 449 
TYR N   CA   sing N N 450 
TYR N   H    sing N N 451 
TYR N   H2   sing N N 452 
TYR CA  C    sing N N 453 
TYR CA  CB   sing N N 454 
TYR CA  HA   sing N N 455 
TYR C   O    doub N N 456 
TYR C   OXT  sing N N 457 
TYR CB  CG   sing N N 458 
TYR CB  HB2  sing N N 459 
TYR CB  HB3  sing N N 460 
TYR CG  CD1  doub Y N 461 
TYR CG  CD2  sing Y N 462 
TYR CD1 CE1  sing Y N 463 
TYR CD1 HD1  sing N N 464 
TYR CD2 CE2  doub Y N 465 
TYR CD2 HD2  sing N N 466 
TYR CE1 CZ   doub Y N 467 
TYR CE1 HE1  sing N N 468 
TYR CE2 CZ   sing Y N 469 
TYR CE2 HE2  sing N N 470 
TYR CZ  OH   sing N N 471 
TYR OH  HH   sing N N 472 
TYR OXT HXT  sing N N 473 
VAL N   CA   sing N N 474 
VAL N   H    sing N N 475 
VAL N   H2   sing N N 476 
VAL CA  C    sing N N 477 
VAL CA  CB   sing N N 478 
VAL CA  HA   sing N N 479 
VAL C   O    doub N N 480 
VAL C   OXT  sing N N 481 
VAL CB  CG1  sing N N 482 
VAL CB  CG2  sing N N 483 
VAL CB  HB   sing N N 484 
VAL CG1 HG11 sing N N 485 
VAL CG1 HG12 sing N N 486 
VAL CG1 HG13 sing N N 487 
VAL CG2 HG21 sing N N 488 
VAL CG2 HG22 sing N N 489 
VAL CG2 HG23 sing N N 490 
VAL OXT HXT  sing N N 491 
# 
loop_
_pdbx_entity_nonpoly.entity_id 
_pdbx_entity_nonpoly.name 
_pdbx_entity_nonpoly.comp_id 
2 'DI(HYDROXYETHYL)ETHER' PEG 
3 
;[(2R)-2-octanoyloxy-3-[oxidanyl-[(1R,2R,3S,4R,5R,6S)-2,3,6-tris(oxidanyl)-4,5-diphosphonooxy-cyclohexyl]oxy-phosphoryl]oxy-propyl] octanoate
;
PIO 
4 'PHOSPHATE ION' PO4 
5 water HOH 
# 
_pdbx_initial_refinement_model.id               1 
_pdbx_initial_refinement_model.entity_id_list   ? 
_pdbx_initial_refinement_model.type             'experimental model' 
_pdbx_initial_refinement_model.source_name      PDB 
_pdbx_initial_refinement_model.accession_code   3MYI 
_pdbx_initial_refinement_model.details          ? 
# 
